data_2DFX
# 
_entry.id   2DFX 
# 
_audit_conform.dict_name       mmcif_pdbx.dic 
_audit_conform.dict_version    5.403 
_audit_conform.dict_location   http://mmcif.pdb.org/dictionaries/ascii/mmcif_pdbx.dic 
# 
loop_
_database_2.database_id 
_database_2.database_code 
_database_2.pdbx_database_accession 
_database_2.pdbx_DOI 
PDB   2DFX         pdb_00002dfx 10.2210/pdb2dfx/pdb 
RCSB  RCSB025370   ?            ?                   
WWPDB D_1000025370 ?            ?                   
# 
loop_
_pdbx_audit_revision_history.ordinal 
_pdbx_audit_revision_history.data_content_type 
_pdbx_audit_revision_history.major_revision 
_pdbx_audit_revision_history.minor_revision 
_pdbx_audit_revision_history.revision_date 
_pdbx_audit_revision_history.part_number 
1 'Structure model' 1 0 2007-01-23 ? 
2 'Structure model' 1 1 2008-04-30 ? 
3 'Structure model' 1 2 2011-07-13 ? 
4 'Structure model' 1 3 2024-03-13 ? 
5 'Structure model' 1 4 2025-04-30 ? 
# 
_pdbx_audit_revision_details.ordinal             1 
_pdbx_audit_revision_details.revision_ordinal    1 
_pdbx_audit_revision_details.data_content_type   'Structure model' 
_pdbx_audit_revision_details.provider            repository 
_pdbx_audit_revision_details.type                'Initial release' 
_pdbx_audit_revision_details.description         ? 
_pdbx_audit_revision_details.details             ? 
# 
loop_
_pdbx_audit_revision_group.ordinal 
_pdbx_audit_revision_group.revision_ordinal 
_pdbx_audit_revision_group.data_content_type 
_pdbx_audit_revision_group.group 
1 2 'Structure model' 'Version format compliance' 
2 3 'Structure model' 'Version format compliance' 
3 4 'Structure model' 'Data collection'           
4 4 'Structure model' 'Database references'       
5 5 'Structure model' 'Structure summary'         
# 
loop_
_pdbx_audit_revision_category.ordinal 
_pdbx_audit_revision_category.revision_ordinal 
_pdbx_audit_revision_category.data_content_type 
_pdbx_audit_revision_category.category 
1 4 'Structure model' chem_comp_atom     
2 4 'Structure model' chem_comp_bond     
3 4 'Structure model' database_2         
4 5 'Structure model' pdbx_entry_details 
# 
loop_
_pdbx_audit_revision_item.ordinal 
_pdbx_audit_revision_item.revision_ordinal 
_pdbx_audit_revision_item.data_content_type 
_pdbx_audit_revision_item.item 
1 4 'Structure model' '_database_2.pdbx_DOI'                
2 4 'Structure model' '_database_2.pdbx_database_accession' 
# 
_pdbx_database_status.status_code                     REL 
_pdbx_database_status.entry_id                        2DFX 
_pdbx_database_status.recvd_initial_deposition_date   2006-03-06 
_pdbx_database_status.deposit_site                    PDBJ 
_pdbx_database_status.process_site                    PDBJ 
_pdbx_database_status.status_code_sf                  REL 
_pdbx_database_status.status_code_mr                  ? 
_pdbx_database_status.SG_entry                        ? 
_pdbx_database_status.pdb_format_compatible           Y 
_pdbx_database_status.status_code_cs                  ? 
_pdbx_database_status.status_code_nmr_data            ? 
_pdbx_database_status.methods_development_category    ? 
# 
_pdbx_database_related.db_name        PDB 
_pdbx_database_related.db_id          2DJH 
_pdbx_database_related.details        'The same protein without inhibitor' 
_pdbx_database_related.content_type   unspecified 
# 
loop_
_audit_author.name 
_audit_author.pdbx_ordinal 
'Yajima, S.' 1 
'Inoue, S.'  2 
'Ogawa, T.'  3 
'Nonaka, T.' 4 
'Ohsawa, K.' 5 
'Masaki, H.' 6 
# 
_citation.id                        primary 
_citation.title                     
'Structural basis for sequence-dependent recognition of colicin E5 tRNase by mimicking the mRNA-tRNA interaction' 
_citation.journal_abbrev            'Nucleic Acids Res.' 
_citation.journal_volume            34 
_citation.page_first                6074 
_citation.page_last                 6082 
_citation.year                      2006 
_citation.journal_id_ASTM           NARHAD 
_citation.country                   UK 
_citation.journal_id_ISSN           0305-1048 
_citation.journal_id_CSD            0389 
_citation.book_publisher            ? 
_citation.pdbx_database_id_PubMed   17099236 
_citation.pdbx_database_id_DOI      10.1093/nar/gkl729 
# 
loop_
_citation_author.citation_id 
_citation_author.name 
_citation_author.ordinal 
_citation_author.identifier_ORCID 
primary 'Yajima, S.' 1 ? 
primary 'Inoue, S.'  2 ? 
primary 'Ogawa, T.'  3 ? 
primary 'Nonaka, T.' 4 ? 
primary 'Ohsawa, K.' 5 ? 
primary 'Masaki, H.' 6 ? 
# 
loop_
_entity.id 
_entity.type 
_entity.src_method 
_entity.pdbx_description 
_entity.formula_weight 
_entity.pdbx_number_of_molecules 
_entity.pdbx_ec 
_entity.pdbx_mutation 
_entity.pdbx_fragment 
_entity.details 
1 polymer man Colicin-E5                    12723.011 1   3.1.-.- ? 'C-terminal domain, residues 2-116' ? 
2 polymer man 'Colicin-E5 immunity protein' 11957.568 1   ?       ? ?                                   ? 
3 water   nat water                         18.015    102 ?       ? ?                                   ? 
# 
loop_
_entity_name_com.entity_id 
_entity_name_com.name 
1 Fragment                              
2 'ImmE5, Microcin-E5 immunity protein' 
# 
loop_
_entity_poly.entity_id 
_entity_poly.type 
_entity_poly.nstd_linkage 
_entity_poly.nstd_monomer 
_entity_poly.pdbx_seq_one_letter_code 
_entity_poly.pdbx_seq_one_letter_code_can 
_entity_poly.pdbx_strand_id 
_entity_poly.pdbx_target_identifier 
1 'polypeptide(L)' no no 
;AEGKLNDELAKNKGKIPGLKIDQKIRGQMPERGWTEDDIKNTVSNGATGTSFDKRSPKKTPPDYLGRNDPATVYGSPGKY
VVVNDRTGEVTQISDKTDPGWVDDSRIQWGNKNDQ
;
;AEGKLNDELAKNKGKIPGLKIDQKIRGQMPERGWTEDDIKNTVSNGATGTSFDKRSPKKTPPDYLGRNDPATVYGSPGKY
VVVNDRTGEVTQISDKTDPGWVDDSRIQWGNKNDQ
;
E ? 
2 'polypeptide(L)' no no 
;KLFEHTVLYDSGDAFFELKGNASMKLSPKAAIEVCNEAAKKGLWILGIDGGHWLNPGFRIDSSASWTYDMPEEYKSKIPE
NNRLAIENIKDDIENGYTAFIITLKM
;
;KLFEHTVLYDSGDAFFELKGNASMKLSPKAAIEVCNEAAKKGLWILGIDGGHWLNPGFRIDSSASWTYDMPEEYKSKIPE
NNRLAIENIKDDIENGYTAFIITLKM
;
I ? 
# 
_pdbx_entity_nonpoly.entity_id   3 
_pdbx_entity_nonpoly.name        water 
_pdbx_entity_nonpoly.comp_id     HOH 
# 
loop_
_entity_poly_seq.entity_id 
_entity_poly_seq.num 
_entity_poly_seq.mon_id 
_entity_poly_seq.hetero 
1 1   ALA n 
1 2   GLU n 
1 3   GLY n 
1 4   LYS n 
1 5   LEU n 
1 6   ASN n 
1 7   ASP n 
1 8   GLU n 
1 9   LEU n 
1 10  ALA n 
1 11  LYS n 
1 12  ASN n 
1 13  LYS n 
1 14  GLY n 
1 15  LYS n 
1 16  ILE n 
1 17  PRO n 
1 18  GLY n 
1 19  LEU n 
1 20  LYS n 
1 21  ILE n 
1 22  ASP n 
1 23  GLN n 
1 24  LYS n 
1 25  ILE n 
1 26  ARG n 
1 27  GLY n 
1 28  GLN n 
1 29  MET n 
1 30  PRO n 
1 31  GLU n 
1 32  ARG n 
1 33  GLY n 
1 34  TRP n 
1 35  THR n 
1 36  GLU n 
1 37  ASP n 
1 38  ASP n 
1 39  ILE n 
1 40  LYS n 
1 41  ASN n 
1 42  THR n 
1 43  VAL n 
1 44  SER n 
1 45  ASN n 
1 46  GLY n 
1 47  ALA n 
1 48  THR n 
1 49  GLY n 
1 50  THR n 
1 51  SER n 
1 52  PHE n 
1 53  ASP n 
1 54  LYS n 
1 55  ARG n 
1 56  SER n 
1 57  PRO n 
1 58  LYS n 
1 59  LYS n 
1 60  THR n 
1 61  PRO n 
1 62  PRO n 
1 63  ASP n 
1 64  TYR n 
1 65  LEU n 
1 66  GLY n 
1 67  ARG n 
1 68  ASN n 
1 69  ASP n 
1 70  PRO n 
1 71  ALA n 
1 72  THR n 
1 73  VAL n 
1 74  TYR n 
1 75  GLY n 
1 76  SER n 
1 77  PRO n 
1 78  GLY n 
1 79  LYS n 
1 80  TYR n 
1 81  VAL n 
1 82  VAL n 
1 83  VAL n 
1 84  ASN n 
1 85  ASP n 
1 86  ARG n 
1 87  THR n 
1 88  GLY n 
1 89  GLU n 
1 90  VAL n 
1 91  THR n 
1 92  GLN n 
1 93  ILE n 
1 94  SER n 
1 95  ASP n 
1 96  LYS n 
1 97  THR n 
1 98  ASP n 
1 99  PRO n 
1 100 GLY n 
1 101 TRP n 
1 102 VAL n 
1 103 ASP n 
1 104 ASP n 
1 105 SER n 
1 106 ARG n 
1 107 ILE n 
1 108 GLN n 
1 109 TRP n 
1 110 GLY n 
1 111 ASN n 
1 112 LYS n 
1 113 ASN n 
1 114 ASP n 
1 115 GLN n 
2 1   LYS n 
2 2   LEU n 
2 3   PHE n 
2 4   GLU n 
2 5   HIS n 
2 6   THR n 
2 7   VAL n 
2 8   LEU n 
2 9   TYR n 
2 10  ASP n 
2 11  SER n 
2 12  GLY n 
2 13  ASP n 
2 14  ALA n 
2 15  PHE n 
2 16  PHE n 
2 17  GLU n 
2 18  LEU n 
2 19  LYS n 
2 20  GLY n 
2 21  ASN n 
2 22  ALA n 
2 23  SER n 
2 24  MET n 
2 25  LYS n 
2 26  LEU n 
2 27  SER n 
2 28  PRO n 
2 29  LYS n 
2 30  ALA n 
2 31  ALA n 
2 32  ILE n 
2 33  GLU n 
2 34  VAL n 
2 35  CYS n 
2 36  ASN n 
2 37  GLU n 
2 38  ALA n 
2 39  ALA n 
2 40  LYS n 
2 41  LYS n 
2 42  GLY n 
2 43  LEU n 
2 44  TRP n 
2 45  ILE n 
2 46  LEU n 
2 47  GLY n 
2 48  ILE n 
2 49  ASP n 
2 50  GLY n 
2 51  GLY n 
2 52  HIS n 
2 53  TRP n 
2 54  LEU n 
2 55  ASN n 
2 56  PRO n 
2 57  GLY n 
2 58  PHE n 
2 59  ARG n 
2 60  ILE n 
2 61  ASP n 
2 62  SER n 
2 63  SER n 
2 64  ALA n 
2 65  SER n 
2 66  TRP n 
2 67  THR n 
2 68  TYR n 
2 69  ASP n 
2 70  MET n 
2 71  PRO n 
2 72  GLU n 
2 73  GLU n 
2 74  TYR n 
2 75  LYS n 
2 76  SER n 
2 77  LYS n 
2 78  ILE n 
2 79  PRO n 
2 80  GLU n 
2 81  ASN n 
2 82  ASN n 
2 83  ARG n 
2 84  LEU n 
2 85  ALA n 
2 86  ILE n 
2 87  GLU n 
2 88  ASN n 
2 89  ILE n 
2 90  LYS n 
2 91  ASP n 
2 92  ASP n 
2 93  ILE n 
2 94  GLU n 
2 95  ASN n 
2 96  GLY n 
2 97  TYR n 
2 98  THR n 
2 99  ALA n 
2 100 PHE n 
2 101 ILE n 
2 102 ILE n 
2 103 THR n 
2 104 LEU n 
2 105 LYS n 
2 106 MET n 
# 
loop_
_entity_src_gen.entity_id 
_entity_src_gen.pdbx_src_id 
_entity_src_gen.pdbx_alt_source_flag 
_entity_src_gen.pdbx_seq_type 
_entity_src_gen.pdbx_beg_seq_num 
_entity_src_gen.pdbx_end_seq_num 
_entity_src_gen.gene_src_common_name 
_entity_src_gen.gene_src_genus 
_entity_src_gen.pdbx_gene_src_gene 
_entity_src_gen.gene_src_species 
_entity_src_gen.gene_src_strain 
_entity_src_gen.gene_src_tissue 
_entity_src_gen.gene_src_tissue_fraction 
_entity_src_gen.gene_src_details 
_entity_src_gen.pdbx_gene_src_fragment 
_entity_src_gen.pdbx_gene_src_scientific_name 
_entity_src_gen.pdbx_gene_src_ncbi_taxonomy_id 
_entity_src_gen.pdbx_gene_src_variant 
_entity_src_gen.pdbx_gene_src_cell_line 
_entity_src_gen.pdbx_gene_src_atcc 
_entity_src_gen.pdbx_gene_src_organ 
_entity_src_gen.pdbx_gene_src_organelle 
_entity_src_gen.pdbx_gene_src_cell 
_entity_src_gen.pdbx_gene_src_cellular_location 
_entity_src_gen.host_org_common_name 
_entity_src_gen.pdbx_host_org_scientific_name 
_entity_src_gen.pdbx_host_org_ncbi_taxonomy_id 
_entity_src_gen.host_org_genus 
_entity_src_gen.pdbx_host_org_gene 
_entity_src_gen.pdbx_host_org_organ 
_entity_src_gen.host_org_species 
_entity_src_gen.pdbx_host_org_tissue 
_entity_src_gen.pdbx_host_org_tissue_fraction 
_entity_src_gen.pdbx_host_org_strain 
_entity_src_gen.pdbx_host_org_variant 
_entity_src_gen.pdbx_host_org_cell_line 
_entity_src_gen.pdbx_host_org_atcc 
_entity_src_gen.pdbx_host_org_culture_collection 
_entity_src_gen.pdbx_host_org_cell 
_entity_src_gen.pdbx_host_org_organelle 
_entity_src_gen.pdbx_host_org_cellular_location 
_entity_src_gen.pdbx_host_org_vector_type 
_entity_src_gen.pdbx_host_org_vector 
_entity_src_gen.host_org_details 
_entity_src_gen.expression_system_id 
_entity_src_gen.plasmid_name 
_entity_src_gen.plasmid_details 
_entity_src_gen.pdbx_description 
1 1 sample ? ? ? ? Escherichia ? ? ? ? ? ? ? 'Escherichia coli' 562 ? ? ? ? ? ? ? ? 'Escherichia coli' 562 Escherichia ? ? ? ? ? ? 
? ? ? ? ? ? ? PLASMID ? ? ? pBR328 ? ? 
2 1 sample ? ? ? ? Escherichia ? ? ? ? ? ? ? 'Escherichia coli' 562 ? ? ? ? ? ? ? ? 'Escherichia coli' 562 Escherichia ? ? ? ? ? ? 
? ? ? ? ? ? ? PLASMID ? ? ? pBR328 ? ? 
# 
loop_
_chem_comp.id 
_chem_comp.type 
_chem_comp.mon_nstd_flag 
_chem_comp.name 
_chem_comp.pdbx_synonyms 
_chem_comp.formula 
_chem_comp.formula_weight 
ALA 'L-peptide linking' y ALANINE         ? 'C3 H7 N O2'     89.093  
ARG 'L-peptide linking' y ARGININE        ? 'C6 H15 N4 O2 1' 175.209 
ASN 'L-peptide linking' y ASPARAGINE      ? 'C4 H8 N2 O3'    132.118 
ASP 'L-peptide linking' y 'ASPARTIC ACID' ? 'C4 H7 N O4'     133.103 
CYS 'L-peptide linking' y CYSTEINE        ? 'C3 H7 N O2 S'   121.158 
GLN 'L-peptide linking' y GLUTAMINE       ? 'C5 H10 N2 O3'   146.144 
GLU 'L-peptide linking' y 'GLUTAMIC ACID' ? 'C5 H9 N O4'     147.129 
GLY 'peptide linking'   y GLYCINE         ? 'C2 H5 N O2'     75.067  
HIS 'L-peptide linking' y HISTIDINE       ? 'C6 H10 N3 O2 1' 156.162 
HOH non-polymer         . WATER           ? 'H2 O'           18.015  
ILE 'L-peptide linking' y ISOLEUCINE      ? 'C6 H13 N O2'    131.173 
LEU 'L-peptide linking' y LEUCINE         ? 'C6 H13 N O2'    131.173 
LYS 'L-peptide linking' y LYSINE          ? 'C6 H15 N2 O2 1' 147.195 
MET 'L-peptide linking' y METHIONINE      ? 'C5 H11 N O2 S'  149.211 
PHE 'L-peptide linking' y PHENYLALANINE   ? 'C9 H11 N O2'    165.189 
PRO 'L-peptide linking' y PROLINE         ? 'C5 H9 N O2'     115.130 
SER 'L-peptide linking' y SERINE          ? 'C3 H7 N O3'     105.093 
THR 'L-peptide linking' y THREONINE       ? 'C4 H9 N O3'     119.119 
TRP 'L-peptide linking' y TRYPTOPHAN      ? 'C11 H12 N2 O2'  204.225 
TYR 'L-peptide linking' y TYROSINE        ? 'C9 H11 N O3'    181.189 
VAL 'L-peptide linking' y VALINE          ? 'C5 H11 N O2'    117.146 
# 
loop_
_pdbx_poly_seq_scheme.asym_id 
_pdbx_poly_seq_scheme.entity_id 
_pdbx_poly_seq_scheme.seq_id 
_pdbx_poly_seq_scheme.mon_id 
_pdbx_poly_seq_scheme.ndb_seq_num 
_pdbx_poly_seq_scheme.pdb_seq_num 
_pdbx_poly_seq_scheme.auth_seq_num 
_pdbx_poly_seq_scheme.pdb_mon_id 
_pdbx_poly_seq_scheme.auth_mon_id 
_pdbx_poly_seq_scheme.pdb_strand_id 
_pdbx_poly_seq_scheme.pdb_ins_code 
_pdbx_poly_seq_scheme.hetero 
A 1 1   ALA 1   2   ?   ?   ?   E . n 
A 1 2   GLU 2   3   ?   ?   ?   E . n 
A 1 3   GLY 3   4   ?   ?   ?   E . n 
A 1 4   LYS 4   5   ?   ?   ?   E . n 
A 1 5   LEU 5   6   ?   ?   ?   E . n 
A 1 6   ASN 6   7   ?   ?   ?   E . n 
A 1 7   ASP 7   8   ?   ?   ?   E . n 
A 1 8   GLU 8   9   ?   ?   ?   E . n 
A 1 9   LEU 9   10  ?   ?   ?   E . n 
A 1 10  ALA 10  11  ?   ?   ?   E . n 
A 1 11  LYS 11  12  ?   ?   ?   E . n 
A 1 12  ASN 12  13  ?   ?   ?   E . n 
A 1 13  LYS 13  14  ?   ?   ?   E . n 
A 1 14  GLY 14  15  ?   ?   ?   E . n 
A 1 15  LYS 15  16  ?   ?   ?   E . n 
A 1 16  ILE 16  17  ?   ?   ?   E . n 
A 1 17  PRO 17  18  ?   ?   ?   E . n 
A 1 18  GLY 18  19  ?   ?   ?   E . n 
A 1 19  LEU 19  20  20  LEU LEU E . n 
A 1 20  LYS 20  21  21  LYS LYS E . n 
A 1 21  ILE 21  22  22  ILE ILE E . n 
A 1 22  ASP 22  23  23  ASP ASP E . n 
A 1 23  GLN 23  24  24  GLN GLN E . n 
A 1 24  LYS 24  25  25  LYS LYS E . n 
A 1 25  ILE 25  26  26  ILE ILE E . n 
A 1 26  ARG 26  27  27  ARG ARG E . n 
A 1 27  GLY 27  28  28  GLY GLY E . n 
A 1 28  GLN 28  29  29  GLN GLN E . n 
A 1 29  MET 29  30  30  MET MET E . n 
A 1 30  PRO 30  31  31  PRO PRO E . n 
A 1 31  GLU 31  32  32  GLU GLU E . n 
A 1 32  ARG 32  33  33  ARG ARG E . n 
A 1 33  GLY 33  34  34  GLY GLY E . n 
A 1 34  TRP 34  35  35  TRP TRP E . n 
A 1 35  THR 35  36  36  THR THR E . n 
A 1 36  GLU 36  37  37  GLU GLU E . n 
A 1 37  ASP 37  38  38  ASP ASP E . n 
A 1 38  ASP 38  39  39  ASP ASP E . n 
A 1 39  ILE 39  40  40  ILE ILE E . n 
A 1 40  LYS 40  41  41  LYS LYS E . n 
A 1 41  ASN 41  42  42  ASN ASN E . n 
A 1 42  THR 42  43  43  THR THR E . n 
A 1 43  VAL 43  44  44  VAL VAL E . n 
A 1 44  SER 44  45  45  SER SER E . n 
A 1 45  ASN 45  46  46  ASN ASN E . n 
A 1 46  GLY 46  47  47  GLY GLY E . n 
A 1 47  ALA 47  48  48  ALA ALA E . n 
A 1 48  THR 48  49  49  THR THR E . n 
A 1 49  GLY 49  50  50  GLY GLY E . n 
A 1 50  THR 50  51  51  THR THR E . n 
A 1 51  SER 51  52  52  SER SER E . n 
A 1 52  PHE 52  53  53  PHE PHE E . n 
A 1 53  ASP 53  54  54  ASP ASP E . n 
A 1 54  LYS 54  55  55  LYS LYS E . n 
A 1 55  ARG 55  56  56  ARG ARG E . n 
A 1 56  SER 56  57  57  SER SER E . n 
A 1 57  PRO 57  58  58  PRO PRO E . n 
A 1 58  LYS 58  59  59  LYS LYS E . n 
A 1 59  LYS 59  60  60  LYS LYS E . n 
A 1 60  THR 60  61  61  THR THR E . n 
A 1 61  PRO 61  62  62  PRO PRO E . n 
A 1 62  PRO 62  63  63  PRO PRO E . n 
A 1 63  ASP 63  64  64  ASP ASP E . n 
A 1 64  TYR 64  65  65  TYR TYR E . n 
A 1 65  LEU 65  66  66  LEU LEU E . n 
A 1 66  GLY 66  67  67  GLY GLY E . n 
A 1 67  ARG 67  68  68  ARG ARG E . n 
A 1 68  ASN 68  69  69  ASN ASN E . n 
A 1 69  ASP 69  70  70  ASP ASP E . n 
A 1 70  PRO 70  71  71  PRO PRO E . n 
A 1 71  ALA 71  72  72  ALA ALA E . n 
A 1 72  THR 72  73  73  THR THR E . n 
A 1 73  VAL 73  74  74  VAL VAL E . n 
A 1 74  TYR 74  75  75  TYR TYR E . n 
A 1 75  GLY 75  76  76  GLY GLY E . n 
A 1 76  SER 76  77  77  SER SER E . n 
A 1 77  PRO 77  78  78  PRO PRO E . n 
A 1 78  GLY 78  79  79  GLY GLY E . n 
A 1 79  LYS 79  80  80  LYS LYS E . n 
A 1 80  TYR 80  81  81  TYR TYR E . n 
A 1 81  VAL 81  82  82  VAL VAL E . n 
A 1 82  VAL 82  83  83  VAL VAL E . n 
A 1 83  VAL 83  84  84  VAL VAL E . n 
A 1 84  ASN 84  85  85  ASN ASN E . n 
A 1 85  ASP 85  86  86  ASP ASP E . n 
A 1 86  ARG 86  87  87  ARG ARG E . n 
A 1 87  THR 87  88  88  THR THR E . n 
A 1 88  GLY 88  89  89  GLY GLY E . n 
A 1 89  GLU 89  90  90  GLU GLU E . n 
A 1 90  VAL 90  91  91  VAL VAL E . n 
A 1 91  THR 91  92  92  THR THR E . n 
A 1 92  GLN 92  93  93  GLN GLN E . n 
A 1 93  ILE 93  94  94  ILE ILE E . n 
A 1 94  SER 94  95  95  SER SER E . n 
A 1 95  ASP 95  96  96  ASP ASP E . n 
A 1 96  LYS 96  97  97  LYS LYS E . n 
A 1 97  THR 97  98  98  THR THR E . n 
A 1 98  ASP 98  99  99  ASP ASP E . n 
A 1 99  PRO 99  100 100 PRO PRO E . n 
A 1 100 GLY 100 101 101 GLY GLY E . n 
A 1 101 TRP 101 102 102 TRP TRP E . n 
A 1 102 VAL 102 103 103 VAL VAL E . n 
A 1 103 ASP 103 104 104 ASP ASP E . n 
A 1 104 ASP 104 105 105 ASP ASP E . n 
A 1 105 SER 105 106 106 SER SER E . n 
A 1 106 ARG 106 107 107 ARG ARG E . n 
A 1 107 ILE 107 108 108 ILE ILE E . n 
A 1 108 GLN 108 109 109 GLN GLN E . n 
A 1 109 TRP 109 110 110 TRP TRP E . n 
A 1 110 GLY 110 111 111 GLY GLY E . n 
A 1 111 ASN 111 112 ?   ?   ?   E . n 
A 1 112 LYS 112 113 ?   ?   ?   E . n 
A 1 113 ASN 113 114 ?   ?   ?   E . n 
A 1 114 ASP 114 115 ?   ?   ?   E . n 
A 1 115 GLN 115 116 ?   ?   ?   E . n 
B 2 1   LYS 1   3   3   LYS LYS I . n 
B 2 2   LEU 2   4   4   LEU LEU I . n 
B 2 3   PHE 3   5   5   PHE PHE I . n 
B 2 4   GLU 4   6   6   GLU GLU I . n 
B 2 5   HIS 5   7   7   HIS HIS I . n 
B 2 6   THR 6   8   8   THR THR I . n 
B 2 7   VAL 7   9   9   VAL VAL I . n 
B 2 8   LEU 8   10  10  LEU LEU I . n 
B 2 9   TYR 9   11  11  TYR TYR I . n 
B 2 10  ASP 10  12  12  ASP ASP I . n 
B 2 11  SER 11  13  13  SER SER I . n 
B 2 12  GLY 12  14  14  GLY GLY I . n 
B 2 13  ASP 13  15  15  ASP ASP I . n 
B 2 14  ALA 14  16  16  ALA ALA I . n 
B 2 15  PHE 15  17  17  PHE PHE I . n 
B 2 16  PHE 16  18  18  PHE PHE I . n 
B 2 17  GLU 17  19  19  GLU GLU I . n 
B 2 18  LEU 18  20  20  LEU LEU I . n 
B 2 19  LYS 19  21  21  LYS LYS I . n 
B 2 20  GLY 20  22  22  GLY GLY I . n 
B 2 21  ASN 21  23  23  ASN ASN I . n 
B 2 22  ALA 22  24  24  ALA ALA I . n 
B 2 23  SER 23  25  25  SER SER I . n 
B 2 24  MET 24  26  26  MET MET I . n 
B 2 25  LYS 25  27  27  LYS LYS I . n 
B 2 26  LEU 26  28  28  LEU LEU I . n 
B 2 27  SER 27  29  29  SER SER I . n 
B 2 28  PRO 28  30  30  PRO PRO I . n 
B 2 29  LYS 29  31  31  LYS LYS I . n 
B 2 30  ALA 30  32  32  ALA ALA I . n 
B 2 31  ALA 31  33  33  ALA ALA I . n 
B 2 32  ILE 32  34  34  ILE ILE I . n 
B 2 33  GLU 33  35  35  GLU GLU I . n 
B 2 34  VAL 34  36  36  VAL VAL I . n 
B 2 35  CYS 35  37  37  CYS CYS I . n 
B 2 36  ASN 36  38  38  ASN ASN I . n 
B 2 37  GLU 37  39  39  GLU GLU I . n 
B 2 38  ALA 38  40  40  ALA ALA I . n 
B 2 39  ALA 39  41  41  ALA ALA I . n 
B 2 40  LYS 40  42  42  LYS LYS I . n 
B 2 41  LYS 41  43  43  LYS LYS I . n 
B 2 42  GLY 42  44  44  GLY GLY I . n 
B 2 43  LEU 43  45  45  LEU LEU I . n 
B 2 44  TRP 44  46  46  TRP TRP I . n 
B 2 45  ILE 45  47  47  ILE ILE I . n 
B 2 46  LEU 46  48  48  LEU LEU I . n 
B 2 47  GLY 47  49  49  GLY GLY I . n 
B 2 48  ILE 48  50  50  ILE ILE I . n 
B 2 49  ASP 49  51  51  ASP ASP I . n 
B 2 50  GLY 50  52  52  GLY GLY I . n 
B 2 51  GLY 51  53  53  GLY GLY I . n 
B 2 52  HIS 52  54  54  HIS HIS I . n 
B 2 53  TRP 53  55  55  TRP TRP I . n 
B 2 54  LEU 54  56  56  LEU LEU I . n 
B 2 55  ASN 55  57  57  ASN ASN I . n 
B 2 56  PRO 56  58  58  PRO PRO I . n 
B 2 57  GLY 57  59  59  GLY GLY I . n 
B 2 58  PHE 58  60  60  PHE PHE I . n 
B 2 59  ARG 59  61  61  ARG ARG I . n 
B 2 60  ILE 60  62  62  ILE ILE I . n 
B 2 61  ASP 61  63  63  ASP ASP I . n 
B 2 62  SER 62  64  64  SER SER I . n 
B 2 63  SER 63  65  65  SER SER I . n 
B 2 64  ALA 64  66  66  ALA ALA I . n 
B 2 65  SER 65  67  67  SER SER I . n 
B 2 66  TRP 66  68  68  TRP TRP I . n 
B 2 67  THR 67  69  69  THR THR I . n 
B 2 68  TYR 68  70  70  TYR TYR I . n 
B 2 69  ASP 69  71  71  ASP ASP I . n 
B 2 70  MET 70  72  72  MET MET I . n 
B 2 71  PRO 71  73  73  PRO PRO I . n 
B 2 72  GLU 72  74  74  GLU GLU I . n 
B 2 73  GLU 73  75  75  GLU GLU I . n 
B 2 74  TYR 74  76  76  TYR TYR I . n 
B 2 75  LYS 75  77  77  LYS LYS I . n 
B 2 76  SER 76  78  78  SER SER I . n 
B 2 77  LYS 77  79  79  LYS LYS I . n 
B 2 78  ILE 78  80  80  ILE ILE I . n 
B 2 79  PRO 79  81  81  PRO PRO I . n 
B 2 80  GLU 80  82  82  GLU GLU I . n 
B 2 81  ASN 81  83  83  ASN ASN I . n 
B 2 82  ASN 82  84  84  ASN ASN I . n 
B 2 83  ARG 83  85  85  ARG ARG I . n 
B 2 84  LEU 84  86  86  LEU LEU I . n 
B 2 85  ALA 85  87  87  ALA ALA I . n 
B 2 86  ILE 86  88  88  ILE ILE I . n 
B 2 87  GLU 87  89  89  GLU GLU I . n 
B 2 88  ASN 88  90  90  ASN ASN I . n 
B 2 89  ILE 89  91  91  ILE ILE I . n 
B 2 90  LYS 90  92  92  LYS LYS I . n 
B 2 91  ASP 91  93  93  ASP ASP I . n 
B 2 92  ASP 92  94  94  ASP ASP I . n 
B 2 93  ILE 93  95  95  ILE ILE I . n 
B 2 94  GLU 94  96  96  GLU GLU I . n 
B 2 95  ASN 95  97  97  ASN ASN I . n 
B 2 96  GLY 96  98  98  GLY GLY I . n 
B 2 97  TYR 97  99  99  TYR TYR I . n 
B 2 98  THR 98  100 100 THR THR I . n 
B 2 99  ALA 99  101 101 ALA ALA I . n 
B 2 100 PHE 100 102 102 PHE PHE I . n 
B 2 101 ILE 101 103 103 ILE ILE I . n 
B 2 102 ILE 102 104 104 ILE ILE I . n 
B 2 103 THR 103 105 105 THR THR I . n 
B 2 104 LEU 104 106 106 LEU LEU I . n 
B 2 105 LYS 105 107 107 LYS LYS I . n 
B 2 106 MET 106 108 108 MET MET I . n 
# 
loop_
_pdbx_nonpoly_scheme.asym_id 
_pdbx_nonpoly_scheme.entity_id 
_pdbx_nonpoly_scheme.mon_id 
_pdbx_nonpoly_scheme.ndb_seq_num 
_pdbx_nonpoly_scheme.pdb_seq_num 
_pdbx_nonpoly_scheme.auth_seq_num 
_pdbx_nonpoly_scheme.pdb_mon_id 
_pdbx_nonpoly_scheme.auth_mon_id 
_pdbx_nonpoly_scheme.pdb_strand_id 
_pdbx_nonpoly_scheme.pdb_ins_code 
C 3 HOH 1  117 1   HOH TIP E . 
C 3 HOH 2  118 3   HOH TIP E . 
C 3 HOH 3  119 7   HOH TIP E . 
C 3 HOH 4  120 8   HOH TIP E . 
C 3 HOH 5  121 15  HOH TIP E . 
C 3 HOH 6  122 17  HOH TIP E . 
C 3 HOH 7  123 18  HOH TIP E . 
C 3 HOH 8  124 19  HOH TIP E . 
C 3 HOH 9  125 21  HOH TIP E . 
C 3 HOH 10 126 22  HOH TIP E . 
C 3 HOH 11 127 26  HOH TIP E . 
C 3 HOH 12 128 28  HOH TIP E . 
C 3 HOH 13 129 29  HOH TIP E . 
C 3 HOH 14 130 30  HOH TIP E . 
C 3 HOH 15 131 34  HOH TIP E . 
C 3 HOH 16 132 36  HOH TIP E . 
C 3 HOH 17 133 39  HOH TIP E . 
C 3 HOH 18 134 40  HOH TIP E . 
C 3 HOH 19 135 42  HOH TIP E . 
C 3 HOH 20 136 44  HOH TIP E . 
C 3 HOH 21 137 49  HOH TIP E . 
C 3 HOH 22 138 52  HOH TIP E . 
C 3 HOH 23 139 53  HOH TIP E . 
C 3 HOH 24 140 54  HOH TIP E . 
C 3 HOH 25 141 55  HOH TIP E . 
C 3 HOH 26 142 59  HOH TIP E . 
C 3 HOH 27 143 73  HOH TIP E . 
C 3 HOH 28 144 74  HOH TIP E . 
C 3 HOH 29 145 76  HOH TIP E . 
C 3 HOH 30 146 77  HOH TIP E . 
C 3 HOH 31 147 78  HOH TIP E . 
C 3 HOH 32 148 80  HOH TIP E . 
C 3 HOH 33 149 82  HOH TIP E . 
C 3 HOH 34 150 83  HOH TIP E . 
C 3 HOH 35 151 85  HOH TIP E . 
C 3 HOH 36 152 86  HOH TIP E . 
C 3 HOH 37 153 87  HOH TIP E . 
C 3 HOH 38 154 93  HOH TIP E . 
C 3 HOH 39 155 97  HOH TIP E . 
C 3 HOH 40 156 99  HOH TIP E . 
C 3 HOH 41 157 100 HOH TIP E . 
C 3 HOH 42 158 102 HOH TIP E . 
C 3 HOH 43 159 105 HOH TIP E . 
C 3 HOH 44 160 106 HOH TIP E . 
C 3 HOH 45 161 111 HOH TIP E . 
C 3 HOH 46 162 115 HOH TIP E . 
C 3 HOH 47 163 117 HOH TIP E . 
C 3 HOH 48 164 119 HOH TIP E . 
C 3 HOH 49 165 120 HOH TIP E . 
C 3 HOH 50 166 121 HOH TIP E . 
C 3 HOH 51 167 128 HOH TIP E . 
C 3 HOH 52 168 130 HOH TIP E . 
C 3 HOH 53 169 134 HOH TIP E . 
C 3 HOH 54 170 139 HOH TIP E . 
D 3 HOH 1  109 4   HOH TIP I . 
D 3 HOH 2  110 5   HOH TIP I . 
D 3 HOH 3  111 6   HOH TIP I . 
D 3 HOH 4  112 9   HOH TIP I . 
D 3 HOH 5  113 10  HOH TIP I . 
D 3 HOH 6  114 11  HOH TIP I . 
D 3 HOH 7  115 13  HOH TIP I . 
D 3 HOH 8  116 14  HOH TIP I . 
D 3 HOH 9  117 16  HOH TIP I . 
D 3 HOH 10 118 20  HOH TIP I . 
D 3 HOH 11 119 23  HOH TIP I . 
D 3 HOH 12 120 24  HOH TIP I . 
D 3 HOH 13 121 25  HOH TIP I . 
D 3 HOH 14 122 32  HOH TIP I . 
D 3 HOH 15 123 35  HOH TIP I . 
D 3 HOH 16 124 37  HOH TIP I . 
D 3 HOH 17 125 41  HOH TIP I . 
D 3 HOH 18 126 43  HOH TIP I . 
D 3 HOH 19 127 45  HOH TIP I . 
D 3 HOH 20 128 46  HOH TIP I . 
D 3 HOH 21 129 47  HOH TIP I . 
D 3 HOH 22 130 48  HOH TIP I . 
D 3 HOH 23 131 50  HOH TIP I . 
D 3 HOH 24 132 51  HOH TIP I . 
D 3 HOH 25 133 56  HOH TIP I . 
D 3 HOH 26 134 57  HOH TIP I . 
D 3 HOH 27 135 58  HOH TIP I . 
D 3 HOH 28 136 72  HOH TIP I . 
D 3 HOH 29 137 75  HOH TIP I . 
D 3 HOH 30 138 79  HOH TIP I . 
D 3 HOH 31 139 84  HOH TIP I . 
D 3 HOH 32 140 88  HOH TIP I . 
D 3 HOH 33 141 89  HOH TIP I . 
D 3 HOH 34 142 94  HOH TIP I . 
D 3 HOH 35 143 95  HOH TIP I . 
D 3 HOH 36 144 101 HOH TIP I . 
D 3 HOH 37 145 103 HOH TIP I . 
D 3 HOH 38 146 104 HOH TIP I . 
D 3 HOH 39 147 108 HOH TIP I . 
D 3 HOH 40 148 109 HOH TIP I . 
D 3 HOH 41 149 113 HOH TIP I . 
D 3 HOH 42 150 114 HOH TIP I . 
D 3 HOH 43 151 116 HOH TIP I . 
D 3 HOH 44 152 122 HOH TIP I . 
D 3 HOH 45 153 123 HOH TIP I . 
D 3 HOH 46 154 126 HOH TIP I . 
D 3 HOH 47 155 129 HOH TIP I . 
D 3 HOH 48 156 137 HOH TIP I . 
# 
loop_
_software.name 
_software.classification 
_software.version 
_software.citation_id 
_software.pdbx_ordinal 
DENZO     'data reduction' .   ? 1 
SCALEPACK 'data scaling'   .   ? 2 
MLPHARE   phasing          .   ? 3 
CNS       refinement       1.1 ? 4 
# 
_cell.entry_id           2DFX 
_cell.length_a           63.5 
_cell.length_b           74.4 
_cell.length_c           111.2 
_cell.angle_alpha        90 
_cell.angle_beta         90 
_cell.angle_gamma        90 
_cell.Z_PDB              8 
_cell.pdbx_unique_axis   ? 
_cell.length_a_esd       ? 
_cell.length_b_esd       ? 
_cell.length_c_esd       ? 
_cell.angle_alpha_esd    ? 
_cell.angle_beta_esd     ? 
_cell.angle_gamma_esd    ? 
# 
_symmetry.entry_id                         2DFX 
_symmetry.space_group_name_H-M             'I 2 2 2' 
_symmetry.pdbx_full_space_group_name_H-M   ? 
_symmetry.cell_setting                     ? 
_symmetry.Int_Tables_number                23 
_symmetry.space_group_name_Hall            ? 
# 
_exptl.entry_id          2DFX 
_exptl.method            'X-RAY DIFFRACTION' 
_exptl.crystals_number   3 
# 
_exptl_crystal.id                    1 
_exptl_crystal.density_meas          ? 
_exptl_crystal.density_Matthews      2.66 
_exptl_crystal.density_percent_sol   53.75 
_exptl_crystal.description           ? 
_exptl_crystal.F_000                 ? 
_exptl_crystal.preparation           ? 
# 
_exptl_crystal_grow.crystal_id      1 
_exptl_crystal_grow.method          'VAPOR DIFFUSION, HANGING DROP' 
_exptl_crystal_grow.temp            293 
_exptl_crystal_grow.temp_details    ? 
_exptl_crystal_grow.pH              8.0 
_exptl_crystal_grow.pdbx_details    '2M ammonium sulfate, 0.1M TrisCl pH 8.0, VAPOR DIFFUSION, HANGING DROP, temperature 293K' 
_exptl_crystal_grow.pdbx_pH_range   . 
# 
_diffrn.id                     1 
_diffrn.ambient_temp           293 
_diffrn.ambient_temp_details   ? 
_diffrn.crystal_id             1 
# 
_diffrn_detector.diffrn_id              1 
_diffrn_detector.detector               'IMAGE PLATE' 
_diffrn_detector.type                   MACSCIENCE 
_diffrn_detector.pdbx_collection_date   1998-11-24 
_diffrn_detector.details                ? 
# 
_diffrn_radiation.diffrn_id                        1 
_diffrn_radiation.wavelength_id                    1 
_diffrn_radiation.pdbx_monochromatic_or_laue_m_l   M 
_diffrn_radiation.monochromator                    graphite 
_diffrn_radiation.pdbx_diffrn_protocol             'SINGLE WAVELENGTH' 
_diffrn_radiation.pdbx_scattering_type             x-ray 
# 
_diffrn_radiation_wavelength.id           1 
_diffrn_radiation_wavelength.wavelength   1.5418 
_diffrn_radiation_wavelength.wt           1.0 
# 
_diffrn_source.diffrn_id                   1 
_diffrn_source.source                      'ROTATING ANODE' 
_diffrn_source.type                        MACSCIENCE 
_diffrn_source.pdbx_synchrotron_site       ? 
_diffrn_source.pdbx_synchrotron_beamline   ? 
_diffrn_source.pdbx_wavelength             ? 
_diffrn_source.pdbx_wavelength_list        1.5418 
# 
_reflns.entry_id                     2DFX 
_reflns.observed_criterion_sigma_I   0 
_reflns.observed_criterion_sigma_F   0 
_reflns.d_resolution_low             19.1 
_reflns.d_resolution_high            1.86 
_reflns.number_obs                   20556 
_reflns.number_all                   ? 
_reflns.percent_possible_obs         92.7 
_reflns.pdbx_Rmerge_I_obs            ? 
_reflns.pdbx_Rsym_value              ? 
_reflns.pdbx_netI_over_sigmaI        ? 
_reflns.B_iso_Wilson_estimate        ? 
_reflns.pdbx_redundancy              ? 
_reflns.R_free_details               ? 
_reflns.limit_h_max                  ? 
_reflns.limit_h_min                  ? 
_reflns.limit_k_max                  ? 
_reflns.limit_k_min                  ? 
_reflns.limit_l_max                  ? 
_reflns.limit_l_min                  ? 
_reflns.observed_criterion_F_max     ? 
_reflns.observed_criterion_F_min     ? 
_reflns.pdbx_chi_squared             ? 
_reflns.pdbx_scaling_rejects         ? 
_reflns.pdbx_diffrn_id               1 
_reflns.pdbx_ordinal                 1 
# 
_reflns_shell.d_res_high             1.86 
_reflns_shell.d_res_low              1.93 
_reflns_shell.percent_possible_all   91.7 
_reflns_shell.Rmerge_I_obs           ? 
_reflns_shell.pdbx_Rsym_value        ? 
_reflns_shell.meanI_over_sigI_obs    ? 
_reflns_shell.pdbx_redundancy        ? 
_reflns_shell.percent_possible_obs   ? 
_reflns_shell.number_unique_all      ? 
_reflns_shell.number_measured_all    ? 
_reflns_shell.number_measured_obs    ? 
_reflns_shell.number_unique_obs      ? 
_reflns_shell.pdbx_chi_squared       ? 
_reflns_shell.pdbx_diffrn_id         ? 
_reflns_shell.pdbx_ordinal           1 
# 
_refine.entry_id                                 2DFX 
_refine.ls_number_reflns_obs                     19713 
_refine.ls_number_reflns_all                     19713 
_refine.pdbx_ls_sigma_I                          ? 
_refine.pdbx_ls_sigma_F                          0 
_refine.pdbx_data_cutoff_high_absF               ? 
_refine.pdbx_data_cutoff_low_absF                ? 
_refine.pdbx_data_cutoff_high_rms_absF           ? 
_refine.ls_d_res_low                             19.1 
_refine.ls_d_res_high                            1.9 
_refine.ls_percent_reflns_obs                    ? 
_refine.ls_R_factor_obs                          0.18 
_refine.ls_R_factor_all                          0.18 
_refine.ls_R_factor_R_work                       0.179 
_refine.ls_R_factor_R_free                       0.198 
_refine.ls_R_factor_R_free_error                 ? 
_refine.ls_R_factor_R_free_error_details         ? 
_refine.ls_percent_reflns_R_free                 ? 
_refine.ls_number_reflns_R_free                  990 
_refine.ls_number_parameters                     ? 
_refine.ls_number_restraints                     ? 
_refine.occupancy_min                            ? 
_refine.occupancy_max                            ? 
_refine.correlation_coeff_Fo_to_Fc               ? 
_refine.correlation_coeff_Fo_to_Fc_free          ? 
_refine.B_iso_mean                               ? 
_refine.aniso_B[1][1]                            ? 
_refine.aniso_B[2][2]                            ? 
_refine.aniso_B[3][3]                            ? 
_refine.aniso_B[1][2]                            ? 
_refine.aniso_B[1][3]                            ? 
_refine.aniso_B[2][3]                            ? 
_refine.solvent_model_details                    ? 
_refine.solvent_model_param_ksol                 ? 
_refine.solvent_model_param_bsol                 ? 
_refine.pdbx_solvent_vdw_probe_radii             ? 
_refine.pdbx_solvent_ion_probe_radii             ? 
_refine.pdbx_solvent_shrinkage_radii             ? 
_refine.pdbx_ls_cross_valid_method               THROUGHOUT 
_refine.details                                  ? 
_refine.pdbx_starting_model                      ? 
_refine.pdbx_method_to_determine_struct          MIR 
_refine.pdbx_isotropic_thermal_model             ? 
_refine.pdbx_stereochemistry_target_values       'Engh & Huber' 
_refine.pdbx_stereochem_target_val_spec_case     ? 
_refine.pdbx_R_Free_selection_details            random 
_refine.pdbx_overall_ESU_R                       ? 
_refine.pdbx_overall_ESU_R_Free                  ? 
_refine.overall_SU_ML                            ? 
_refine.overall_SU_B                             ? 
_refine.ls_redundancy_reflns_obs                 ? 
_refine.B_iso_min                                ? 
_refine.B_iso_max                                ? 
_refine.overall_SU_R_Cruickshank_DPI             ? 
_refine.overall_SU_R_free                        ? 
_refine.ls_wR_factor_R_free                      ? 
_refine.ls_wR_factor_R_work                      ? 
_refine.overall_FOM_free_R_set                   ? 
_refine.overall_FOM_work_R_set                   ? 
_refine.pdbx_refine_id                           'X-RAY DIFFRACTION' 
_refine.pdbx_diffrn_id                           1 
_refine.pdbx_TLS_residual_ADP_flag               ? 
_refine.pdbx_overall_phase_error                 ? 
_refine.pdbx_overall_SU_R_free_Cruickshank_DPI   ? 
_refine.pdbx_overall_SU_R_Blow_DPI               ? 
_refine.pdbx_overall_SU_R_free_Blow_DPI          ? 
# 
_refine_analyze.entry_id                        2DFX 
_refine_analyze.Luzzati_coordinate_error_obs    0.19 
_refine_analyze.Luzzati_sigma_a_obs             0.07 
_refine_analyze.Luzzati_d_res_low_obs           5.00 
_refine_analyze.Luzzati_coordinate_error_free   0.23 
_refine_analyze.Luzzati_sigma_a_free            0.11 
_refine_analyze.Luzzati_d_res_low_free          ? 
_refine_analyze.number_disordered_residues      ? 
_refine_analyze.occupancy_sum_hydrogen          ? 
_refine_analyze.occupancy_sum_non_hydrogen      ? 
_refine_analyze.pdbx_Luzzati_d_res_high_obs     ? 
_refine_analyze.pdbx_refine_id                  'X-RAY DIFFRACTION' 
# 
_refine_hist.pdbx_refine_id                   'X-RAY DIFFRACTION' 
_refine_hist.cycle_id                         LAST 
_refine_hist.pdbx_number_atoms_protein        1563 
_refine_hist.pdbx_number_atoms_nucleic_acid   0 
_refine_hist.pdbx_number_atoms_ligand         0 
_refine_hist.number_atoms_solvent             102 
_refine_hist.number_atoms_total               1665 
_refine_hist.d_res_high                       1.9 
_refine_hist.d_res_low                        19.1 
# 
loop_
_refine_ls_restr.type 
_refine_ls_restr.dev_ideal 
_refine_ls_restr.dev_ideal_target 
_refine_ls_restr.weight 
_refine_ls_restr.number 
_refine_ls_restr.pdbx_refine_id 
_refine_ls_restr.pdbx_restraint_function 
x_bond_d           0.005 ? ? ? 'X-RAY DIFFRACTION' ? 
x_angle_deg        1.3   ? ? ? 'X-RAY DIFFRACTION' ? 
x_improper_angle_d 0.77  ? ? ? 'X-RAY DIFFRACTION' ? 
x_dihedral_angle_d 23.7  ? ? ? 'X-RAY DIFFRACTION' ? 
# 
_refine_ls_shell.pdbx_total_number_of_bins_used   ? 
_refine_ls_shell.d_res_high                       1.9 
_refine_ls_shell.d_res_low                        2.02 
_refine_ls_shell.number_reflns_R_work             ? 
_refine_ls_shell.R_factor_R_work                  0.186 
_refine_ls_shell.percent_reflns_obs               91.7 
_refine_ls_shell.R_factor_R_free                  0.246 
_refine_ls_shell.R_factor_R_free_error            0.019 
_refine_ls_shell.percent_reflns_R_free            ? 
_refine_ls_shell.number_reflns_R_free             164 
_refine_ls_shell.number_reflns_all                ? 
_refine_ls_shell.R_factor_all                     ? 
_refine_ls_shell.number_reflns_obs                3137 
_refine_ls_shell.redundancy_reflns_obs            ? 
_refine_ls_shell.pdbx_refine_id                   'X-RAY DIFFRACTION' 
# 
_struct.entry_id                  2DFX 
_struct.title                     'Crystal structure of the carboxy terminal domain of colicin E5 complexed with its inhibitor' 
_struct.pdbx_model_details        ? 
_struct.pdbx_CASP_flag            ? 
_struct.pdbx_model_type_details   ? 
# 
_struct_keywords.entry_id        2DFX 
_struct_keywords.pdbx_keywords   HYDROLASE 
_struct_keywords.text            'alpha/beta protein, protein-inhibitor protein complex, Hydrolase' 
# 
loop_
_struct_asym.id 
_struct_asym.pdbx_blank_PDB_chainid_flag 
_struct_asym.pdbx_modified 
_struct_asym.entity_id 
_struct_asym.details 
A N N 1 ? 
B N N 2 ? 
C N N 3 ? 
D N N 3 ? 
# 
loop_
_struct_ref.id 
_struct_ref.db_name 
_struct_ref.db_code 
_struct_ref.pdbx_db_accession 
_struct_ref.entity_id 
_struct_ref.pdbx_seq_one_letter_code 
_struct_ref.pdbx_align_begin 
_struct_ref.pdbx_db_isoform 
1 UNP CEA5_ECOLI P18000 1 
;AEGKLNDELAKNKGKIPGLKIDQKIRGQMPERGWTEDDIKNTVSNGATGTSFDKRSPKKTPPDYLGRNDPATVYGSPGKY
VVVNDRTGEVTQISDKTDPGWVDDSRIQWGNKNDQ
;
66 ? 
2 UNP IMM5_ECOLI P13476 2 
;MKLSPKAAIEVCNEAAKKGLWILGIDGGHWLNPGFRIDSSASWTYDMPEEYKSKIPENNRLAIENIKDDIENGYTAFIIT
LKM
;
1  ? 
# 
loop_
_struct_ref_seq.align_id 
_struct_ref_seq.ref_id 
_struct_ref_seq.pdbx_PDB_id_code 
_struct_ref_seq.pdbx_strand_id 
_struct_ref_seq.seq_align_beg 
_struct_ref_seq.pdbx_seq_align_beg_ins_code 
_struct_ref_seq.seq_align_end 
_struct_ref_seq.pdbx_seq_align_end_ins_code 
_struct_ref_seq.pdbx_db_accession 
_struct_ref_seq.db_align_beg 
_struct_ref_seq.pdbx_db_align_beg_ins_code 
_struct_ref_seq.db_align_end 
_struct_ref_seq.pdbx_db_align_end_ins_code 
_struct_ref_seq.pdbx_auth_seq_align_beg 
_struct_ref_seq.pdbx_auth_seq_align_end 
1 1 2DFX E 1  ? 115 ? P18000 66 ? 180 ? 2  116 
2 2 2DFX I 24 ? 106 ? P13476 1  ? 83  ? 26 108 
# 
loop_
_struct_ref_seq_dif.align_id 
_struct_ref_seq_dif.pdbx_pdb_id_code 
_struct_ref_seq_dif.mon_id 
_struct_ref_seq_dif.pdbx_pdb_strand_id 
_struct_ref_seq_dif.seq_num 
_struct_ref_seq_dif.pdbx_pdb_ins_code 
_struct_ref_seq_dif.pdbx_seq_db_name 
_struct_ref_seq_dif.pdbx_seq_db_accession_code 
_struct_ref_seq_dif.db_mon_id 
_struct_ref_seq_dif.pdbx_seq_db_seq_num 
_struct_ref_seq_dif.details 
_struct_ref_seq_dif.pdbx_auth_seq_num 
_struct_ref_seq_dif.pdbx_ordinal 
2 2DFX LYS I 1  ? UNP P13476 ? ? 'SEE REMARK 999' 3  1  
2 2DFX LEU I 2  ? UNP P13476 ? ? 'SEE REMARK 999' 4  2  
2 2DFX PHE I 3  ? UNP P13476 ? ? 'SEE REMARK 999' 5  3  
2 2DFX GLU I 4  ? UNP P13476 ? ? 'SEE REMARK 999' 6  4  
2 2DFX HIS I 5  ? UNP P13476 ? ? 'SEE REMARK 999' 7  5  
2 2DFX THR I 6  ? UNP P13476 ? ? 'SEE REMARK 999' 8  6  
2 2DFX VAL I 7  ? UNP P13476 ? ? 'SEE REMARK 999' 9  7  
2 2DFX LEU I 8  ? UNP P13476 ? ? 'SEE REMARK 999' 10 8  
2 2DFX TYR I 9  ? UNP P13476 ? ? 'SEE REMARK 999' 11 9  
2 2DFX ASP I 10 ? UNP P13476 ? ? 'SEE REMARK 999' 12 10 
2 2DFX SER I 11 ? UNP P13476 ? ? 'SEE REMARK 999' 13 11 
2 2DFX GLY I 12 ? UNP P13476 ? ? 'SEE REMARK 999' 14 12 
2 2DFX ASP I 13 ? UNP P13476 ? ? 'SEE REMARK 999' 15 13 
2 2DFX ALA I 14 ? UNP P13476 ? ? 'SEE REMARK 999' 16 14 
2 2DFX PHE I 15 ? UNP P13476 ? ? 'SEE REMARK 999' 17 15 
2 2DFX PHE I 16 ? UNP P13476 ? ? 'SEE REMARK 999' 18 16 
2 2DFX GLU I 17 ? UNP P13476 ? ? 'SEE REMARK 999' 19 17 
2 2DFX LEU I 18 ? UNP P13476 ? ? 'SEE REMARK 999' 20 18 
2 2DFX LYS I 19 ? UNP P13476 ? ? 'SEE REMARK 999' 21 19 
2 2DFX GLY I 20 ? UNP P13476 ? ? 'SEE REMARK 999' 22 20 
2 2DFX ASN I 21 ? UNP P13476 ? ? 'SEE REMARK 999' 23 21 
2 2DFX ALA I 22 ? UNP P13476 ? ? 'SEE REMARK 999' 24 22 
2 2DFX SER I 23 ? UNP P13476 ? ? 'SEE REMARK 999' 25 23 
# 
_pdbx_struct_assembly.id                   1 
_pdbx_struct_assembly.details              author_and_software_defined_assembly 
_pdbx_struct_assembly.method_details       PISA 
_pdbx_struct_assembly.oligomeric_details   dimeric 
_pdbx_struct_assembly.oligomeric_count     2 
# 
loop_
_pdbx_struct_assembly_prop.biol_id 
_pdbx_struct_assembly_prop.type 
_pdbx_struct_assembly_prop.value 
_pdbx_struct_assembly_prop.details 
1 'ABSA (A^2)' 2510 ? 
1 MORE         -1   ? 
1 'SSA (A^2)'  9060 ? 
# 
_pdbx_struct_assembly_gen.assembly_id       1 
_pdbx_struct_assembly_gen.oper_expression   1 
_pdbx_struct_assembly_gen.asym_id_list      A,B,C,D 
# 
_pdbx_struct_oper_list.id                   1 
_pdbx_struct_oper_list.type                 'identity operation' 
_pdbx_struct_oper_list.name                 1_555 
_pdbx_struct_oper_list.symmetry_operation   x,y,z 
_pdbx_struct_oper_list.matrix[1][1]         1.0000000000 
_pdbx_struct_oper_list.matrix[1][2]         0.0000000000 
_pdbx_struct_oper_list.matrix[1][3]         0.0000000000 
_pdbx_struct_oper_list.vector[1]            0.0000000000 
_pdbx_struct_oper_list.matrix[2][1]         0.0000000000 
_pdbx_struct_oper_list.matrix[2][2]         1.0000000000 
_pdbx_struct_oper_list.matrix[2][3]         0.0000000000 
_pdbx_struct_oper_list.vector[2]            0.0000000000 
_pdbx_struct_oper_list.matrix[3][1]         0.0000000000 
_pdbx_struct_oper_list.matrix[3][2]         0.0000000000 
_pdbx_struct_oper_list.matrix[3][3]         1.0000000000 
_pdbx_struct_oper_list.vector[3]            0.0000000000 
# 
loop_
_struct_conf.conf_type_id 
_struct_conf.id 
_struct_conf.pdbx_PDB_helix_id 
_struct_conf.beg_label_comp_id 
_struct_conf.beg_label_asym_id 
_struct_conf.beg_label_seq_id 
_struct_conf.pdbx_beg_PDB_ins_code 
_struct_conf.end_label_comp_id 
_struct_conf.end_label_asym_id 
_struct_conf.end_label_seq_id 
_struct_conf.pdbx_end_PDB_ins_code 
_struct_conf.beg_auth_comp_id 
_struct_conf.beg_auth_asym_id 
_struct_conf.beg_auth_seq_id 
_struct_conf.end_auth_comp_id 
_struct_conf.end_auth_asym_id 
_struct_conf.end_auth_seq_id 
_struct_conf.pdbx_PDB_helix_class 
_struct_conf.details 
_struct_conf.pdbx_PDB_helix_length 
HELX_P HELX_P1 1 ASP A 22 ? MET A 29 ? ASP E 23 MET E 30 1 ? 8  
HELX_P HELX_P2 2 PRO A 30 ? GLY A 33 ? PRO E 31 GLY E 34 5 ? 4  
HELX_P HELX_P3 3 THR A 35 ? ASN A 45 ? THR E 36 ASN E 46 1 ? 11 
HELX_P HELX_P4 4 SER A 56 ? THR A 60 ? SER E 57 THR E 61 5 ? 5  
HELX_P HELX_P5 5 SER B 11 ? LEU B 18 ? SER I 13 LEU I 20 1 ? 8  
HELX_P HELX_P6 6 SER B 27 ? GLY B 42 ? SER I 29 GLY I 44 1 ? 16 
HELX_P HELX_P7 7 SER B 62 ? SER B 65 ? SER I 64 SER I 67 5 ? 4  
HELX_P HELX_P8 8 TYR B 74 ? SER B 76 ? TYR I 76 SER I 78 5 ? 3  
HELX_P HELX_P9 9 LYS B 77 ? ASN B 95 ? LYS I 79 ASN I 97 1 ? 19 
# 
_struct_conf_type.id          HELX_P 
_struct_conf_type.criteria    ? 
_struct_conf_type.reference   ? 
# 
loop_
_struct_mon_prot_cis.pdbx_id 
_struct_mon_prot_cis.label_comp_id 
_struct_mon_prot_cis.label_seq_id 
_struct_mon_prot_cis.label_asym_id 
_struct_mon_prot_cis.label_alt_id 
_struct_mon_prot_cis.pdbx_PDB_ins_code 
_struct_mon_prot_cis.auth_comp_id 
_struct_mon_prot_cis.auth_seq_id 
_struct_mon_prot_cis.auth_asym_id 
_struct_mon_prot_cis.pdbx_label_comp_id_2 
_struct_mon_prot_cis.pdbx_label_seq_id_2 
_struct_mon_prot_cis.pdbx_label_asym_id_2 
_struct_mon_prot_cis.pdbx_PDB_ins_code_2 
_struct_mon_prot_cis.pdbx_auth_comp_id_2 
_struct_mon_prot_cis.pdbx_auth_seq_id_2 
_struct_mon_prot_cis.pdbx_auth_asym_id_2 
_struct_mon_prot_cis.pdbx_PDB_model_num 
_struct_mon_prot_cis.pdbx_omega_angle 
1 PRO 61 A . ? PRO 62 E PRO 62 A ? PRO 63 E 1 0.05  
2 ASN 55 B . ? ASN 57 I PRO 56 B ? PRO 58 I 1 -0.11 
# 
loop_
_struct_sheet.id 
_struct_sheet.type 
_struct_sheet.number_strands 
_struct_sheet.details 
A ? 5 ? 
B ? 3 ? 
C ? 3 ? 
# 
loop_
_struct_sheet_order.sheet_id 
_struct_sheet_order.range_id_1 
_struct_sheet_order.range_id_2 
_struct_sheet_order.offset 
_struct_sheet_order.sense 
A 1 2 ? anti-parallel 
A 2 3 ? anti-parallel 
A 3 4 ? anti-parallel 
A 4 5 ? anti-parallel 
B 1 2 ? anti-parallel 
B 2 3 ? anti-parallel 
C 1 2 ? anti-parallel 
C 2 3 ? anti-parallel 
# 
loop_
_struct_sheet_range.sheet_id 
_struct_sheet_range.id 
_struct_sheet_range.beg_label_comp_id 
_struct_sheet_range.beg_label_asym_id 
_struct_sheet_range.beg_label_seq_id 
_struct_sheet_range.pdbx_beg_PDB_ins_code 
_struct_sheet_range.end_label_comp_id 
_struct_sheet_range.end_label_asym_id 
_struct_sheet_range.end_label_seq_id 
_struct_sheet_range.pdbx_end_PDB_ins_code 
_struct_sheet_range.beg_auth_comp_id 
_struct_sheet_range.beg_auth_asym_id 
_struct_sheet_range.beg_auth_seq_id 
_struct_sheet_range.end_auth_comp_id 
_struct_sheet_range.end_auth_asym_id 
_struct_sheet_range.end_auth_seq_id 
A 1 VAL A 90  ? ILE A 93  ? VAL E 91  ILE E 94  
A 2 LYS A 79  ? ASN A 84  ? LYS E 80  ASN E 85  
A 3 ARG A 67  ? SER A 76  ? ARG E 68  SER E 77  
A 4 GLY A 49  ? ARG A 55  ? GLY E 50  ARG E 56  
A 5 GLN A 108 ? TRP A 109 ? GLN E 109 TRP E 110 
B 1 PHE B 58  ? ILE B 60  ? PHE I 60  ILE I 62  
B 2 ILE B 45  ? TRP B 53  ? ILE I 47  TRP I 55  
B 3 TRP B 66  ? THR B 67  ? TRP I 68  THR I 69  
C 1 PHE B 58  ? ILE B 60  ? PHE I 60  ILE I 62  
C 2 ILE B 45  ? TRP B 53  ? ILE I 47  TRP I 55  
C 3 ALA B 99  ? LEU B 104 ? ALA I 101 LEU I 106 
# 
loop_
_pdbx_struct_sheet_hbond.sheet_id 
_pdbx_struct_sheet_hbond.range_id_1 
_pdbx_struct_sheet_hbond.range_id_2 
_pdbx_struct_sheet_hbond.range_1_label_atom_id 
_pdbx_struct_sheet_hbond.range_1_label_comp_id 
_pdbx_struct_sheet_hbond.range_1_label_asym_id 
_pdbx_struct_sheet_hbond.range_1_label_seq_id 
_pdbx_struct_sheet_hbond.range_1_PDB_ins_code 
_pdbx_struct_sheet_hbond.range_1_auth_atom_id 
_pdbx_struct_sheet_hbond.range_1_auth_comp_id 
_pdbx_struct_sheet_hbond.range_1_auth_asym_id 
_pdbx_struct_sheet_hbond.range_1_auth_seq_id 
_pdbx_struct_sheet_hbond.range_2_label_atom_id 
_pdbx_struct_sheet_hbond.range_2_label_comp_id 
_pdbx_struct_sheet_hbond.range_2_label_asym_id 
_pdbx_struct_sheet_hbond.range_2_label_seq_id 
_pdbx_struct_sheet_hbond.range_2_PDB_ins_code 
_pdbx_struct_sheet_hbond.range_2_auth_atom_id 
_pdbx_struct_sheet_hbond.range_2_auth_comp_id 
_pdbx_struct_sheet_hbond.range_2_auth_asym_id 
_pdbx_struct_sheet_hbond.range_2_auth_seq_id 
A 1 2 O THR A 91 ? O THR E 92 N VAL A 82  ? N VAL E 83  
A 2 3 O LYS A 79 ? O LYS E 80 N SER A 76  ? N SER E 77  
A 3 4 O ASP A 69 ? O ASP E 70 N ASP A 53  ? N ASP E 54  
A 4 5 N THR A 50 ? N THR E 51 O GLN A 108 ? O GLN E 109 
B 1 2 O ARG B 59 ? O ARG I 61 N HIS B 52  ? N HIS I 54  
B 2 3 N ILE B 48 ? N ILE I 50 O TRP B 66  ? O TRP I 68  
C 1 2 O ARG B 59 ? O ARG I 61 N HIS B 52  ? N HIS I 54  
C 2 3 N GLY B 47 ? N GLY I 49 O THR B 103 ? O THR I 105 
# 
_pdbx_entry_details.entry_id                   2DFX 
_pdbx_entry_details.compound_details           ? 
_pdbx_entry_details.source_details             ? 
_pdbx_entry_details.nonpolymer_details         ? 
_pdbx_entry_details.sequence_details           ? 
_pdbx_entry_details.has_ligand_of_interest     ? 
_pdbx_entry_details.has_protein_modification   N 
# 
loop_
_pdbx_validate_torsion.id 
_pdbx_validate_torsion.PDB_model_num 
_pdbx_validate_torsion.auth_comp_id 
_pdbx_validate_torsion.auth_asym_id 
_pdbx_validate_torsion.auth_seq_id 
_pdbx_validate_torsion.PDB_ins_code 
_pdbx_validate_torsion.label_alt_id 
_pdbx_validate_torsion.phi 
_pdbx_validate_torsion.psi 
1 1 SER E 52 ? ? -153.75 -157.77 
2 1 ASN E 69 ? ? -151.57 63.05   
3 1 ALA I 24 ? ? 58.13   8.60    
4 1 SER I 25 ? ? -138.30 -42.86  
5 1 ASN I 57 ? ? 50.84   70.03   
# 
loop_
_pdbx_unobs_or_zero_occ_residues.id 
_pdbx_unobs_or_zero_occ_residues.PDB_model_num 
_pdbx_unobs_or_zero_occ_residues.polymer_flag 
_pdbx_unobs_or_zero_occ_residues.occupancy_flag 
_pdbx_unobs_or_zero_occ_residues.auth_asym_id 
_pdbx_unobs_or_zero_occ_residues.auth_comp_id 
_pdbx_unobs_or_zero_occ_residues.auth_seq_id 
_pdbx_unobs_or_zero_occ_residues.PDB_ins_code 
_pdbx_unobs_or_zero_occ_residues.label_asym_id 
_pdbx_unobs_or_zero_occ_residues.label_comp_id 
_pdbx_unobs_or_zero_occ_residues.label_seq_id 
1  1 Y 1 E ALA 2   ? A ALA 1   
2  1 Y 1 E GLU 3   ? A GLU 2   
3  1 Y 1 E GLY 4   ? A GLY 3   
4  1 Y 1 E LYS 5   ? A LYS 4   
5  1 Y 1 E LEU 6   ? A LEU 5   
6  1 Y 1 E ASN 7   ? A ASN 6   
7  1 Y 1 E ASP 8   ? A ASP 7   
8  1 Y 1 E GLU 9   ? A GLU 8   
9  1 Y 1 E LEU 10  ? A LEU 9   
10 1 Y 1 E ALA 11  ? A ALA 10  
11 1 Y 1 E LYS 12  ? A LYS 11  
12 1 Y 1 E ASN 13  ? A ASN 12  
13 1 Y 1 E LYS 14  ? A LYS 13  
14 1 Y 1 E GLY 15  ? A GLY 14  
15 1 Y 1 E LYS 16  ? A LYS 15  
16 1 Y 1 E ILE 17  ? A ILE 16  
17 1 Y 1 E PRO 18  ? A PRO 17  
18 1 Y 1 E GLY 19  ? A GLY 18  
19 1 Y 1 E ASN 112 ? A ASN 111 
20 1 Y 1 E LYS 113 ? A LYS 112 
21 1 Y 1 E ASN 114 ? A ASN 113 
22 1 Y 1 E ASP 115 ? A ASP 114 
23 1 Y 1 E GLN 116 ? A GLN 115 
# 
loop_
_chem_comp_atom.comp_id 
_chem_comp_atom.atom_id 
_chem_comp_atom.type_symbol 
_chem_comp_atom.pdbx_aromatic_flag 
_chem_comp_atom.pdbx_stereo_config 
_chem_comp_atom.pdbx_ordinal 
ALA N    N N N 1   
ALA CA   C N S 2   
ALA C    C N N 3   
ALA O    O N N 4   
ALA CB   C N N 5   
ALA OXT  O N N 6   
ALA H    H N N 7   
ALA H2   H N N 8   
ALA HA   H N N 9   
ALA HB1  H N N 10  
ALA HB2  H N N 11  
ALA HB3  H N N 12  
ALA HXT  H N N 13  
ARG N    N N N 14  
ARG CA   C N S 15  
ARG C    C N N 16  
ARG O    O N N 17  
ARG CB   C N N 18  
ARG CG   C N N 19  
ARG CD   C N N 20  
ARG NE   N N N 21  
ARG CZ   C N N 22  
ARG NH1  N N N 23  
ARG NH2  N N N 24  
ARG OXT  O N N 25  
ARG H    H N N 26  
ARG H2   H N N 27  
ARG HA   H N N 28  
ARG HB2  H N N 29  
ARG HB3  H N N 30  
ARG HG2  H N N 31  
ARG HG3  H N N 32  
ARG HD2  H N N 33  
ARG HD3  H N N 34  
ARG HE   H N N 35  
ARG HH11 H N N 36  
ARG HH12 H N N 37  
ARG HH21 H N N 38  
ARG HH22 H N N 39  
ARG HXT  H N N 40  
ASN N    N N N 41  
ASN CA   C N S 42  
ASN C    C N N 43  
ASN O    O N N 44  
ASN CB   C N N 45  
ASN CG   C N N 46  
ASN OD1  O N N 47  
ASN ND2  N N N 48  
ASN OXT  O N N 49  
ASN H    H N N 50  
ASN H2   H N N 51  
ASN HA   H N N 52  
ASN HB2  H N N 53  
ASN HB3  H N N 54  
ASN HD21 H N N 55  
ASN HD22 H N N 56  
ASN HXT  H N N 57  
ASP N    N N N 58  
ASP CA   C N S 59  
ASP C    C N N 60  
ASP O    O N N 61  
ASP CB   C N N 62  
ASP CG   C N N 63  
ASP OD1  O N N 64  
ASP OD2  O N N 65  
ASP OXT  O N N 66  
ASP H    H N N 67  
ASP H2   H N N 68  
ASP HA   H N N 69  
ASP HB2  H N N 70  
ASP HB3  H N N 71  
ASP HD2  H N N 72  
ASP HXT  H N N 73  
CYS N    N N N 74  
CYS CA   C N R 75  
CYS C    C N N 76  
CYS O    O N N 77  
CYS CB   C N N 78  
CYS SG   S N N 79  
CYS OXT  O N N 80  
CYS H    H N N 81  
CYS H2   H N N 82  
CYS HA   H N N 83  
CYS HB2  H N N 84  
CYS HB3  H N N 85  
CYS HG   H N N 86  
CYS HXT  H N N 87  
GLN N    N N N 88  
GLN CA   C N S 89  
GLN C    C N N 90  
GLN O    O N N 91  
GLN CB   C N N 92  
GLN CG   C N N 93  
GLN CD   C N N 94  
GLN OE1  O N N 95  
GLN NE2  N N N 96  
GLN OXT  O N N 97  
GLN H    H N N 98  
GLN H2   H N N 99  
GLN HA   H N N 100 
GLN HB2  H N N 101 
GLN HB3  H N N 102 
GLN HG2  H N N 103 
GLN HG3  H N N 104 
GLN HE21 H N N 105 
GLN HE22 H N N 106 
GLN HXT  H N N 107 
GLU N    N N N 108 
GLU CA   C N S 109 
GLU C    C N N 110 
GLU O    O N N 111 
GLU CB   C N N 112 
GLU CG   C N N 113 
GLU CD   C N N 114 
GLU OE1  O N N 115 
GLU OE2  O N N 116 
GLU OXT  O N N 117 
GLU H    H N N 118 
GLU H2   H N N 119 
GLU HA   H N N 120 
GLU HB2  H N N 121 
GLU HB3  H N N 122 
GLU HG2  H N N 123 
GLU HG3  H N N 124 
GLU HE2  H N N 125 
GLU HXT  H N N 126 
GLY N    N N N 127 
GLY CA   C N N 128 
GLY C    C N N 129 
GLY O    O N N 130 
GLY OXT  O N N 131 
GLY H    H N N 132 
GLY H2   H N N 133 
GLY HA2  H N N 134 
GLY HA3  H N N 135 
GLY HXT  H N N 136 
HIS N    N N N 137 
HIS CA   C N S 138 
HIS C    C N N 139 
HIS O    O N N 140 
HIS CB   C N N 141 
HIS CG   C Y N 142 
HIS ND1  N Y N 143 
HIS CD2  C Y N 144 
HIS CE1  C Y N 145 
HIS NE2  N Y N 146 
HIS OXT  O N N 147 
HIS H    H N N 148 
HIS H2   H N N 149 
HIS HA   H N N 150 
HIS HB2  H N N 151 
HIS HB3  H N N 152 
HIS HD1  H N N 153 
HIS HD2  H N N 154 
HIS HE1  H N N 155 
HIS HE2  H N N 156 
HIS HXT  H N N 157 
HOH O    O N N 158 
HOH H1   H N N 159 
HOH H2   H N N 160 
ILE N    N N N 161 
ILE CA   C N S 162 
ILE C    C N N 163 
ILE O    O N N 164 
ILE CB   C N S 165 
ILE CG1  C N N 166 
ILE CG2  C N N 167 
ILE CD1  C N N 168 
ILE OXT  O N N 169 
ILE H    H N N 170 
ILE H2   H N N 171 
ILE HA   H N N 172 
ILE HB   H N N 173 
ILE HG12 H N N 174 
ILE HG13 H N N 175 
ILE HG21 H N N 176 
ILE HG22 H N N 177 
ILE HG23 H N N 178 
ILE HD11 H N N 179 
ILE HD12 H N N 180 
ILE HD13 H N N 181 
ILE HXT  H N N 182 
LEU N    N N N 183 
LEU CA   C N S 184 
LEU C    C N N 185 
LEU O    O N N 186 
LEU CB   C N N 187 
LEU CG   C N N 188 
LEU CD1  C N N 189 
LEU CD2  C N N 190 
LEU OXT  O N N 191 
LEU H    H N N 192 
LEU H2   H N N 193 
LEU HA   H N N 194 
LEU HB2  H N N 195 
LEU HB3  H N N 196 
LEU HG   H N N 197 
LEU HD11 H N N 198 
LEU HD12 H N N 199 
LEU HD13 H N N 200 
LEU HD21 H N N 201 
LEU HD22 H N N 202 
LEU HD23 H N N 203 
LEU HXT  H N N 204 
LYS N    N N N 205 
LYS CA   C N S 206 
LYS C    C N N 207 
LYS O    O N N 208 
LYS CB   C N N 209 
LYS CG   C N N 210 
LYS CD   C N N 211 
LYS CE   C N N 212 
LYS NZ   N N N 213 
LYS OXT  O N N 214 
LYS H    H N N 215 
LYS H2   H N N 216 
LYS HA   H N N 217 
LYS HB2  H N N 218 
LYS HB3  H N N 219 
LYS HG2  H N N 220 
LYS HG3  H N N 221 
LYS HD2  H N N 222 
LYS HD3  H N N 223 
LYS HE2  H N N 224 
LYS HE3  H N N 225 
LYS HZ1  H N N 226 
LYS HZ2  H N N 227 
LYS HZ3  H N N 228 
LYS HXT  H N N 229 
MET N    N N N 230 
MET CA   C N S 231 
MET C    C N N 232 
MET O    O N N 233 
MET CB   C N N 234 
MET CG   C N N 235 
MET SD   S N N 236 
MET CE   C N N 237 
MET OXT  O N N 238 
MET H    H N N 239 
MET H2   H N N 240 
MET HA   H N N 241 
MET HB2  H N N 242 
MET HB3  H N N 243 
MET HG2  H N N 244 
MET HG3  H N N 245 
MET HE1  H N N 246 
MET HE2  H N N 247 
MET HE3  H N N 248 
MET HXT  H N N 249 
PHE N    N N N 250 
PHE CA   C N S 251 
PHE C    C N N 252 
PHE O    O N N 253 
PHE CB   C N N 254 
PHE CG   C Y N 255 
PHE CD1  C Y N 256 
PHE CD2  C Y N 257 
PHE CE1  C Y N 258 
PHE CE2  C Y N 259 
PHE CZ   C Y N 260 
PHE OXT  O N N 261 
PHE H    H N N 262 
PHE H2   H N N 263 
PHE HA   H N N 264 
PHE HB2  H N N 265 
PHE HB3  H N N 266 
PHE HD1  H N N 267 
PHE HD2  H N N 268 
PHE HE1  H N N 269 
PHE HE2  H N N 270 
PHE HZ   H N N 271 
PHE HXT  H N N 272 
PRO N    N N N 273 
PRO CA   C N S 274 
PRO C    C N N 275 
PRO O    O N N 276 
PRO CB   C N N 277 
PRO CG   C N N 278 
PRO CD   C N N 279 
PRO OXT  O N N 280 
PRO H    H N N 281 
PRO HA   H N N 282 
PRO HB2  H N N 283 
PRO HB3  H N N 284 
PRO HG2  H N N 285 
PRO HG3  H N N 286 
PRO HD2  H N N 287 
PRO HD3  H N N 288 
PRO HXT  H N N 289 
SER N    N N N 290 
SER CA   C N S 291 
SER C    C N N 292 
SER O    O N N 293 
SER CB   C N N 294 
SER OG   O N N 295 
SER OXT  O N N 296 
SER H    H N N 297 
SER H2   H N N 298 
SER HA   H N N 299 
SER HB2  H N N 300 
SER HB3  H N N 301 
SER HG   H N N 302 
SER HXT  H N N 303 
THR N    N N N 304 
THR CA   C N S 305 
THR C    C N N 306 
THR O    O N N 307 
THR CB   C N R 308 
THR OG1  O N N 309 
THR CG2  C N N 310 
THR OXT  O N N 311 
THR H    H N N 312 
THR H2   H N N 313 
THR HA   H N N 314 
THR HB   H N N 315 
THR HG1  H N N 316 
THR HG21 H N N 317 
THR HG22 H N N 318 
THR HG23 H N N 319 
THR HXT  H N N 320 
TRP N    N N N 321 
TRP CA   C N S 322 
TRP C    C N N 323 
TRP O    O N N 324 
TRP CB   C N N 325 
TRP CG   C Y N 326 
TRP CD1  C Y N 327 
TRP CD2  C Y N 328 
TRP NE1  N Y N 329 
TRP CE2  C Y N 330 
TRP CE3  C Y N 331 
TRP CZ2  C Y N 332 
TRP CZ3  C Y N 333 
TRP CH2  C Y N 334 
TRP OXT  O N N 335 
TRP H    H N N 336 
TRP H2   H N N 337 
TRP HA   H N N 338 
TRP HB2  H N N 339 
TRP HB3  H N N 340 
TRP HD1  H N N 341 
TRP HE1  H N N 342 
TRP HE3  H N N 343 
TRP HZ2  H N N 344 
TRP HZ3  H N N 345 
TRP HH2  H N N 346 
TRP HXT  H N N 347 
TYR N    N N N 348 
TYR CA   C N S 349 
TYR C    C N N 350 
TYR O    O N N 351 
TYR CB   C N N 352 
TYR CG   C Y N 353 
TYR CD1  C Y N 354 
TYR CD2  C Y N 355 
TYR CE1  C Y N 356 
TYR CE2  C Y N 357 
TYR CZ   C Y N 358 
TYR OH   O N N 359 
TYR OXT  O N N 360 
TYR H    H N N 361 
TYR H2   H N N 362 
TYR HA   H N N 363 
TYR HB2  H N N 364 
TYR HB3  H N N 365 
TYR HD1  H N N 366 
TYR HD2  H N N 367 
TYR HE1  H N N 368 
TYR HE2  H N N 369 
TYR HH   H N N 370 
TYR HXT  H N N 371 
VAL N    N N N 372 
VAL CA   C N S 373 
VAL C    C N N 374 
VAL O    O N N 375 
VAL CB   C N N 376 
VAL CG1  C N N 377 
VAL CG2  C N N 378 
VAL OXT  O N N 379 
VAL H    H N N 380 
VAL H2   H N N 381 
VAL HA   H N N 382 
VAL HB   H N N 383 
VAL HG11 H N N 384 
VAL HG12 H N N 385 
VAL HG13 H N N 386 
VAL HG21 H N N 387 
VAL HG22 H N N 388 
VAL HG23 H N N 389 
VAL HXT  H N N 390 
# 
loop_
_chem_comp_bond.comp_id 
_chem_comp_bond.atom_id_1 
_chem_comp_bond.atom_id_2 
_chem_comp_bond.value_order 
_chem_comp_bond.pdbx_aromatic_flag 
_chem_comp_bond.pdbx_stereo_config 
_chem_comp_bond.pdbx_ordinal 
ALA N   CA   sing N N 1   
ALA N   H    sing N N 2   
ALA N   H2   sing N N 3   
ALA CA  C    sing N N 4   
ALA CA  CB   sing N N 5   
ALA CA  HA   sing N N 6   
ALA C   O    doub N N 7   
ALA C   OXT  sing N N 8   
ALA CB  HB1  sing N N 9   
ALA CB  HB2  sing N N 10  
ALA CB  HB3  sing N N 11  
ALA OXT HXT  sing N N 12  
ARG N   CA   sing N N 13  
ARG N   H    sing N N 14  
ARG N   H2   sing N N 15  
ARG CA  C    sing N N 16  
ARG CA  CB   sing N N 17  
ARG CA  HA   sing N N 18  
ARG C   O    doub N N 19  
ARG C   OXT  sing N N 20  
ARG CB  CG   sing N N 21  
ARG CB  HB2  sing N N 22  
ARG CB  HB3  sing N N 23  
ARG CG  CD   sing N N 24  
ARG CG  HG2  sing N N 25  
ARG CG  HG3  sing N N 26  
ARG CD  NE   sing N N 27  
ARG CD  HD2  sing N N 28  
ARG CD  HD3  sing N N 29  
ARG NE  CZ   sing N N 30  
ARG NE  HE   sing N N 31  
ARG CZ  NH1  sing N N 32  
ARG CZ  NH2  doub N N 33  
ARG NH1 HH11 sing N N 34  
ARG NH1 HH12 sing N N 35  
ARG NH2 HH21 sing N N 36  
ARG NH2 HH22 sing N N 37  
ARG OXT HXT  sing N N 38  
ASN N   CA   sing N N 39  
ASN N   H    sing N N 40  
ASN N   H2   sing N N 41  
ASN CA  C    sing N N 42  
ASN CA  CB   sing N N 43  
ASN CA  HA   sing N N 44  
ASN C   O    doub N N 45  
ASN C   OXT  sing N N 46  
ASN CB  CG   sing N N 47  
ASN CB  HB2  sing N N 48  
ASN CB  HB3  sing N N 49  
ASN CG  OD1  doub N N 50  
ASN CG  ND2  sing N N 51  
ASN ND2 HD21 sing N N 52  
ASN ND2 HD22 sing N N 53  
ASN OXT HXT  sing N N 54  
ASP N   CA   sing N N 55  
ASP N   H    sing N N 56  
ASP N   H2   sing N N 57  
ASP CA  C    sing N N 58  
ASP CA  CB   sing N N 59  
ASP CA  HA   sing N N 60  
ASP C   O    doub N N 61  
ASP C   OXT  sing N N 62  
ASP CB  CG   sing N N 63  
ASP CB  HB2  sing N N 64  
ASP CB  HB3  sing N N 65  
ASP CG  OD1  doub N N 66  
ASP CG  OD2  sing N N 67  
ASP OD2 HD2  sing N N 68  
ASP OXT HXT  sing N N 69  
CYS N   CA   sing N N 70  
CYS N   H    sing N N 71  
CYS N   H2   sing N N 72  
CYS CA  C    sing N N 73  
CYS CA  CB   sing N N 74  
CYS CA  HA   sing N N 75  
CYS C   O    doub N N 76  
CYS C   OXT  sing N N 77  
CYS CB  SG   sing N N 78  
CYS CB  HB2  sing N N 79  
CYS CB  HB3  sing N N 80  
CYS SG  HG   sing N N 81  
CYS OXT HXT  sing N N 82  
GLN N   CA   sing N N 83  
GLN N   H    sing N N 84  
GLN N   H2   sing N N 85  
GLN CA  C    sing N N 86  
GLN CA  CB   sing N N 87  
GLN CA  HA   sing N N 88  
GLN C   O    doub N N 89  
GLN C   OXT  sing N N 90  
GLN CB  CG   sing N N 91  
GLN CB  HB2  sing N N 92  
GLN CB  HB3  sing N N 93  
GLN CG  CD   sing N N 94  
GLN CG  HG2  sing N N 95  
GLN CG  HG3  sing N N 96  
GLN CD  OE1  doub N N 97  
GLN CD  NE2  sing N N 98  
GLN NE2 HE21 sing N N 99  
GLN NE2 HE22 sing N N 100 
GLN OXT HXT  sing N N 101 
GLU N   CA   sing N N 102 
GLU N   H    sing N N 103 
GLU N   H2   sing N N 104 
GLU CA  C    sing N N 105 
GLU CA  CB   sing N N 106 
GLU CA  HA   sing N N 107 
GLU C   O    doub N N 108 
GLU C   OXT  sing N N 109 
GLU CB  CG   sing N N 110 
GLU CB  HB2  sing N N 111 
GLU CB  HB3  sing N N 112 
GLU CG  CD   sing N N 113 
GLU CG  HG2  sing N N 114 
GLU CG  HG3  sing N N 115 
GLU CD  OE1  doub N N 116 
GLU CD  OE2  sing N N 117 
GLU OE2 HE2  sing N N 118 
GLU OXT HXT  sing N N 119 
GLY N   CA   sing N N 120 
GLY N   H    sing N N 121 
GLY N   H2   sing N N 122 
GLY CA  C    sing N N 123 
GLY CA  HA2  sing N N 124 
GLY CA  HA3  sing N N 125 
GLY C   O    doub N N 126 
GLY C   OXT  sing N N 127 
GLY OXT HXT  sing N N 128 
HIS N   CA   sing N N 129 
HIS N   H    sing N N 130 
HIS N   H2   sing N N 131 
HIS CA  C    sing N N 132 
HIS CA  CB   sing N N 133 
HIS CA  HA   sing N N 134 
HIS C   O    doub N N 135 
HIS C   OXT  sing N N 136 
HIS CB  CG   sing N N 137 
HIS CB  HB2  sing N N 138 
HIS CB  HB3  sing N N 139 
HIS CG  ND1  sing Y N 140 
HIS CG  CD2  doub Y N 141 
HIS ND1 CE1  doub Y N 142 
HIS ND1 HD1  sing N N 143 
HIS CD2 NE2  sing Y N 144 
HIS CD2 HD2  sing N N 145 
HIS CE1 NE2  sing Y N 146 
HIS CE1 HE1  sing N N 147 
HIS NE2 HE2  sing N N 148 
HIS OXT HXT  sing N N 149 
HOH O   H1   sing N N 150 
HOH O   H2   sing N N 151 
ILE N   CA   sing N N 152 
ILE N   H    sing N N 153 
ILE N   H2   sing N N 154 
ILE CA  C    sing N N 155 
ILE CA  CB   sing N N 156 
ILE CA  HA   sing N N 157 
ILE C   O    doub N N 158 
ILE C   OXT  sing N N 159 
ILE CB  CG1  sing N N 160 
ILE CB  CG2  sing N N 161 
ILE CB  HB   sing N N 162 
ILE CG1 CD1  sing N N 163 
ILE CG1 HG12 sing N N 164 
ILE CG1 HG13 sing N N 165 
ILE CG2 HG21 sing N N 166 
ILE CG2 HG22 sing N N 167 
ILE CG2 HG23 sing N N 168 
ILE CD1 HD11 sing N N 169 
ILE CD1 HD12 sing N N 170 
ILE CD1 HD13 sing N N 171 
ILE OXT HXT  sing N N 172 
LEU N   CA   sing N N 173 
LEU N   H    sing N N 174 
LEU N   H2   sing N N 175 
LEU CA  C    sing N N 176 
LEU CA  CB   sing N N 177 
LEU CA  HA   sing N N 178 
LEU C   O    doub N N 179 
LEU C   OXT  sing N N 180 
LEU CB  CG   sing N N 181 
LEU CB  HB2  sing N N 182 
LEU CB  HB3  sing N N 183 
LEU CG  CD1  sing N N 184 
LEU CG  CD2  sing N N 185 
LEU CG  HG   sing N N 186 
LEU CD1 HD11 sing N N 187 
LEU CD1 HD12 sing N N 188 
LEU CD1 HD13 sing N N 189 
LEU CD2 HD21 sing N N 190 
LEU CD2 HD22 sing N N 191 
LEU CD2 HD23 sing N N 192 
LEU OXT HXT  sing N N 193 
LYS N   CA   sing N N 194 
LYS N   H    sing N N 195 
LYS N   H2   sing N N 196 
LYS CA  C    sing N N 197 
LYS CA  CB   sing N N 198 
LYS CA  HA   sing N N 199 
LYS C   O    doub N N 200 
LYS C   OXT  sing N N 201 
LYS CB  CG   sing N N 202 
LYS CB  HB2  sing N N 203 
LYS CB  HB3  sing N N 204 
LYS CG  CD   sing N N 205 
LYS CG  HG2  sing N N 206 
LYS CG  HG3  sing N N 207 
LYS CD  CE   sing N N 208 
LYS CD  HD2  sing N N 209 
LYS CD  HD3  sing N N 210 
LYS CE  NZ   sing N N 211 
LYS CE  HE2  sing N N 212 
LYS CE  HE3  sing N N 213 
LYS NZ  HZ1  sing N N 214 
LYS NZ  HZ2  sing N N 215 
LYS NZ  HZ3  sing N N 216 
LYS OXT HXT  sing N N 217 
MET N   CA   sing N N 218 
MET N   H    sing N N 219 
MET N   H2   sing N N 220 
MET CA  C    sing N N 221 
MET CA  CB   sing N N 222 
MET CA  HA   sing N N 223 
MET C   O    doub N N 224 
MET C   OXT  sing N N 225 
MET CB  CG   sing N N 226 
MET CB  HB2  sing N N 227 
MET CB  HB3  sing N N 228 
MET CG  SD   sing N N 229 
MET CG  HG2  sing N N 230 
MET CG  HG3  sing N N 231 
MET SD  CE   sing N N 232 
MET CE  HE1  sing N N 233 
MET CE  HE2  sing N N 234 
MET CE  HE3  sing N N 235 
MET OXT HXT  sing N N 236 
PHE N   CA   sing N N 237 
PHE N   H    sing N N 238 
PHE N   H2   sing N N 239 
PHE CA  C    sing N N 240 
PHE CA  CB   sing N N 241 
PHE CA  HA   sing N N 242 
PHE C   O    doub N N 243 
PHE C   OXT  sing N N 244 
PHE CB  CG   sing N N 245 
PHE CB  HB2  sing N N 246 
PHE CB  HB3  sing N N 247 
PHE CG  CD1  doub Y N 248 
PHE CG  CD2  sing Y N 249 
PHE CD1 CE1  sing Y N 250 
PHE CD1 HD1  sing N N 251 
PHE CD2 CE2  doub Y N 252 
PHE CD2 HD2  sing N N 253 
PHE CE1 CZ   doub Y N 254 
PHE CE1 HE1  sing N N 255 
PHE CE2 CZ   sing Y N 256 
PHE CE2 HE2  sing N N 257 
PHE CZ  HZ   sing N N 258 
PHE OXT HXT  sing N N 259 
PRO N   CA   sing N N 260 
PRO N   CD   sing N N 261 
PRO N   H    sing N N 262 
PRO CA  C    sing N N 263 
PRO CA  CB   sing N N 264 
PRO CA  HA   sing N N 265 
PRO C   O    doub N N 266 
PRO C   OXT  sing N N 267 
PRO CB  CG   sing N N 268 
PRO CB  HB2  sing N N 269 
PRO CB  HB3  sing N N 270 
PRO CG  CD   sing N N 271 
PRO CG  HG2  sing N N 272 
PRO CG  HG3  sing N N 273 
PRO CD  HD2  sing N N 274 
PRO CD  HD3  sing N N 275 
PRO OXT HXT  sing N N 276 
SER N   CA   sing N N 277 
SER N   H    sing N N 278 
SER N   H2   sing N N 279 
SER CA  C    sing N N 280 
SER CA  CB   sing N N 281 
SER CA  HA   sing N N 282 
SER C   O    doub N N 283 
SER C   OXT  sing N N 284 
SER CB  OG   sing N N 285 
SER CB  HB2  sing N N 286 
SER CB  HB3  sing N N 287 
SER OG  HG   sing N N 288 
SER OXT HXT  sing N N 289 
THR N   CA   sing N N 290 
THR N   H    sing N N 291 
THR N   H2   sing N N 292 
THR CA  C    sing N N 293 
THR CA  CB   sing N N 294 
THR CA  HA   sing N N 295 
THR C   O    doub N N 296 
THR C   OXT  sing N N 297 
THR CB  OG1  sing N N 298 
THR CB  CG2  sing N N 299 
THR CB  HB   sing N N 300 
THR OG1 HG1  sing N N 301 
THR CG2 HG21 sing N N 302 
THR CG2 HG22 sing N N 303 
THR CG2 HG23 sing N N 304 
THR OXT HXT  sing N N 305 
TRP N   CA   sing N N 306 
TRP N   H    sing N N 307 
TRP N   H2   sing N N 308 
TRP CA  C    sing N N 309 
TRP CA  CB   sing N N 310 
TRP CA  HA   sing N N 311 
TRP C   O    doub N N 312 
TRP C   OXT  sing N N 313 
TRP CB  CG   sing N N 314 
TRP CB  HB2  sing N N 315 
TRP CB  HB3  sing N N 316 
TRP CG  CD1  doub Y N 317 
TRP CG  CD2  sing Y N 318 
TRP CD1 NE1  sing Y N 319 
TRP CD1 HD1  sing N N 320 
TRP CD2 CE2  doub Y N 321 
TRP CD2 CE3  sing Y N 322 
TRP NE1 CE2  sing Y N 323 
TRP NE1 HE1  sing N N 324 
TRP CE2 CZ2  sing Y N 325 
TRP CE3 CZ3  doub Y N 326 
TRP CE3 HE3  sing N N 327 
TRP CZ2 CH2  doub Y N 328 
TRP CZ2 HZ2  sing N N 329 
TRP CZ3 CH2  sing Y N 330 
TRP CZ3 HZ3  sing N N 331 
TRP CH2 HH2  sing N N 332 
TRP OXT HXT  sing N N 333 
TYR N   CA   sing N N 334 
TYR N   H    sing N N 335 
TYR N   H2   sing N N 336 
TYR CA  C    sing N N 337 
TYR CA  CB   sing N N 338 
TYR CA  HA   sing N N 339 
TYR C   O    doub N N 340 
TYR C   OXT  sing N N 341 
TYR CB  CG   sing N N 342 
TYR CB  HB2  sing N N 343 
TYR CB  HB3  sing N N 344 
TYR CG  CD1  doub Y N 345 
TYR CG  CD2  sing Y N 346 
TYR CD1 CE1  sing Y N 347 
TYR CD1 HD1  sing N N 348 
TYR CD2 CE2  doub Y N 349 
TYR CD2 HD2  sing N N 350 
TYR CE1 CZ   doub Y N 351 
TYR CE1 HE1  sing N N 352 
TYR CE2 CZ   sing Y N 353 
TYR CE2 HE2  sing N N 354 
TYR CZ  OH   sing N N 355 
TYR OH  HH   sing N N 356 
TYR OXT HXT  sing N N 357 
VAL N   CA   sing N N 358 
VAL N   H    sing N N 359 
VAL N   H2   sing N N 360 
VAL CA  C    sing N N 361 
VAL CA  CB   sing N N 362 
VAL CA  HA   sing N N 363 
VAL C   O    doub N N 364 
VAL C   OXT  sing N N 365 
VAL CB  CG1  sing N N 366 
VAL CB  CG2  sing N N 367 
VAL CB  HB   sing N N 368 
VAL CG1 HG11 sing N N 369 
VAL CG1 HG12 sing N N 370 
VAL CG1 HG13 sing N N 371 
VAL CG2 HG21 sing N N 372 
VAL CG2 HG22 sing N N 373 
VAL CG2 HG23 sing N N 374 
VAL OXT HXT  sing N N 375 
# 
_atom_sites.entry_id                    2DFX 
_atom_sites.fract_transf_matrix[1][1]   0.00538154 
_atom_sites.fract_transf_matrix[1][2]   0.01247172 
_atom_sites.fract_transf_matrix[1][3]   0.00796835 
_atom_sites.fract_transf_matrix[2][1]   -0.00855241 
_atom_sites.fract_transf_matrix[2][2]   -0.00270513 
_atom_sites.fract_transf_matrix[2][3]   0.01000995 
_atom_sites.fract_transf_matrix[3][1]   0.00621984 
_atom_sites.fract_transf_matrix[3][2]   -0.00518406 
_atom_sites.fract_transf_matrix[3][3]   0.00391321 
_atom_sites.fract_transf_vector[1]      0.167889 
_atom_sites.fract_transf_vector[2]      -0.155478 
_atom_sites.fract_transf_vector[3]      0.151056 
# 
loop_
_atom_type.symbol 
C 
N 
O 
S 
# 
loop_
_atom_site.group_PDB 
_atom_site.id 
_atom_site.type_symbol 
_atom_site.label_atom_id 
_atom_site.label_alt_id 
_atom_site.label_comp_id 
_atom_site.label_asym_id 
_atom_site.label_entity_id 
_atom_site.label_seq_id 
_atom_site.pdbx_PDB_ins_code 
_atom_site.Cartn_x 
_atom_site.Cartn_y 
_atom_site.Cartn_z 
_atom_site.occupancy 
_atom_site.B_iso_or_equiv 
_atom_site.pdbx_formal_charge 
_atom_site.auth_seq_id 
_atom_site.auth_comp_id 
_atom_site.auth_asym_id 
_atom_site.auth_atom_id 
_atom_site.pdbx_PDB_model_num 
ATOM   1    N N   . LEU A 1 19  ? -1.083  10.386  15.980  1.00 23.94 ? 20  LEU E N   1 
ATOM   2    C CA  . LEU A 1 19  ? -0.984  9.564   14.739  1.00 22.87 ? 20  LEU E CA  1 
ATOM   3    C C   . LEU A 1 19  ? 0.440   9.110   14.467  1.00 21.86 ? 20  LEU E C   1 
ATOM   4    O O   . LEU A 1 19  ? 1.393   9.859   14.670  1.00 23.08 ? 20  LEU E O   1 
ATOM   5    C CB  . LEU A 1 19  ? -1.488  10.355  13.528  1.00 24.51 ? 20  LEU E CB  1 
ATOM   6    C CG  . LEU A 1 19  ? -2.996  10.540  13.373  1.00 26.42 ? 20  LEU E CG  1 
ATOM   7    C CD1 . LEU A 1 19  ? -3.285  11.451  12.185  1.00 27.86 ? 20  LEU E CD1 1 
ATOM   8    C CD2 . LEU A 1 19  ? -3.651  9.181   13.179  1.00 26.40 ? 20  LEU E CD2 1 
ATOM   9    N N   . LYS A 1 20  ? 0.572   7.876   13.999  1.00 20.45 ? 21  LYS E N   1 
ATOM   10   C CA  . LYS A 1 20  ? 1.869   7.308   13.669  1.00 20.27 ? 21  LYS E CA  1 
ATOM   11   C C   . LYS A 1 20  ? 1.873   7.092   12.158  1.00 19.59 ? 21  LYS E C   1 
ATOM   12   O O   . LYS A 1 20  ? 0.986   6.434   11.623  1.00 17.76 ? 21  LYS E O   1 
ATOM   13   C CB  . LYS A 1 20  ? 2.061   5.967   14.384  1.00 22.83 ? 21  LYS E CB  1 
ATOM   14   C CG  . LYS A 1 20  ? 3.513   5.535   14.538  1.00 29.43 ? 21  LYS E CG  1 
ATOM   15   C CD  . LYS A 1 20  ? 4.243   5.476   13.203  1.00 33.39 ? 21  LYS E CD  1 
ATOM   16   C CE  . LYS A 1 20  ? 5.702   5.090   13.386  1.00 34.70 ? 21  LYS E CE  1 
ATOM   17   N NZ  . LYS A 1 20  ? 6.418   5.008   12.083  1.00 36.77 ? 21  LYS E NZ  1 
ATOM   18   N N   . ILE A 1 21  ? 2.860   7.662   11.474  1.00 17.16 ? 22  ILE E N   1 
ATOM   19   C CA  . ILE A 1 21  ? 2.965   7.514   10.028  1.00 16.64 ? 22  ILE E CA  1 
ATOM   20   C C   . ILE A 1 21  ? 4.334   6.935   9.697   1.00 15.83 ? 22  ILE E C   1 
ATOM   21   O O   . ILE A 1 21  ? 5.355   7.593   9.897   1.00 15.80 ? 22  ILE E O   1 
ATOM   22   C CB  . ILE A 1 21  ? 2.801   8.873   9.310   1.00 18.05 ? 22  ILE E CB  1 
ATOM   23   C CG1 . ILE A 1 21  ? 1.437   9.481   9.651   1.00 19.96 ? 22  ILE E CG1 1 
ATOM   24   C CG2 . ILE A 1 21  ? 2.934   8.690   7.802   1.00 18.97 ? 22  ILE E CG2 1 
ATOM   25   C CD1 . ILE A 1 21  ? 1.175   10.827  9.006   1.00 20.75 ? 22  ILE E CD1 1 
ATOM   26   N N   . ASP A 1 22  ? 4.358   5.702   9.203   1.00 14.12 ? 23  ASP E N   1 
ATOM   27   C CA  . ASP A 1 22  ? 5.627   5.064   8.877   1.00 14.91 ? 23  ASP E CA  1 
ATOM   28   C C   . ASP A 1 22  ? 6.178   5.531   7.537   1.00 14.31 ? 23  ASP E C   1 
ATOM   29   O O   . ASP A 1 22  ? 5.552   6.331   6.840   1.00 13.48 ? 23  ASP E O   1 
ATOM   30   C CB  . ASP A 1 22  ? 5.491   3.533   8.893   1.00 15.40 ? 23  ASP E CB  1 
ATOM   31   C CG  . ASP A 1 22  ? 4.431   3.023   7.938   1.00 17.10 ? 23  ASP E CG  1 
ATOM   32   O OD1 . ASP A 1 22  ? 4.254   3.626   6.859   1.00 16.46 ? 23  ASP E OD1 1 
ATOM   33   O OD2 . ASP A 1 22  ? 3.781   2.006   8.263   1.00 21.16 ? 23  ASP E OD2 1 
ATOM   34   N N   . GLN A 1 23  ? 7.359   5.030   7.184   1.00 13.48 ? 24  GLN E N   1 
ATOM   35   C CA  . GLN A 1 23  ? 8.015   5.401   5.936   1.00 13.23 ? 24  GLN E CA  1 
ATOM   36   C C   . GLN A 1 23  ? 7.193   5.071   4.697   1.00 12.66 ? 24  GLN E C   1 
ATOM   37   O O   . GLN A 1 23  ? 7.201   5.822   3.722   1.00 12.19 ? 24  GLN E O   1 
ATOM   38   C CB  . GLN A 1 23  ? 9.376   4.711   5.836   1.00 14.40 ? 24  GLN E CB  1 
ATOM   39   C CG  . GLN A 1 23  ? 10.421  5.260   6.789   1.00 19.00 ? 24  GLN E CG  1 
ATOM   40   C CD  . GLN A 1 23  ? 11.685  4.417   6.806   1.00 18.55 ? 24  GLN E CD  1 
ATOM   41   O OE1 . GLN A 1 23  ? 12.203  4.037   5.759   1.00 23.36 ? 24  GLN E OE1 1 
ATOM   42   N NE2 . GLN A 1 23  ? 12.191  4.135   7.997   1.00 21.78 ? 24  GLN E NE2 1 
ATOM   43   N N   . LYS A 1 24  ? 6.499   3.938   4.734   1.00 12.58 ? 25  LYS E N   1 
ATOM   44   C CA  . LYS A 1 24  ? 5.673   3.511   3.613   1.00 13.01 ? 25  LYS E CA  1 
ATOM   45   C C   . LYS A 1 24  ? 4.584   4.548   3.330   1.00 12.35 ? 25  LYS E C   1 
ATOM   46   O O   . LYS A 1 24  ? 4.455   5.033   2.204   1.00 12.54 ? 25  LYS E O   1 
ATOM   47   C CB  . LYS A 1 24  ? 5.030   2.154   3.926   1.00 12.15 ? 25  LYS E CB  1 
ATOM   48   C CG  . LYS A 1 24  ? 4.064   1.647   2.857   1.00 13.55 ? 25  LYS E CG  1 
ATOM   49   C CD  . LYS A 1 24  ? 3.372   0.359   3.307   1.00 14.74 ? 25  LYS E CD  1 
ATOM   50   C CE  . LYS A 1 24  ? 2.338   -0.124  2.288   1.00 16.56 ? 25  LYS E CE  1 
ATOM   51   N NZ  . LYS A 1 24  ? 1.714   -1.446  2.668   1.00 14.22 ? 25  LYS E NZ  1 
ATOM   52   N N   . ILE A 1 25  ? 3.803   4.885   4.351   1.00 10.84 ? 26  ILE E N   1 
ATOM   53   C CA  . ILE A 1 25  ? 2.732   5.861   4.179   1.00 11.04 ? 26  ILE E CA  1 
ATOM   54   C C   . ILE A 1 25  ? 3.291   7.225   3.778   1.00 12.04 ? 26  ILE E C   1 
ATOM   55   O O   . ILE A 1 25  ? 2.731   7.902   2.915   1.00 10.34 ? 26  ILE E O   1 
ATOM   56   C CB  . ILE A 1 25  ? 1.893   6.016   5.474   1.00 11.59 ? 26  ILE E CB  1 
ATOM   57   C CG1 . ILE A 1 25  ? 1.241   4.677   5.848   1.00 10.26 ? 26  ILE E CG1 1 
ATOM   58   C CG2 . ILE A 1 25  ? 0.829   7.091   5.280   1.00 13.24 ? 26  ILE E CG2 1 
ATOM   59   C CD1 . ILE A 1 25  ? 0.234   4.161   4.835   1.00 12.88 ? 26  ILE E CD1 1 
ATOM   60   N N   . ARG A 1 26  ? 4.395   7.626   4.401   1.00 13.09 ? 27  ARG E N   1 
ATOM   61   C CA  . ARG A 1 26  ? 5.015   8.909   4.092   1.00 15.42 ? 27  ARG E CA  1 
ATOM   62   C C   . ARG A 1 26  ? 5.396   8.953   2.613   1.00 14.63 ? 27  ARG E C   1 
ATOM   63   O O   . ARG A 1 26  ? 5.256   9.983   1.955   1.00 14.01 ? 27  ARG E O   1 
ATOM   64   C CB  . ARG A 1 26  ? 6.263   9.116   4.959   1.00 18.96 ? 27  ARG E CB  1 
ATOM   65   C CG  . ARG A 1 26  ? 6.917   10.478  4.812   1.00 27.17 ? 27  ARG E CG  1 
ATOM   66   C CD  . ARG A 1 26  ? 6.100   11.580  5.484   1.00 32.14 ? 27  ARG E CD  1 
ATOM   67   N NE  . ARG A 1 26  ? 6.022   11.414  6.935   1.00 36.60 ? 27  ARG E NE  1 
ATOM   68   C CZ  . ARG A 1 26  ? 5.423   12.276  7.754   1.00 38.74 ? 27  ARG E CZ  1 
ATOM   69   N NH1 . ARG A 1 26  ? 4.848   13.366  7.264   1.00 39.30 ? 27  ARG E NH1 1 
ATOM   70   N NH2 . ARG A 1 26  ? 5.401   12.052  9.061   1.00 40.88 ? 27  ARG E NH2 1 
ATOM   71   N N   . GLY A 1 27  ? 5.876   7.826   2.094   1.00 13.97 ? 28  GLY E N   1 
ATOM   72   C CA  . GLY A 1 27  ? 6.262   7.761   0.693   1.00 12.88 ? 28  GLY E CA  1 
ATOM   73   C C   . GLY A 1 27  ? 5.069   7.767   -0.250  1.00 13.90 ? 28  GLY E C   1 
ATOM   74   O O   . GLY A 1 27  ? 5.162   8.233   -1.390  1.00 13.10 ? 28  GLY E O   1 
ATOM   75   N N   . GLN A 1 28  ? 3.938   7.249   0.219   1.00 10.96 ? 29  GLN E N   1 
ATOM   76   C CA  . GLN A 1 28  ? 2.734   7.202   -0.609  1.00 10.64 ? 29  GLN E CA  1 
ATOM   77   C C   . GLN A 1 28  ? 2.024   8.551   -0.689  1.00 10.76 ? 29  GLN E C   1 
ATOM   78   O O   . GLN A 1 28  ? 1.432   8.890   -1.712  1.00 11.43 ? 29  GLN E O   1 
ATOM   79   C CB  . GLN A 1 28  ? 1.736   6.182   -0.056  1.00 10.88 ? 29  GLN E CB  1 
ATOM   80   C CG  . GLN A 1 28  ? 2.245   4.763   0.049   1.00 10.02 ? 29  GLN E CG  1 
ATOM   81   C CD  . GLN A 1 28  ? 1.145   3.791   0.461   1.00 11.64 ? 29  GLN E CD  1 
ATOM   82   O OE1 . GLN A 1 28  ? 0.176   4.175   1.118   1.00 11.58 ? 29  GLN E OE1 1 
ATOM   83   N NE2 . GLN A 1 28  ? 1.299   2.530   0.085   1.00 11.34 ? 29  GLN E NE2 1 
ATOM   84   N N   . MET A 1 29  ? 2.087   9.316   0.395   1.00 11.17 ? 30  MET E N   1 
ATOM   85   C CA  . MET A 1 29  ? 1.407   10.604  0.468   1.00 11.74 ? 30  MET E CA  1 
ATOM   86   C C   . MET A 1 29  ? 1.471   11.512  -0.759  1.00 12.70 ? 30  MET E C   1 
ATOM   87   O O   . MET A 1 29  ? 0.438   11.818  -1.358  1.00 11.67 ? 30  MET E O   1 
ATOM   88   C CB  . MET A 1 29  ? 1.864   11.350  1.727   1.00 12.73 ? 30  MET E CB  1 
ATOM   89   C CG  . MET A 1 29  ? 1.197   10.799  2.983   1.00 14.39 ? 30  MET E CG  1 
ATOM   90   S SD  . MET A 1 29  ? 1.844   11.423  4.550   1.00 19.45 ? 30  MET E SD  1 
ATOM   91   C CE  . MET A 1 29  ? 1.479   13.165  4.379   1.00 18.21 ? 30  MET E CE  1 
ATOM   92   N N   . PRO A 1 30  ? 2.675   11.946  -1.167  1.00 14.18 ? 31  PRO E N   1 
ATOM   93   C CA  . PRO A 1 30  ? 2.712   12.819  -2.343  1.00 14.61 ? 31  PRO E CA  1 
ATOM   94   C C   . PRO A 1 30  ? 2.230   12.159  -3.640  1.00 15.51 ? 31  PRO E C   1 
ATOM   95   O O   . PRO A 1 30  ? 1.738   12.838  -4.541  1.00 16.83 ? 31  PRO E O   1 
ATOM   96   C CB  . PRO A 1 30  ? 4.179   13.246  -2.404  1.00 15.57 ? 31  PRO E CB  1 
ATOM   97   C CG  . PRO A 1 30  ? 4.898   12.054  -1.851  1.00 16.55 ? 31  PRO E CG  1 
ATOM   98   C CD  . PRO A 1 30  ? 4.036   11.683  -0.662  1.00 14.81 ? 31  PRO E CD  1 
ATOM   99   N N   . GLU A 1 31  ? 2.356   10.839  -3.729  1.00 13.43 ? 32  GLU E N   1 
ATOM   100  C CA  . GLU A 1 31  ? 1.940   10.127  -4.932  1.00 13.23 ? 32  GLU E CA  1 
ATOM   101  C C   . GLU A 1 31  ? 0.436   9.877   -4.980  1.00 13.15 ? 32  GLU E C   1 
ATOM   102  O O   . GLU A 1 31  ? -0.116  9.580   -6.044  1.00 13.18 ? 32  GLU E O   1 
ATOM   103  C CB  . GLU A 1 31  ? 2.677   8.788   -5.041  1.00 15.20 ? 32  GLU E CB  1 
ATOM   104  C CG  . GLU A 1 31  ? 4.204   8.893   -5.089  1.00 17.62 ? 32  GLU E CG  1 
ATOM   105  C CD  . GLU A 1 31  ? 4.723   9.547   -6.361  1.00 20.50 ? 32  GLU E CD  1 
ATOM   106  O OE1 . GLU A 1 31  ? 5.956   9.682   -6.495  1.00 23.00 ? 32  GLU E OE1 1 
ATOM   107  O OE2 . GLU A 1 31  ? 3.904   9.924   -7.226  1.00 18.60 ? 32  GLU E OE2 1 
ATOM   108  N N   . ARG A 1 32  ? -0.224  9.988   -3.832  1.00 11.27 ? 33  ARG E N   1 
ATOM   109  C CA  . ARG A 1 32  ? -1.664  9.764   -3.765  1.00 11.46 ? 33  ARG E CA  1 
ATOM   110  C C   . ARG A 1 32  ? -2.438  11.051  -3.494  1.00 12.29 ? 33  ARG E C   1 
ATOM   111  O O   . ARG A 1 32  ? -3.624  11.018  -3.161  1.00 12.07 ? 33  ARG E O   1 
ATOM   112  C CB  . ARG A 1 32  ? -1.987  8.700   -2.709  1.00 10.83 ? 33  ARG E CB  1 
ATOM   113  C CG  . ARG A 1 32  ? -1.429  7.331   -3.078  1.00 8.09  ? 33  ARG E CG  1 
ATOM   114  C CD  . ARG A 1 32  ? -2.007  6.210   -2.239  1.00 8.25  ? 33  ARG E CD  1 
ATOM   115  N NE  . ARG A 1 32  ? -1.379  4.933   -2.574  1.00 10.13 ? 33  ARG E NE  1 
ATOM   116  C CZ  . ARG A 1 32  ? -1.646  3.781   -1.968  1.00 9.94  ? 33  ARG E CZ  1 
ATOM   117  N NH1 . ARG A 1 32  ? -2.541  3.734   -0.990  1.00 8.94  ? 33  ARG E NH1 1 
ATOM   118  N NH2 . ARG A 1 32  ? -0.999  2.679   -2.325  1.00 10.08 ? 33  ARG E NH2 1 
ATOM   119  N N   . GLY A 1 33  ? -1.752  12.181  -3.648  1.00 11.73 ? 34  GLY E N   1 
ATOM   120  C CA  . GLY A 1 33  ? -2.379  13.477  -3.461  1.00 13.45 ? 34  GLY E CA  1 
ATOM   121  C C   . GLY A 1 33  ? -2.626  13.929  -2.035  1.00 14.58 ? 34  GLY E C   1 
ATOM   122  O O   . GLY A 1 33  ? -3.460  14.805  -1.808  1.00 15.20 ? 34  GLY E O   1 
ATOM   123  N N   . TRP A 1 34  ? -1.915  13.352  -1.071  1.00 14.35 ? 35  TRP E N   1 
ATOM   124  C CA  . TRP A 1 34  ? -2.106  13.754  0.317   1.00 15.34 ? 35  TRP E CA  1 
ATOM   125  C C   . TRP A 1 34  ? -0.986  14.630  0.842   1.00 17.90 ? 35  TRP E C   1 
ATOM   126  O O   . TRP A 1 34  ? 0.182   14.453  0.507   1.00 17.68 ? 35  TRP E O   1 
ATOM   127  C CB  . TRP A 1 34  ? -2.233  12.549  1.245   1.00 13.62 ? 35  TRP E CB  1 
ATOM   128  C CG  . TRP A 1 34  ? -3.480  11.754  1.065   1.00 11.67 ? 35  TRP E CG  1 
ATOM   129  C CD1 . TRP A 1 34  ? -3.667  10.709  0.206   1.00 12.54 ? 35  TRP E CD1 1 
ATOM   130  C CD2 . TRP A 1 34  ? -4.704  11.905  1.790   1.00 11.76 ? 35  TRP E CD2 1 
ATOM   131  N NE1 . TRP A 1 34  ? -4.933  10.193  0.357   1.00 10.71 ? 35  TRP E NE1 1 
ATOM   132  C CE2 . TRP A 1 34  ? -5.591  10.908  1.323   1.00 11.67 ? 35  TRP E CE2 1 
ATOM   133  C CE3 . TRP A 1 34  ? -5.139  12.781  2.792   1.00 12.10 ? 35  TRP E CE3 1 
ATOM   134  C CZ2 . TRP A 1 34  ? -6.890  10.764  1.822   1.00 11.90 ? 35  TRP E CZ2 1 
ATOM   135  C CZ3 . TRP A 1 34  ? -6.432  12.639  3.289   1.00 12.80 ? 35  TRP E CZ3 1 
ATOM   136  C CH2 . TRP A 1 34  ? -7.290  11.636  2.803   1.00 13.92 ? 35  TRP E CH2 1 
ATOM   137  N N   . THR A 1 35  ? -1.379  15.565  1.692   1.00 21.17 ? 36  THR E N   1 
ATOM   138  C CA  . THR A 1 35  ? -0.472  16.500  2.327   1.00 23.32 ? 36  THR E CA  1 
ATOM   139  C C   . THR A 1 35  ? -0.509  16.186  3.823   1.00 24.57 ? 36  THR E C   1 
ATOM   140  O O   . THR A 1 35  ? -1.443  15.538  4.300   1.00 21.73 ? 36  THR E O   1 
ATOM   141  C CB  . THR A 1 35  ? -0.954  17.948  2.056   1.00 24.57 ? 36  THR E CB  1 
ATOM   142  O OG1 . THR A 1 35  ? -0.133  18.541  1.041   1.00 27.56 ? 36  THR E OG1 1 
ATOM   143  C CG2 . THR A 1 35  ? -0.926  18.781  3.309   1.00 26.09 ? 36  THR E CG2 1 
ATOM   144  N N   . GLU A 1 36  ? 0.510   16.626  4.555   1.00 25.76 ? 37  GLU E N   1 
ATOM   145  C CA  . GLU A 1 36  ? 0.558   16.402  5.994   1.00 27.84 ? 37  GLU E CA  1 
ATOM   146  C C   . GLU A 1 36  ? -0.683  17.029  6.625   1.00 26.33 ? 37  GLU E C   1 
ATOM   147  O O   . GLU A 1 36  ? -1.332  16.429  7.482   1.00 25.10 ? 37  GLU E O   1 
ATOM   148  C CB  . GLU A 1 36  ? 1.822   17.039  6.580   1.00 32.24 ? 37  GLU E CB  1 
ATOM   149  C CG  . GLU A 1 36  ? 2.792   16.042  7.185   1.00 38.09 ? 37  GLU E CG  1 
ATOM   150  C CD  . GLU A 1 36  ? 2.311   15.497  8.513   1.00 42.23 ? 37  GLU E CD  1 
ATOM   151  O OE1 . GLU A 1 36  ? 2.846   15.923  9.561   1.00 44.05 ? 37  GLU E OE1 1 
ATOM   152  O OE2 . GLU A 1 36  ? 1.392   14.649  8.510   1.00 44.92 ? 37  GLU E OE2 1 
ATOM   153  N N   . ASP A 1 37  ? -1.006  18.241  6.186   1.00 26.58 ? 38  ASP E N   1 
ATOM   154  C CA  . ASP A 1 37  ? -2.170  18.962  6.689   1.00 27.01 ? 38  ASP E CA  1 
ATOM   155  C C   . ASP A 1 37  ? -3.466  18.273  6.278   1.00 24.93 ? 38  ASP E C   1 
ATOM   156  O O   . ASP A 1 37  ? -4.431  18.258  7.043   1.00 23.61 ? 38  ASP E O   1 
ATOM   157  C CB  . ASP A 1 37  ? -2.167  20.402  6.168   1.00 29.97 ? 38  ASP E CB  1 
ATOM   158  C CG  . ASP A 1 37  ? -1.196  21.293  6.922   1.00 33.23 ? 38  ASP E CG  1 
ATOM   159  O OD1 . ASP A 1 37  ? -0.980  22.443  6.483   1.00 36.09 ? 38  ASP E OD1 1 
ATOM   160  O OD2 . ASP A 1 37  ? -0.656  20.850  7.957   1.00 34.25 ? 38  ASP E OD2 1 
ATOM   161  N N   . ASP A 1 38  ? -3.486  17.714  5.071   1.00 23.62 ? 39  ASP E N   1 
ATOM   162  C CA  . ASP A 1 38  ? -4.667  17.008  4.572   1.00 23.61 ? 39  ASP E CA  1 
ATOM   163  C C   . ASP A 1 38  ? -5.055  15.914  5.554   1.00 21.57 ? 39  ASP E C   1 
ATOM   164  O O   . ASP A 1 38  ? -6.220  15.781  5.928   1.00 21.50 ? 39  ASP E O   1 
ATOM   165  C CB  . ASP A 1 38  ? -4.390  16.358  3.210   1.00 25.11 ? 39  ASP E CB  1 
ATOM   166  C CG  . ASP A 1 38  ? -4.516  17.331  2.053   1.00 28.10 ? 39  ASP E CG  1 
ATOM   167  O OD1 . ASP A 1 38  ? -4.278  16.907  0.900   1.00 27.70 ? 39  ASP E OD1 1 
ATOM   168  O OD2 . ASP A 1 38  ? -4.855  18.508  2.291   1.00 27.16 ? 39  ASP E OD2 1 
ATOM   169  N N   . ILE A 1 39  ? -4.070  15.124  5.964   1.00 19.36 ? 40  ILE E N   1 
ATOM   170  C CA  . ILE A 1 39  ? -4.322  14.038  6.895   1.00 19.69 ? 40  ILE E CA  1 
ATOM   171  C C   . ILE A 1 39  ? -4.777  14.552  8.256   1.00 19.26 ? 40  ILE E C   1 
ATOM   172  O O   . ILE A 1 39  ? -5.764  14.066  8.806   1.00 18.58 ? 40  ILE E O   1 
ATOM   173  C CB  . ILE A 1 39  ? -3.071  13.150  7.064   1.00 19.27 ? 40  ILE E CB  1 
ATOM   174  C CG1 . ILE A 1 39  ? -2.767  12.451  5.736   1.00 20.61 ? 40  ILE E CG1 1 
ATOM   175  C CG2 . ILE A 1 39  ? -3.298  12.124  8.172   1.00 19.68 ? 40  ILE E CG2 1 
ATOM   176  C CD1 . ILE A 1 39  ? -1.608  11.473  5.789   1.00 22.46 ? 40  ILE E CD1 1 
ATOM   177  N N   . LYS A 1 40  ? -4.065  15.537  8.792   1.00 19.38 ? 41  LYS E N   1 
ATOM   178  C CA  . LYS A 1 40  ? -4.420  16.097  10.089  1.00 20.49 ? 41  LYS E CA  1 
ATOM   179  C C   . LYS A 1 40  ? -5.837  16.666  10.089  1.00 19.70 ? 41  LYS E C   1 
ATOM   180  O O   . LYS A 1 40  ? -6.608  16.425  11.015  1.00 20.22 ? 41  LYS E O   1 
ATOM   181  C CB  . LYS A 1 40  ? -3.416  17.185  10.495  1.00 24.72 ? 41  LYS E CB  1 
ATOM   182  C CG  . LYS A 1 40  ? -2.029  16.645  10.830  1.00 29.28 ? 41  LYS E CG  1 
ATOM   183  C CD  . LYS A 1 40  ? -1.065  17.739  11.286  1.00 32.71 ? 41  LYS E CD  1 
ATOM   184  C CE  . LYS A 1 40  ? -1.449  18.329  12.641  1.00 34.71 ? 41  LYS E CE  1 
ATOM   185  N NZ  . LYS A 1 40  ? -2.709  19.126  12.606  1.00 37.60 ? 41  LYS E NZ  1 
ATOM   186  N N   . ASN A 1 41  ? -6.177  17.411  9.042   1.00 19.16 ? 42  ASN E N   1 
ATOM   187  C CA  . ASN A 1 41  ? -7.504  18.010  8.917   1.00 20.06 ? 42  ASN E CA  1 
ATOM   188  C C   . ASN A 1 41  ? -8.599  16.957  8.784   1.00 18.81 ? 42  ASN E C   1 
ATOM   189  O O   . ASN A 1 41  ? -9.670  17.079  9.383   1.00 18.16 ? 42  ASN E O   1 
ATOM   190  C CB  . ASN A 1 41  ? -7.554  18.940  7.701   1.00 22.46 ? 42  ASN E CB  1 
ATOM   191  C CG  . ASN A 1 41  ? -6.810  20.243  7.928   1.00 26.68 ? 42  ASN E CG  1 
ATOM   192  O OD1 . ASN A 1 41  ? -6.701  21.071  7.025   1.00 29.99 ? 42  ASN E OD1 1 
ATOM   193  N ND2 . ASN A 1 41  ? -6.299  20.433  9.140   1.00 27.89 ? 42  ASN E ND2 1 
ATOM   194  N N   . THR A 1 42  ? -8.335  15.926  7.988   1.00 17.71 ? 43  THR E N   1 
ATOM   195  C CA  . THR A 1 42  ? -9.314  14.863  7.789   1.00 15.88 ? 43  THR E CA  1 
ATOM   196  C C   . THR A 1 42  ? -9.622  14.144  9.098   1.00 15.95 ? 43  THR E C   1 
ATOM   197  O O   . THR A 1 42  ? -10.783 13.901  9.423   1.00 16.73 ? 43  THR E O   1 
ATOM   198  C CB  . THR A 1 42  ? -8.814  13.843  6.745   1.00 16.20 ? 43  THR E CB  1 
ATOM   199  O OG1 . THR A 1 42  ? -8.643  14.502  5.485   1.00 16.63 ? 43  THR E OG1 1 
ATOM   200  C CG2 . THR A 1 42  ? -9.820  12.709  6.573   1.00 14.97 ? 43  THR E CG2 1 
ATOM   201  N N   . VAL A 1 43  ? -8.583  13.814  9.858   1.00 16.20 ? 44  VAL E N   1 
ATOM   202  C CA  . VAL A 1 43  ? -8.776  13.128  11.130  1.00 16.77 ? 44  VAL E CA  1 
ATOM   203  C C   . VAL A 1 43  ? -9.447  14.031  12.166  1.00 18.56 ? 44  VAL E C   1 
ATOM   204  O O   . VAL A 1 43  ? -10.264 13.570  12.959  1.00 17.76 ? 44  VAL E O   1 
ATOM   205  C CB  . VAL A 1 43  ? -7.432  12.610  11.692  1.00 17.40 ? 44  VAL E CB  1 
ATOM   206  C CG1 . VAL A 1 43  ? -7.646  11.977  13.055  1.00 17.09 ? 44  VAL E CG1 1 
ATOM   207  C CG2 . VAL A 1 43  ? -6.832  11.586  10.737  1.00 15.31 ? 44  VAL E CG2 1 
ATOM   208  N N   . SER A 1 44  ? -9.107  15.317  12.148  1.00 20.02 ? 45  SER E N   1 
ATOM   209  C CA  . SER A 1 44  ? -9.682  16.280  13.087  1.00 22.38 ? 45  SER E CA  1 
ATOM   210  C C   . SER A 1 44  ? -11.178 16.463  12.873  1.00 22.57 ? 45  SER E C   1 
ATOM   211  O O   . SER A 1 44  ? -11.915 16.769  13.812  1.00 22.54 ? 45  SER E O   1 
ATOM   212  C CB  . SER A 1 44  ? -8.990  17.638  12.943  1.00 24.05 ? 45  SER E CB  1 
ATOM   213  O OG  . SER A 1 44  ? -7.613  17.540  13.255  1.00 30.14 ? 45  SER E OG  1 
ATOM   214  N N   . ASN A 1 45  ? -11.622 16.284  11.633  1.00 21.83 ? 46  ASN E N   1 
ATOM   215  C CA  . ASN A 1 45  ? -13.031 16.433  11.294  1.00 21.41 ? 46  ASN E CA  1 
ATOM   216  C C   . ASN A 1 45  ? -13.919 15.387  11.962  1.00 20.60 ? 46  ASN E C   1 
ATOM   217  O O   . ASN A 1 45  ? -15.141 15.523  11.971  1.00 20.22 ? 46  ASN E O   1 
ATOM   218  C CB  . ASN A 1 45  ? -13.217 16.382  9.775   1.00 24.07 ? 46  ASN E CB  1 
ATOM   219  C CG  . ASN A 1 45  ? -12.702 17.631  9.081   1.00 26.32 ? 46  ASN E CG  1 
ATOM   220  O OD1 . ASN A 1 45  ? -12.692 17.711  7.852   1.00 30.01 ? 46  ASN E OD1 1 
ATOM   221  N ND2 . ASN A 1 45  ? -12.276 18.614  9.866   1.00 26.95 ? 46  ASN E ND2 1 
ATOM   222  N N   . GLY A 1 46  ? -13.309 14.340  12.511  1.00 18.58 ? 47  GLY E N   1 
ATOM   223  C CA  . GLY A 1 46  ? -14.084 13.314  13.188  1.00 16.61 ? 47  GLY E CA  1 
ATOM   224  C C   . GLY A 1 46  ? -14.253 12.015  12.424  1.00 15.28 ? 47  GLY E C   1 
ATOM   225  O O   . GLY A 1 46  ? -14.183 11.992  11.197  1.00 13.72 ? 47  GLY E O   1 
ATOM   226  N N   . ALA A 1 47  ? -14.487 10.931  13.160  1.00 14.55 ? 48  ALA E N   1 
ATOM   227  C CA  . ALA A 1 47  ? -14.665 9.609   12.567  1.00 13.46 ? 48  ALA E CA  1 
ATOM   228  C C   . ALA A 1 47  ? -15.912 9.544   11.696  1.00 12.97 ? 48  ALA E C   1 
ATOM   229  O O   . ALA A 1 47  ? -16.965 10.062  12.062  1.00 12.44 ? 48  ALA E O   1 
ATOM   230  C CB  . ALA A 1 47  ? -14.742 8.553   13.663  1.00 15.60 ? 48  ALA E CB  1 
ATOM   231  N N   . THR A 1 48  ? -15.791 8.887   10.548  1.00 10.50 ? 49  THR E N   1 
ATOM   232  C CA  . THR A 1 48  ? -16.905 8.755   9.619   1.00 10.39 ? 49  THR E CA  1 
ATOM   233  C C   . THR A 1 48  ? -17.228 7.292   9.316   1.00 10.55 ? 49  THR E C   1 
ATOM   234  O O   . THR A 1 48  ? -18.161 6.993   8.566   1.00 9.53  ? 49  THR E O   1 
ATOM   235  C CB  . THR A 1 48  ? -16.597 9.482   8.300   1.00 9.71  ? 49  THR E CB  1 
ATOM   236  O OG1 . THR A 1 48  ? -15.344 9.018   7.783   1.00 10.21 ? 49  THR E OG1 1 
ATOM   237  C CG2 . THR A 1 48  ? -16.507 10.985  8.538   1.00 11.19 ? 49  THR E CG2 1 
ATOM   238  N N   . GLY A 1 49  ? -16.456 6.382   9.900   1.00 9.88  ? 50  GLY E N   1 
ATOM   239  C CA  . GLY A 1 49  ? -16.702 4.969   9.668   1.00 9.76  ? 50  GLY E CA  1 
ATOM   240  C C   . GLY A 1 49  ? -15.776 4.116   10.507  1.00 10.50 ? 50  GLY E C   1 
ATOM   241  O O   . GLY A 1 49  ? -14.982 4.642   11.283  1.00 9.35  ? 50  GLY E O   1 
ATOM   242  N N   . THR A 1 50  ? -15.885 2.800   10.370  1.00 10.50 ? 51  THR E N   1 
ATOM   243  C CA  . THR A 1 50  ? -15.019 1.905   11.119  1.00 11.37 ? 51  THR E CA  1 
ATOM   244  C C   . THR A 1 50  ? -14.507 0.813   10.194  1.00 10.73 ? 51  THR E C   1 
ATOM   245  O O   . THR A 1 50  ? -15.061 0.575   9.121   1.00 10.40 ? 51  THR E O   1 
ATOM   246  C CB  . THR A 1 50  ? -15.748 1.242   12.317  1.00 12.82 ? 51  THR E CB  1 
ATOM   247  O OG1 . THR A 1 50  ? -16.865 0.478   11.846  1.00 16.09 ? 51  THR E OG1 1 
ATOM   248  C CG2 . THR A 1 50  ? -16.234 2.301   13.301  1.00 14.71 ? 51  THR E CG2 1 
ATOM   249  N N   . SER A 1 51  ? -13.421 0.172   10.604  1.00 9.50  ? 52  SER E N   1 
ATOM   250  C CA  . SER A 1 51  ? -12.848 -0.913  9.831   1.00 8.36  ? 52  SER E CA  1 
ATOM   251  C C   . SER A 1 51  ? -12.110 -1.798  10.820  1.00 8.51  ? 52  SER E C   1 
ATOM   252  O O   . SER A 1 51  ? -12.404 -1.776  12.012  1.00 9.15  ? 52  SER E O   1 
ATOM   253  C CB  . SER A 1 51  ? -11.892 -0.375  8.764   1.00 8.91  ? 52  SER E CB  1 
ATOM   254  O OG  . SER A 1 51  ? -11.480 -1.422  7.899   1.00 9.80  ? 52  SER E OG  1 
ATOM   255  N N   . PHE A 1 52  ? -11.152 -2.574  10.336  1.00 7.94  ? 53  PHE E N   1 
ATOM   256  C CA  . PHE A 1 52  ? -10.404 -3.455  11.217  1.00 7.51  ? 53  PHE E CA  1 
ATOM   257  C C   . PHE A 1 52  ? -9.009  -3.608  10.627  1.00 8.64  ? 53  PHE E C   1 
ATOM   258  O O   . PHE A 1 52  ? -8.837  -3.562  9.411   1.00 10.09 ? 53  PHE E O   1 
ATOM   259  C CB  . PHE A 1 52  ? -11.100 -4.818  11.294  1.00 7.66  ? 53  PHE E CB  1 
ATOM   260  C CG  . PHE A 1 52  ? -10.684 -5.649  12.471  1.00 7.84  ? 53  PHE E CG  1 
ATOM   261  C CD1 . PHE A 1 52  ? -11.264 -5.449  13.721  1.00 8.33  ? 53  PHE E CD1 1 
ATOM   262  C CD2 . PHE A 1 52  ? -9.698  -6.625  12.335  1.00 7.68  ? 53  PHE E CD2 1 
ATOM   263  C CE1 . PHE A 1 52  ? -10.866 -6.211  14.825  1.00 9.43  ? 53  PHE E CE1 1 
ATOM   264  C CE2 . PHE A 1 52  ? -9.292  -7.389  13.430  1.00 8.48  ? 53  PHE E CE2 1 
ATOM   265  C CZ  . PHE A 1 52  ? -9.879  -7.181  14.676  1.00 8.38  ? 53  PHE E CZ  1 
ATOM   266  N N   . ASP A 1 53  ? -8.015  -3.762  11.490  1.00 6.93  ? 54  ASP E N   1 
ATOM   267  C CA  . ASP A 1 53  ? -6.641  -3.932  11.043  1.00 6.50  ? 54  ASP E CA  1 
ATOM   268  C C   . ASP A 1 53  ? -6.171  -5.338  11.392  1.00 8.69  ? 54  ASP E C   1 
ATOM   269  O O   . ASP A 1 53  ? -5.705  -5.593  12.503  1.00 10.15 ? 54  ASP E O   1 
ATOM   270  C CB  . ASP A 1 53  ? -5.723  -2.908  11.721  1.00 6.88  ? 54  ASP E CB  1 
ATOM   271  C CG  . ASP A 1 53  ? -4.285  -3.005  11.245  1.00 8.81  ? 54  ASP E CG  1 
ATOM   272  O OD1 . ASP A 1 53  ? -3.426  -2.306  11.822  1.00 8.75  ? 54  ASP E OD1 1 
ATOM   273  O OD2 . ASP A 1 53  ? -4.003  -3.770  10.292  1.00 8.35  ? 54  ASP E OD2 1 
ATOM   274  N N   . LYS A 1 54  ? -6.329  -6.255  10.447  1.00 8.03  ? 55  LYS E N   1 
ATOM   275  C CA  . LYS A 1 54  ? -5.884  -7.624  10.645  1.00 9.85  ? 55  LYS E CA  1 
ATOM   276  C C   . LYS A 1 54  ? -4.742  -7.837  9.666   1.00 9.52  ? 55  LYS E C   1 
ATOM   277  O O   . LYS A 1 54  ? -4.921  -7.719  8.454   1.00 10.69 ? 55  LYS E O   1 
ATOM   278  C CB  . LYS A 1 54  ? -7.019  -8.615  10.364  1.00 10.67 ? 55  LYS E CB  1 
ATOM   279  C CG  . LYS A 1 54  ? -6.642  -10.088 10.543  1.00 17.55 ? 55  LYS E CG  1 
ATOM   280  C CD  . LYS A 1 54  ? -5.850  -10.607 9.351   1.00 21.00 ? 55  LYS E CD  1 
ATOM   281  C CE  . LYS A 1 54  ? -5.544  -12.095 9.481   1.00 25.00 ? 55  LYS E CE  1 
ATOM   282  N NZ  . LYS A 1 54  ? -4.890  -12.615 8.243   1.00 25.93 ? 55  LYS E NZ  1 
ATOM   283  N N   . ARG A 1 55  ? -3.560  -8.111  10.206  1.00 9.51  ? 56  ARG E N   1 
ATOM   284  C CA  . ARG A 1 55  ? -2.376  -8.362  9.399   1.00 9.49  ? 56  ARG E CA  1 
ATOM   285  C C   . ARG A 1 55  ? -1.600  -9.502  10.034  1.00 10.82 ? 56  ARG E C   1 
ATOM   286  O O   . ARG A 1 55  ? -1.268  -9.455  11.222  1.00 10.42 ? 56  ARG E O   1 
ATOM   287  C CB  . ARG A 1 55  ? -1.493  -7.113  9.323   1.00 9.64  ? 56  ARG E CB  1 
ATOM   288  C CG  . ARG A 1 55  ? -1.969  -6.071  8.317   1.00 8.90  ? 56  ARG E CG  1 
ATOM   289  C CD  . ARG A 1 55  ? -1.020  -4.881  8.254   1.00 8.99  ? 56  ARG E CD  1 
ATOM   290  N NE  . ARG A 1 55  ? -1.290  -3.883  9.288   1.00 9.53  ? 56  ARG E NE  1 
ATOM   291  C CZ  . ARG A 1 55  ? -0.467  -2.882  9.597   1.00 9.41  ? 56  ARG E CZ  1 
ATOM   292  N NH1 . ARG A 1 55  ? -0.798  -2.016  10.543  1.00 8.42  ? 56  ARG E NH1 1 
ATOM   293  N NH2 . ARG A 1 55  ? 0.702   -2.758  8.979   1.00 7.34  ? 56  ARG E NH2 1 
ATOM   294  N N   . SER A 1 56  ? -1.333  -10.537 9.246   1.00 11.92 ? 57  SER E N   1 
ATOM   295  C CA  . SER A 1 56  ? -0.581  -11.680 9.735   1.00 14.18 ? 57  SER E CA  1 
ATOM   296  C C   . SER A 1 56  ? 0.818   -11.201 10.098  1.00 13.74 ? 57  SER E C   1 
ATOM   297  O O   . SER A 1 56  ? 1.274   -10.166 9.609   1.00 13.32 ? 57  SER E O   1 
ATOM   298  C CB  . SER A 1 56  ? -0.494  -12.761 8.653   1.00 15.58 ? 57  SER E CB  1 
ATOM   299  O OG  . SER A 1 56  ? -1.780  -13.265 8.341   1.00 22.61 ? 57  SER E OG  1 
ATOM   300  N N   . PRO A 1 57  ? 1.513   -11.944 10.970  1.00 14.58 ? 58  PRO E N   1 
ATOM   301  C CA  . PRO A 1 57  ? 2.869   -11.571 11.386  1.00 14.20 ? 58  PRO E CA  1 
ATOM   302  C C   . PRO A 1 57  ? 3.802   -11.337 10.198  1.00 13.25 ? 58  PRO E C   1 
ATOM   303  O O   . PRO A 1 57  ? 4.599   -10.403 10.196  1.00 13.74 ? 58  PRO E O   1 
ATOM   304  C CB  . PRO A 1 57  ? 3.297   -12.762 12.236  1.00 14.61 ? 58  PRO E CB  1 
ATOM   305  C CG  . PRO A 1 57  ? 2.001   -13.164 12.891  1.00 15.05 ? 58  PRO E CG  1 
ATOM   306  C CD  . PRO A 1 57  ? 1.041   -13.123 11.720  1.00 15.39 ? 58  PRO E CD  1 
ATOM   307  N N   . LYS A 1 58  ? 3.682   -12.187 9.185   1.00 13.19 ? 59  LYS E N   1 
ATOM   308  C CA  . LYS A 1 58  ? 4.519   -12.092 7.994   1.00 14.63 ? 59  LYS E CA  1 
ATOM   309  C C   . LYS A 1 58  ? 4.340   -10.801 7.190   1.00 13.22 ? 59  LYS E C   1 
ATOM   310  O O   . LYS A 1 58  ? 5.172   -10.473 6.346   1.00 13.45 ? 59  LYS E O   1 
ATOM   311  C CB  . LYS A 1 58  ? 4.285   -13.321 7.107   1.00 18.19 ? 59  LYS E CB  1 
ATOM   312  C CG  . LYS A 1 58  ? 2.820   -13.737 6.995   1.00 25.36 ? 59  LYS E CG  1 
ATOM   313  C CD  . LYS A 1 58  ? 2.170   -13.255 5.707   1.00 30.82 ? 59  LYS E CD  1 
ATOM   314  C CE  . LYS A 1 58  ? 2.756   -13.968 4.495   1.00 33.89 ? 59  LYS E CE  1 
ATOM   315  N NZ  . LYS A 1 58  ? 2.222   -13.414 3.220   1.00 35.48 ? 59  LYS E NZ  1 
ATOM   316  N N   . LYS A 1 59  ? 3.264   -10.064 7.456   1.00 10.57 ? 60  LYS E N   1 
ATOM   317  C CA  . LYS A 1 59  ? 3.014   -8.807  6.751   1.00 10.02 ? 60  LYS E CA  1 
ATOM   318  C C   . LYS A 1 59  ? 3.750   -7.635  7.396   1.00 12.15 ? 60  LYS E C   1 
ATOM   319  O O   . LYS A 1 59  ? 3.807   -6.543  6.824   1.00 11.49 ? 60  LYS E O   1 
ATOM   320  C CB  . LYS A 1 59  ? 1.516   -8.489  6.735   1.00 9.08  ? 60  LYS E CB  1 
ATOM   321  C CG  . LYS A 1 59  ? 0.680   -9.432  5.880   1.00 10.28 ? 60  LYS E CG  1 
ATOM   322  C CD  . LYS A 1 59  ? 0.940   -9.197  4.398   1.00 9.14  ? 60  LYS E CD  1 
ATOM   323  C CE  . LYS A 1 59  ? 0.065   -10.094 3.528   1.00 9.49  ? 60  LYS E CE  1 
ATOM   324  N NZ  . LYS A 1 59  ? 0.290   -9.837  2.074   1.00 9.77  ? 60  LYS E NZ  1 
ATOM   325  N N   . THR A 1 60  ? 4.315   -7.857  8.579   1.00 13.65 ? 61  THR E N   1 
ATOM   326  C CA  . THR A 1 60  ? 5.008   -6.784  9.279   1.00 15.70 ? 61  THR E CA  1 
ATOM   327  C C   . THR A 1 60  ? 6.461   -7.052  9.674   1.00 17.25 ? 61  THR E C   1 
ATOM   328  O O   . THR A 1 60  ? 6.790   -7.088  10.858  1.00 18.44 ? 61  THR E O   1 
ATOM   329  C CB  . THR A 1 60  ? 4.236   -6.378  10.553  1.00 16.06 ? 61  THR E CB  1 
ATOM   330  O OG1 . THR A 1 60  ? 4.162   -7.500  11.442  1.00 16.79 ? 61  THR E OG1 1 
ATOM   331  C CG2 . THR A 1 60  ? 2.817   -5.924  10.201  1.00 17.38 ? 61  THR E CG2 1 
ATOM   332  N N   . PRO A 1 61  ? 7.350   -7.252  8.690   1.00 17.98 ? 62  PRO E N   1 
ATOM   333  C CA  . PRO A 1 61  ? 8.753   -7.497  9.044   1.00 18.71 ? 62  PRO E CA  1 
ATOM   334  C C   . PRO A 1 61  ? 9.364   -6.178  9.530   1.00 20.67 ? 62  PRO E C   1 
ATOM   335  O O   . PRO A 1 61  ? 8.841   -5.102  9.229   1.00 19.13 ? 62  PRO E O   1 
ATOM   336  C CB  . PRO A 1 61  ? 9.360   -7.973  7.725   1.00 18.62 ? 62  PRO E CB  1 
ATOM   337  C CG  . PRO A 1 61  ? 8.555   -7.214  6.699   1.00 19.11 ? 62  PRO E CG  1 
ATOM   338  C CD  . PRO A 1 61  ? 7.145   -7.360  7.233   1.00 17.91 ? 62  PRO E CD  1 
ATOM   339  N N   . PRO A 1 62  ? 10.484  -6.233  10.274  1.00 21.82 ? 63  PRO E N   1 
ATOM   340  C CA  . PRO A 1 62  ? 11.255  -7.398  10.719  1.00 23.77 ? 63  PRO E CA  1 
ATOM   341  C C   . PRO A 1 62  ? 10.823  -7.928  12.089  1.00 24.85 ? 63  PRO E C   1 
ATOM   342  O O   . PRO A 1 62  ? 11.279  -8.987  12.519  1.00 26.40 ? 63  PRO E O   1 
ATOM   343  C CB  . PRO A 1 62  ? 12.676  -6.859  10.738  1.00 22.88 ? 63  PRO E CB  1 
ATOM   344  C CG  . PRO A 1 62  ? 12.471  -5.489  11.292  1.00 22.28 ? 63  PRO E CG  1 
ATOM   345  C CD  . PRO A 1 62  ? 11.212  -4.987  10.579  1.00 22.46 ? 63  PRO E CD  1 
ATOM   346  N N   . ASP A 1 63  ? 9.954   -7.181  12.766  1.00 25.97 ? 64  ASP E N   1 
ATOM   347  C CA  . ASP A 1 63  ? 9.453   -7.560  14.087  1.00 26.54 ? 64  ASP E CA  1 
ATOM   348  C C   . ASP A 1 63  ? 8.471   -8.731  14.030  1.00 25.02 ? 64  ASP E C   1 
ATOM   349  O O   . ASP A 1 63  ? 8.436   -9.565  14.935  1.00 24.20 ? 64  ASP E O   1 
ATOM   350  C CB  . ASP A 1 63  ? 8.774   -6.359  14.758  1.00 30.27 ? 64  ASP E CB  1 
ATOM   351  C CG  . ASP A 1 63  ? 7.726   -5.704  13.868  1.00 34.11 ? 64  ASP E CG  1 
ATOM   352  O OD1 . ASP A 1 63  ? 8.109   -5.069  12.859  1.00 36.41 ? 64  ASP E OD1 1 
ATOM   353  O OD2 . ASP A 1 63  ? 6.516   -5.824  14.172  1.00 36.92 ? 64  ASP E OD2 1 
ATOM   354  N N   . TYR A 1 64  ? 7.665   -8.780  12.974  1.00 21.84 ? 65  TYR E N   1 
ATOM   355  C CA  . TYR A 1 64  ? 6.684   -9.846  12.787  1.00 20.80 ? 65  TYR E CA  1 
ATOM   356  C C   . TYR A 1 64  ? 5.645   -9.955  13.901  1.00 19.27 ? 65  TYR E C   1 
ATOM   357  O O   . TYR A 1 64  ? 5.324   -11.056 14.353  1.00 18.28 ? 65  TYR E O   1 
ATOM   358  C CB  . TYR A 1 64  ? 7.399   -11.189 12.627  1.00 21.99 ? 65  TYR E CB  1 
ATOM   359  C CG  . TYR A 1 64  ? 8.298   -11.248 11.416  1.00 25.21 ? 65  TYR E CG  1 
ATOM   360  C CD1 . TYR A 1 64  ? 7.769   -11.191 10.127  1.00 26.17 ? 65  TYR E CD1 1 
ATOM   361  C CD2 . TYR A 1 64  ? 9.682   -11.339 11.557  1.00 26.59 ? 65  TYR E CD2 1 
ATOM   362  C CE1 . TYR A 1 64  ? 8.598   -11.221 9.006   1.00 27.70 ? 65  TYR E CE1 1 
ATOM   363  C CE2 . TYR A 1 64  ? 10.521  -11.370 10.446  1.00 28.12 ? 65  TYR E CE2 1 
ATOM   364  C CZ  . TYR A 1 64  ? 9.971   -11.310 9.173   1.00 28.96 ? 65  TYR E CZ  1 
ATOM   365  O OH  . TYR A 1 64  ? 10.795  -11.332 8.070   1.00 31.46 ? 65  TYR E OH  1 
ATOM   366  N N   . LEU A 1 65  ? 5.110   -8.822  14.337  1.00 18.89 ? 66  LEU E N   1 
ATOM   367  C CA  . LEU A 1 65  ? 4.103   -8.834  15.395  1.00 19.48 ? 66  LEU E CA  1 
ATOM   368  C C   . LEU A 1 65  ? 2.688   -9.021  14.854  1.00 19.75 ? 66  LEU E C   1 
ATOM   369  O O   . LEU A 1 65  ? 1.854   -9.675  15.483  1.00 20.92 ? 66  LEU E O   1 
ATOM   370  C CB  . LEU A 1 65  ? 4.162   -7.535  16.199  1.00 20.70 ? 66  LEU E CB  1 
ATOM   371  C CG  . LEU A 1 65  ? 5.444   -7.261  16.987  1.00 22.87 ? 66  LEU E CG  1 
ATOM   372  C CD1 . LEU A 1 65  ? 5.257   -6.003  17.821  1.00 22.43 ? 66  LEU E CD1 1 
ATOM   373  C CD2 . LEU A 1 65  ? 5.764   -8.449  17.883  1.00 24.57 ? 66  LEU E CD2 1 
ATOM   374  N N   . GLY A 1 66  ? 2.419   -8.453  13.685  1.00 18.10 ? 67  GLY E N   1 
ATOM   375  C CA  . GLY A 1 66  ? 1.088   -8.567  13.119  1.00 16.27 ? 67  GLY E CA  1 
ATOM   376  C C   . GLY A 1 66  ? 0.140   -7.656  13.877  1.00 13.67 ? 67  GLY E C   1 
ATOM   377  O O   . GLY A 1 66  ? 0.535   -7.021  14.855  1.00 14.15 ? 67  GLY E O   1 
ATOM   378  N N   . ARG A 1 67  ? -1.109  -7.594  13.429  1.00 11.60 ? 68  ARG E N   1 
ATOM   379  C CA  . ARG A 1 67  ? -2.115  -6.749  14.057  1.00 9.15  ? 68  ARG E CA  1 
ATOM   380  C C   . ARG A 1 67  ? -3.471  -7.453  14.019  1.00 7.85  ? 68  ARG E C   1 
ATOM   381  O O   . ARG A 1 67  ? -3.759  -8.207  13.090  1.00 8.03  ? 68  ARG E O   1 
ATOM   382  C CB  . ARG A 1 67  ? -2.232  -5.414  13.306  1.00 8.28  ? 68  ARG E CB  1 
ATOM   383  C CG  . ARG A 1 67  ? -0.918  -4.656  13.064  1.00 9.18  ? 68  ARG E CG  1 
ATOM   384  C CD  . ARG A 1 67  ? -0.417  -3.914  14.299  1.00 11.15 ? 68  ARG E CD  1 
ATOM   385  N NE  . ARG A 1 67  ? 0.702   -3.028  13.967  1.00 11.97 ? 68  ARG E NE  1 
ATOM   386  C CZ  . ARG A 1 67  ? 1.941   -3.440  13.716  1.00 14.52 ? 68  ARG E CZ  1 
ATOM   387  N NH1 . ARG A 1 67  ? 2.242   -4.732  13.770  1.00 13.90 ? 68  ARG E NH1 1 
ATOM   388  N NH2 . ARG A 1 67  ? 2.879   -2.561  13.383  1.00 14.76 ? 68  ARG E NH2 1 
ATOM   389  N N   . ASN A 1 68  ? -4.289  -7.196  15.034  1.00 7.58  ? 69  ASN E N   1 
ATOM   390  C CA  . ASN A 1 68  ? -5.641  -7.753  15.154  1.00 8.89  ? 69  ASN E CA  1 
ATOM   391  C C   . ASN A 1 68  ? -6.400  -6.708  15.959  1.00 8.58  ? 69  ASN E C   1 
ATOM   392  O O   . ASN A 1 68  ? -6.870  -6.981  17.064  1.00 9.98  ? 69  ASN E O   1 
ATOM   393  C CB  . ASN A 1 68  ? -5.613  -9.077  15.924  1.00 10.19 ? 69  ASN E CB  1 
ATOM   394  C CG  . ASN A 1 68  ? -4.928  -10.183 15.152  1.00 13.86 ? 69  ASN E CG  1 
ATOM   395  O OD1 . ASN A 1 68  ? -5.534  -10.819 14.285  1.00 15.10 ? 69  ASN E OD1 1 
ATOM   396  N ND2 . ASN A 1 68  ? -3.653  -10.412 15.449  1.00 10.10 ? 69  ASN E ND2 1 
ATOM   397  N N   . ASP A 1 69  ? -6.526  -5.511  15.392  1.00 8.47  ? 70  ASP E N   1 
ATOM   398  C CA  . ASP A 1 69  ? -7.155  -4.398  16.096  1.00 8.99  ? 70  ASP E CA  1 
ATOM   399  C C   . ASP A 1 69  ? -8.280  -3.677  15.381  1.00 9.33  ? 70  ASP E C   1 
ATOM   400  O O   . ASP A 1 69  ? -8.334  -3.641  14.153  1.00 8.39  ? 70  ASP E O   1 
ATOM   401  C CB  . ASP A 1 69  ? -6.094  -3.339  16.411  1.00 10.06 ? 70  ASP E CB  1 
ATOM   402  C CG  . ASP A 1 69  ? -4.849  -3.921  17.025  1.00 10.51 ? 70  ASP E CG  1 
ATOM   403  O OD1 . ASP A 1 69  ? -4.930  -4.417  18.166  1.00 10.29 ? 70  ASP E OD1 1 
ATOM   404  O OD2 . ASP A 1 69  ? -3.786  -3.877  16.365  1.00 10.16 ? 70  ASP E OD2 1 
ATOM   405  N N   . PRO A 1 70  ? -9.188  -3.066  16.159  1.00 10.04 ? 71  PRO E N   1 
ATOM   406  C CA  . PRO A 1 70  ? -10.299 -2.323  15.566  1.00 9.91  ? 71  PRO E CA  1 
ATOM   407  C C   . PRO A 1 70  ? -9.641  -1.104  14.918  1.00 10.01 ? 71  PRO E C   1 
ATOM   408  O O   . PRO A 1 70  ? -8.550  -0.692  15.325  1.00 9.51  ? 71  PRO E O   1 
ATOM   409  C CB  . PRO A 1 70  ? -11.142 -1.924  16.778  1.00 11.13 ? 71  PRO E CB  1 
ATOM   410  C CG  . PRO A 1 70  ? -10.790 -2.969  17.822  1.00 12.46 ? 71  PRO E CG  1 
ATOM   411  C CD  . PRO A 1 70  ? -9.311  -3.125  17.627  1.00 11.04 ? 71  PRO E CD  1 
ATOM   412  N N   . ALA A 1 71  ? -10.283 -0.533  13.911  1.00 9.45  ? 72  ALA E N   1 
ATOM   413  C CA  . ALA A 1 71  ? -9.720  0.636   13.249  1.00 9.17  ? 72  ALA E CA  1 
ATOM   414  C C   . ALA A 1 71  ? -10.832 1.638   13.005  1.00 9.50  ? 72  ALA E C   1 
ATOM   415  O O   . ALA A 1 71  ? -12.007 1.274   12.993  1.00 8.56  ? 72  ALA E O   1 
ATOM   416  C CB  . ALA A 1 71  ? -9.066  0.228   11.934  1.00 8.83  ? 72  ALA E CB  1 
ATOM   417  N N   . THR A 1 72  ? -10.457 2.899   12.824  1.00 9.47  ? 73  THR E N   1 
ATOM   418  C CA  . THR A 1 72  ? -11.423 3.963   12.585  1.00 9.61  ? 73  THR E CA  1 
ATOM   419  C C   . THR A 1 72  ? -11.131 4.606   11.232  1.00 9.78  ? 73  THR E C   1 
ATOM   420  O O   . THR A 1 72  ? -9.976  4.718   10.826  1.00 11.25 ? 73  THR E O   1 
ATOM   421  C CB  . THR A 1 72  ? -11.342 5.039   13.696  1.00 11.40 ? 73  THR E CB  1 
ATOM   422  O OG1 . THR A 1 72  ? -11.617 4.434   14.964  1.00 11.74 ? 73  THR E OG1 1 
ATOM   423  C CG2 . THR A 1 72  ? -12.353 6.150   13.451  1.00 11.19 ? 73  THR E CG2 1 
ATOM   424  N N   . VAL A 1 73  ? -12.182 5.008   10.530  1.00 9.69  ? 74  VAL E N   1 
ATOM   425  C CA  . VAL A 1 73  ? -12.019 5.630   9.225   1.00 8.31  ? 74  VAL E CA  1 
ATOM   426  C C   . VAL A 1 73  ? -12.368 7.109   9.315   1.00 7.10  ? 74  VAL E C   1 
ATOM   427  O O   . VAL A 1 73  ? -13.300 7.488   10.020  1.00 6.98  ? 74  VAL E O   1 
ATOM   428  C CB  . VAL A 1 73  ? -12.939 4.959   8.174   1.00 9.97  ? 74  VAL E CB  1 
ATOM   429  C CG1 . VAL A 1 73  ? -12.719 5.591   6.795   1.00 8.83  ? 74  VAL E CG1 1 
ATOM   430  C CG2 . VAL A 1 73  ? -12.661 3.460   8.124   1.00 8.79  ? 74  VAL E CG2 1 
ATOM   431  N N   . TYR A 1 74  ? -11.601 7.937   8.613   1.00 8.18  ? 75  TYR E N   1 
ATOM   432  C CA  . TYR A 1 74  ? -11.833 9.378   8.584   1.00 9.28  ? 75  TYR E CA  1 
ATOM   433  C C   . TYR A 1 74  ? -11.885 9.803   7.125   1.00 8.90  ? 75  TYR E C   1 
ATOM   434  O O   . TYR A 1 74  ? -11.135 9.286   6.303   1.00 9.41  ? 75  TYR E O   1 
ATOM   435  C CB  . TYR A 1 74  ? -10.698 10.136  9.280   1.00 8.95  ? 75  TYR E CB  1 
ATOM   436  C CG  . TYR A 1 74  ? -10.485 9.736   10.723  1.00 13.02 ? 75  TYR E CG  1 
ATOM   437  C CD1 . TYR A 1 74  ? -9.693  8.636   11.052  1.00 13.22 ? 75  TYR E CD1 1 
ATOM   438  C CD2 . TYR A 1 74  ? -11.093 10.446  11.761  1.00 13.57 ? 75  TYR E CD2 1 
ATOM   439  C CE1 . TYR A 1 74  ? -9.507  8.250   12.387  1.00 14.92 ? 75  TYR E CE1 1 
ATOM   440  C CE2 . TYR A 1 74  ? -10.914 10.068  13.100  1.00 14.95 ? 75  TYR E CE2 1 
ATOM   441  C CZ  . TYR A 1 74  ? -10.121 8.973   13.401  1.00 15.97 ? 75  TYR E CZ  1 
ATOM   442  O OH  . TYR A 1 74  ? -9.944  8.595   14.714  1.00 17.14 ? 75  TYR E OH  1 
ATOM   443  N N   . GLY A 1 75  ? -12.759 10.753  6.812   1.00 8.89  ? 76  GLY E N   1 
ATOM   444  C CA  . GLY A 1 75  ? -12.873 11.212  5.442   1.00 8.60  ? 76  GLY E CA  1 
ATOM   445  C C   . GLY A 1 75  ? -14.124 10.694  4.758   1.00 8.86  ? 76  GLY E C   1 
ATOM   446  O O   . GLY A 1 75  ? -15.138 10.421  5.407   1.00 10.65 ? 76  GLY E O   1 
ATOM   447  N N   . SER A 1 76  ? -14.045 10.540  3.442   1.00 8.64  ? 77  SER E N   1 
ATOM   448  C CA  . SER A 1 76  ? -15.174 10.080  2.647   1.00 9.69  ? 77  SER E CA  1 
ATOM   449  C C   . SER A 1 76  ? -14.716 9.142   1.531   1.00 9.48  ? 77  SER E C   1 
ATOM   450  O O   . SER A 1 76  ? -13.518 8.976   1.306   1.00 10.62 ? 77  SER E O   1 
ATOM   451  C CB  . SER A 1 76  ? -15.892 11.302  2.056   1.00 11.56 ? 77  SER E CB  1 
ATOM   452  O OG  . SER A 1 76  ? -14.958 12.202  1.481   1.00 11.85 ? 77  SER E OG  1 
ATOM   453  N N   . PRO A 1 77  ? -15.665 8.513   0.816   1.00 9.89  ? 78  PRO E N   1 
ATOM   454  C CA  . PRO A 1 77  ? -15.284 7.602   -0.266  1.00 10.94 ? 78  PRO E CA  1 
ATOM   455  C C   . PRO A 1 77  ? -14.236 8.196   -1.203  1.00 12.03 ? 78  PRO E C   1 
ATOM   456  O O   . PRO A 1 77  ? -14.379 9.330   -1.669  1.00 12.71 ? 78  PRO E O   1 
ATOM   457  C CB  . PRO A 1 77  ? -16.614 7.331   -0.966  1.00 11.62 ? 78  PRO E CB  1 
ATOM   458  C CG  . PRO A 1 77  ? -17.587 7.350   0.183   1.00 10.58 ? 78  PRO E CG  1 
ATOM   459  C CD  . PRO A 1 77  ? -17.133 8.568   0.963   1.00 10.57 ? 78  PRO E CD  1 
ATOM   460  N N   . GLY A 1 78  ? -13.181 7.425   -1.460  1.00 11.15 ? 79  GLY E N   1 
ATOM   461  C CA  . GLY A 1 78  ? -12.118 7.865   -2.346  1.00 11.20 ? 79  GLY E CA  1 
ATOM   462  C C   . GLY A 1 78  ? -11.141 8.852   -1.730  1.00 12.17 ? 79  GLY E C   1 
ATOM   463  O O   . GLY A 1 78  ? -10.078 9.112   -2.294  1.00 11.46 ? 79  GLY E O   1 
ATOM   464  N N   . LYS A 1 79  ? -11.492 9.402   -0.573  1.00 11.57 ? 80  LYS E N   1 
ATOM   465  C CA  . LYS A 1 79  ? -10.643 10.381  0.099   1.00 11.25 ? 80  LYS E CA  1 
ATOM   466  C C   . LYS A 1 79  ? -10.660 10.112  1.597   1.00 9.30  ? 80  LYS E C   1 
ATOM   467  O O   . LYS A 1 79  ? -11.138 10.931  2.382   1.00 8.36  ? 80  LYS E O   1 
ATOM   468  C CB  . LYS A 1 79  ? -11.161 11.794  -0.191  1.00 13.37 ? 80  LYS E CB  1 
ATOM   469  C CG  . LYS A 1 79  ? -11.308 12.099  -1.682  1.00 20.01 ? 80  LYS E CG  1 
ATOM   470  C CD  . LYS A 1 79  ? -11.550 13.584  -1.942  1.00 22.67 ? 80  LYS E CD  1 
ATOM   471  C CE  . LYS A 1 79  ? -11.554 13.884  -3.436  1.00 27.32 ? 80  LYS E CE  1 
ATOM   472  N NZ  . LYS A 1 79  ? -11.626 15.347  -3.720  1.00 31.33 ? 80  LYS E NZ  1 
ATOM   473  N N   . TYR A 1 80  ? -10.117 8.965   1.986   1.00 7.73  ? 81  TYR E N   1 
ATOM   474  C CA  . TYR A 1 80  ? -10.121 8.565   3.383   1.00 8.07  ? 81  TYR E CA  1 
ATOM   475  C C   . TYR A 1 80  ? -8.786  8.067   3.919   1.00 7.98  ? 81  TYR E C   1 
ATOM   476  O O   . TYR A 1 80  ? -7.859  7.768   3.164   1.00 6.25  ? 81  TYR E O   1 
ATOM   477  C CB  . TYR A 1 80  ? -11.179 7.471   3.598   1.00 8.66  ? 81  TYR E CB  1 
ATOM   478  C CG  . TYR A 1 80  ? -10.914 6.175   2.852   1.00 9.55  ? 81  TYR E CG  1 
ATOM   479  C CD1 . TYR A 1 80  ? -11.535 5.903   1.631   1.00 9.42  ? 81  TYR E CD1 1 
ATOM   480  C CD2 . TYR A 1 80  ? -10.030 5.224   3.365   1.00 10.14 ? 81  TYR E CD2 1 
ATOM   481  C CE1 . TYR A 1 80  ? -11.281 4.710   0.938   1.00 9.66  ? 81  TYR E CE1 1 
ATOM   482  C CE2 . TYR A 1 80  ? -9.767  4.035   2.682   1.00 10.27 ? 81  TYR E CE2 1 
ATOM   483  C CZ  . TYR A 1 80  ? -10.394 3.785   1.470   1.00 9.00  ? 81  TYR E CZ  1 
ATOM   484  O OH  . TYR A 1 80  ? -10.127 2.612   0.789   1.00 9.74  ? 81  TYR E OH  1 
ATOM   485  N N   . VAL A 1 81  ? -8.721  7.973   5.242   1.00 7.95  ? 82  VAL E N   1 
ATOM   486  C CA  . VAL A 1 81  ? -7.546  7.493   5.951   1.00 10.87 ? 82  VAL E CA  1 
ATOM   487  C C   . VAL A 1 81  ? -8.053  6.506   7.010   1.00 10.39 ? 82  VAL E C   1 
ATOM   488  O O   . VAL A 1 81  ? -9.083  6.746   7.643   1.00 10.26 ? 82  VAL E O   1 
ATOM   489  C CB  . VAL A 1 81  ? -6.798  8.669   6.642   1.00 13.91 ? 82  VAL E CB  1 
ATOM   490  C CG1 . VAL A 1 81  ? -7.749  9.431   7.537   1.00 17.96 ? 82  VAL E CG1 1 
ATOM   491  C CG2 . VAL A 1 81  ? -5.625  8.147   7.452   1.00 15.70 ? 82  VAL E CG2 1 
ATOM   492  N N   . VAL A 1 82  ? -7.354  5.387   7.176   1.00 9.06  ? 83  VAL E N   1 
ATOM   493  C CA  . VAL A 1 82  ? -7.743  4.388   8.170   1.00 7.42  ? 83  VAL E CA  1 
ATOM   494  C C   . VAL A 1 82  ? -6.668  4.359   9.246   1.00 7.71  ? 83  VAL E C   1 
ATOM   495  O O   . VAL A 1 82  ? -5.477  4.316   8.936   1.00 8.31  ? 83  VAL E O   1 
ATOM   496  C CB  . VAL A 1 82  ? -7.875  2.985   7.544   1.00 8.92  ? 83  VAL E CB  1 
ATOM   497  C CG1 . VAL A 1 82  ? -8.432  1.995   8.576   1.00 8.38  ? 83  VAL E CG1 1 
ATOM   498  C CG2 . VAL A 1 82  ? -8.791  3.054   6.328   1.00 9.17  ? 83  VAL E CG2 1 
ATOM   499  N N   . VAL A 1 83  ? -7.092  4.380   10.507  1.00 8.37  ? 84  VAL E N   1 
ATOM   500  C CA  . VAL A 1 83  ? -6.164  4.395   11.636  1.00 8.30  ? 84  VAL E CA  1 
ATOM   501  C C   . VAL A 1 83  ? -6.423  3.274   12.641  1.00 7.64  ? 84  VAL E C   1 
ATOM   502  O O   . VAL A 1 83  ? -7.559  3.051   13.052  1.00 8.42  ? 84  VAL E O   1 
ATOM   503  C CB  . VAL A 1 83  ? -6.250  5.750   12.390  1.00 9.68  ? 84  VAL E CB  1 
ATOM   504  C CG1 . VAL A 1 83  ? -5.252  5.775   13.554  1.00 8.34  ? 84  VAL E CG1 1 
ATOM   505  C CG2 . VAL A 1 83  ? -5.986  6.903   11.425  1.00 11.43 ? 84  VAL E CG2 1 
ATOM   506  N N   . ASN A 1 84  ? -5.360  2.580   13.034  1.00 7.78  ? 85  ASN E N   1 
ATOM   507  C CA  . ASN A 1 84  ? -5.446  1.491   14.010  1.00 7.95  ? 85  ASN E CA  1 
ATOM   508  C C   . ASN A 1 84  ? -5.794  2.110   15.378  1.00 9.04  ? 85  ASN E C   1 
ATOM   509  O O   . ASN A 1 84  ? -5.068  2.969   15.875  1.00 9.56  ? 85  ASN E O   1 
ATOM   510  C CB  . ASN A 1 84  ? -4.094  0.764   14.054  1.00 8.87  ? 85  ASN E CB  1 
ATOM   511  C CG  . ASN A 1 84  ? -4.088  -0.437  14.987  1.00 8.80  ? 85  ASN E CG  1 
ATOM   512  O OD1 . ASN A 1 84  ? -3.752  -1.559  14.582  1.00 11.22 ? 85  ASN E OD1 1 
ATOM   513  N ND2 . ASN A 1 84  ? -4.441  -0.209  16.234  1.00 6.54  ? 85  ASN E ND2 1 
ATOM   514  N N   . ASP A 1 85  ? -6.904  1.677   15.976  1.00 9.42  ? 86  ASP E N   1 
ATOM   515  C CA  . ASP A 1 85  ? -7.360  2.215   17.264  1.00 10.13 ? 86  ASP E CA  1 
ATOM   516  C C   . ASP A 1 85  ? -6.396  2.022   18.430  1.00 12.34 ? 86  ASP E C   1 
ATOM   517  O O   . ASP A 1 85  ? -6.387  2.819   19.367  1.00 13.37 ? 86  ASP E O   1 
ATOM   518  C CB  . ASP A 1 85  ? -8.712  1.603   17.657  1.00 11.21 ? 86  ASP E CB  1 
ATOM   519  C CG  . ASP A 1 85  ? -9.878  2.183   16.875  1.00 11.47 ? 86  ASP E CG  1 
ATOM   520  O OD1 . ASP A 1 85  ? -9.653  3.021   15.978  1.00 12.81 ? 86  ASP E OD1 1 
ATOM   521  O OD2 . ASP A 1 85  ? -11.029 1.796   17.163  1.00 12.93 ? 86  ASP E OD2 1 
ATOM   522  N N   . ARG A 1 86  ? -5.594  0.968   18.384  1.00 10.76 ? 87  ARG E N   1 
ATOM   523  C CA  . ARG A 1 86  ? -4.655  0.694   19.466  1.00 11.53 ? 87  ARG E CA  1 
ATOM   524  C C   . ARG A 1 86  ? -3.303  1.376   19.317  1.00 12.06 ? 87  ARG E C   1 
ATOM   525  O O   . ARG A 1 86  ? -2.819  2.023   20.248  1.00 12.31 ? 87  ARG E O   1 
ATOM   526  C CB  . ARG A 1 86  ? -4.434  -0.815  19.599  1.00 11.50 ? 87  ARG E CB  1 
ATOM   527  C CG  . ARG A 1 86  ? -3.346  -1.204  20.603  1.00 12.25 ? 87  ARG E CG  1 
ATOM   528  C CD  . ARG A 1 86  ? -3.245  -2.718  20.749  1.00 10.60 ? 87  ARG E CD  1 
ATOM   529  N NE  . ARG A 1 86  ? -2.791  -3.378  19.528  1.00 9.70  ? 87  ARG E NE  1 
ATOM   530  C CZ  . ARG A 1 86  ? -1.515  -3.557  19.189  1.00 11.19 ? 87  ARG E CZ  1 
ATOM   531  N NH1 . ARG A 1 86  ? -0.543  -3.128  19.982  1.00 11.06 ? 87  ARG E NH1 1 
ATOM   532  N NH2 . ARG A 1 86  ? -1.208  -4.169  18.053  1.00 9.63  ? 87  ARG E NH2 1 
ATOM   533  N N   . THR A 1 87  ? -2.702  1.231   18.139  1.00 10.90 ? 88  THR E N   1 
ATOM   534  C CA  . THR A 1 87  ? -1.380  1.783   17.867  1.00 12.43 ? 88  THR E CA  1 
ATOM   535  C C   . THR A 1 87  ? -1.357  3.212   17.339  1.00 13.09 ? 88  THR E C   1 
ATOM   536  O O   . THR A 1 87  ? -0.323  3.876   17.396  1.00 13.06 ? 88  THR E O   1 
ATOM   537  C CB  . THR A 1 87  ? -0.628  0.914   16.848  1.00 11.85 ? 88  THR E CB  1 
ATOM   538  O OG1 . THR A 1 87  ? -1.259  1.040   15.569  1.00 12.32 ? 88  THR E OG1 1 
ATOM   539  C CG2 . THR A 1 87  ? -0.665  -0.559  17.263  1.00 11.78 ? 88  THR E CG2 1 
ATOM   540  N N   . GLY A 1 88  ? -2.482  3.682   16.813  1.00 12.73 ? 89  GLY E N   1 
ATOM   541  C CA  . GLY A 1 88  ? -2.515  5.030   16.273  1.00 11.48 ? 89  GLY E CA  1 
ATOM   542  C C   . GLY A 1 88  ? -1.846  5.104   14.909  1.00 11.60 ? 89  GLY E C   1 
ATOM   543  O O   . GLY A 1 88  ? -1.636  6.190   14.369  1.00 12.63 ? 89  GLY E O   1 
ATOM   544  N N   . GLU A 1 89  ? -1.506  3.945   14.351  1.00 10.71 ? 90  GLU E N   1 
ATOM   545  C CA  . GLU A 1 89  ? -0.863  3.869   13.042  1.00 11.76 ? 90  GLU E CA  1 
ATOM   546  C C   . GLU A 1 89  ? -1.843  4.112   11.900  1.00 11.39 ? 90  GLU E C   1 
ATOM   547  O O   . GLU A 1 89  ? -2.975  3.627   11.932  1.00 9.03  ? 90  GLU E O   1 
ATOM   548  C CB  . GLU A 1 89  ? -0.273  2.478   12.798  1.00 14.51 ? 90  GLU E CB  1 
ATOM   549  C CG  . GLU A 1 89  ? 0.860   2.032   13.688  1.00 19.40 ? 90  GLU E CG  1 
ATOM   550  C CD  . GLU A 1 89  ? 1.156   0.555   13.488  1.00 21.65 ? 90  GLU E CD  1 
ATOM   551  O OE1 . GLU A 1 89  ? 0.281   -0.270  13.823  1.00 19.28 ? 90  GLU E OE1 1 
ATOM   552  O OE2 . GLU A 1 89  ? 2.251   0.216   12.988  1.00 24.19 ? 90  GLU E OE2 1 
ATOM   553  N N   . VAL A 1 90  ? -1.402  4.852   10.887  1.00 10.17 ? 91  VAL E N   1 
ATOM   554  C CA  . VAL A 1 90  ? -2.225  5.061   9.701   1.00 10.12 ? 91  VAL E CA  1 
ATOM   555  C C   . VAL A 1 90  ? -1.961  3.779   8.912   1.00 10.45 ? 91  VAL E C   1 
ATOM   556  O O   . VAL A 1 90  ? -0.817  3.484   8.573   1.00 11.44 ? 91  VAL E O   1 
ATOM   557  C CB  . VAL A 1 90  ? -1.753  6.286   8.880   1.00 10.66 ? 91  VAL E CB  1 
ATOM   558  C CG1 . VAL A 1 90  ? -2.432  6.298   7.508   1.00 8.99  ? 91  VAL E CG1 1 
ATOM   559  C CG2 . VAL A 1 90  ? -2.088  7.560   9.631   1.00 10.01 ? 91  VAL E CG2 1 
ATOM   560  N N   . THR A 1 91  ? -3.007  3.010   8.631   1.00 10.94 ? 92  THR E N   1 
ATOM   561  C CA  . THR A 1 91  ? -2.836  1.745   7.922   1.00 10.06 ? 92  THR E CA  1 
ATOM   562  C C   . THR A 1 91  ? -3.150  1.812   6.433   1.00 10.61 ? 92  THR E C   1 
ATOM   563  O O   . THR A 1 91  ? -2.747  0.934   5.662   1.00 10.55 ? 92  THR E O   1 
ATOM   564  C CB  . THR A 1 91  ? -3.730  0.650   8.537   1.00 11.82 ? 92  THR E CB  1 
ATOM   565  O OG1 . THR A 1 91  ? -5.106  0.969   8.298   1.00 10.64 ? 92  THR E OG1 1 
ATOM   566  C CG2 . THR A 1 91  ? -3.502  0.563   10.044  1.00 10.92 ? 92  THR E CG2 1 
ATOM   567  N N   . GLN A 1 92  ? -3.872  2.847   6.024   1.00 9.52  ? 93  GLN E N   1 
ATOM   568  C CA  . GLN A 1 92  ? -4.239  2.980   4.625   1.00 9.38  ? 93  GLN E CA  1 
ATOM   569  C C   . GLN A 1 92  ? -4.709  4.381   4.280   1.00 9.66  ? 93  GLN E C   1 
ATOM   570  O O   . GLN A 1 92  ? -5.422  5.011   5.057   1.00 8.33  ? 93  GLN E O   1 
ATOM   571  C CB  . GLN A 1 92  ? -5.365  1.999   4.295   1.00 10.43 ? 93  GLN E CB  1 
ATOM   572  C CG  . GLN A 1 92  ? -5.767  1.969   2.824   1.00 14.82 ? 93  GLN E CG  1 
ATOM   573  C CD  . GLN A 1 92  ? -6.967  1.072   2.565   1.00 16.60 ? 93  GLN E CD  1 
ATOM   574  O OE1 . GLN A 1 92  ? -7.040  -0.049  3.067   1.00 19.67 ? 93  GLN E OE1 1 
ATOM   575  N NE2 . GLN A 1 92  ? -7.906  1.556   1.763   1.00 15.70 ? 93  GLN E NE2 1 
ATOM   576  N N   . ILE A 1 93  ? -4.293  4.868   3.117   1.00 9.06  ? 94  ILE E N   1 
ATOM   577  C CA  . ILE A 1 93  ? -4.745  6.162   2.641   1.00 8.96  ? 94  ILE E CA  1 
ATOM   578  C C   . ILE A 1 93  ? -5.164  5.900   1.201   1.00 8.92  ? 94  ILE E C   1 
ATOM   579  O O   . ILE A 1 93  ? -4.457  5.225   0.454   1.00 9.49  ? 94  ILE E O   1 
ATOM   580  C CB  . ILE A 1 93  ? -3.647  7.256   2.702   1.00 9.58  ? 94  ILE E CB  1 
ATOM   581  C CG1 . ILE A 1 93  ? -2.451  6.881   1.829   1.00 10.80 ? 94  ILE E CG1 1 
ATOM   582  C CG2 . ILE A 1 93  ? -3.227  7.473   4.153   1.00 11.89 ? 94  ILE E CG2 1 
ATOM   583  C CD1 . ILE A 1 93  ? -1.454  8.018   1.656   1.00 9.36  ? 94  ILE E CD1 1 
ATOM   584  N N   . SER A 1 94  ? -6.333  6.398   0.825   1.00 8.69  ? 95  SER E N   1 
ATOM   585  C CA  . SER A 1 94  ? -6.836  6.189   -0.527  1.00 8.60  ? 95  SER E CA  1 
ATOM   586  C C   . SER A 1 94  ? -6.045  7.010   -1.535  1.00 9.23  ? 95  SER E C   1 
ATOM   587  O O   . SER A 1 94  ? -5.388  7.985   -1.173  1.00 8.56  ? 95  SER E O   1 
ATOM   588  C CB  . SER A 1 94  ? -8.308  6.591   -0.598  1.00 10.04 ? 95  SER E CB  1 
ATOM   589  O OG  . SER A 1 94  ? -8.448  7.988   -0.387  1.00 10.71 ? 95  SER E OG  1 
ATOM   590  N N   . ASP A 1 95  ? -6.103  6.613   -2.802  1.00 7.93  ? 96  ASP E N   1 
ATOM   591  C CA  . ASP A 1 95  ? -5.408  7.358   -3.841  1.00 8.60  ? 96  ASP E CA  1 
ATOM   592  C C   . ASP A 1 95  ? -6.367  8.420   -4.367  1.00 9.97  ? 96  ASP E C   1 
ATOM   593  O O   . ASP A 1 95  ? -7.289  8.115   -5.130  1.00 10.62 ? 96  ASP E O   1 
ATOM   594  C CB  . ASP A 1 95  ? -4.991  6.441   -4.987  1.00 9.58  ? 96  ASP E CB  1 
ATOM   595  C CG  . ASP A 1 95  ? -4.045  7.121   -5.958  1.00 9.41  ? 96  ASP E CG  1 
ATOM   596  O OD1 . ASP A 1 95  ? -4.025  8.372   -6.003  1.00 9.30  ? 96  ASP E OD1 1 
ATOM   597  O OD2 . ASP A 1 95  ? -3.332  6.401   -6.681  1.00 10.86 ? 96  ASP E OD2 1 
ATOM   598  N N   . LYS A 1 96  ? -6.154  9.665   -3.951  1.00 9.19  ? 97  LYS E N   1 
ATOM   599  C CA  . LYS A 1 96  ? -7.005  10.768  -4.376  1.00 10.91 ? 97  LYS E CA  1 
ATOM   600  C C   . LYS A 1 96  ? -6.841  11.132  -5.847  1.00 11.49 ? 97  LYS E C   1 
ATOM   601  O O   . LYS A 1 96  ? -7.635  11.908  -6.381  1.00 13.21 ? 97  LYS E O   1 
ATOM   602  C CB  . LYS A 1 96  ? -6.748  11.998  -3.499  1.00 11.83 ? 97  LYS E CB  1 
ATOM   603  C CG  . LYS A 1 96  ? -7.340  11.878  -2.095  1.00 14.94 ? 97  LYS E CG  1 
ATOM   604  C CD  . LYS A 1 96  ? -6.696  12.832  -1.093  1.00 18.62 ? 97  LYS E CD  1 
ATOM   605  C CE  . LYS A 1 96  ? -6.829  14.282  -1.488  1.00 22.66 ? 97  LYS E CE  1 
ATOM   606  N NZ  . LYS A 1 96  ? -6.220  15.147  -0.445  1.00 22.50 ? 97  LYS E NZ  1 
ATOM   607  N N   . THR A 1 97  ? -5.827  10.583  -6.507  1.00 11.12 ? 98  THR E N   1 
ATOM   608  C CA  . THR A 1 97  ? -5.631  10.886  -7.925  1.00 11.48 ? 98  THR E CA  1 
ATOM   609  C C   . THR A 1 97  ? -6.408  9.905   -8.801  1.00 11.44 ? 98  THR E C   1 
ATOM   610  O O   . THR A 1 97  ? -6.474  10.071  -10.020 1.00 11.69 ? 98  THR E O   1 
ATOM   611  C CB  . THR A 1 97  ? -4.135  10.840  -8.334  1.00 10.97 ? 98  THR E CB  1 
ATOM   612  O OG1 . THR A 1 97  ? -3.678  9.481   -8.373  1.00 10.29 ? 98  THR E OG1 1 
ATOM   613  C CG2 . THR A 1 97  ? -3.292  11.626  -7.339  1.00 12.71 ? 98  THR E CG2 1 
ATOM   614  N N   . ASP A 1 98  ? -6.996  8.887   -8.177  1.00 9.37  ? 99  ASP E N   1 
ATOM   615  C CA  . ASP A 1 98  ? -7.768  7.875   -8.899  1.00 10.76 ? 99  ASP E CA  1 
ATOM   616  C C   . ASP A 1 98  ? -9.260  8.068   -8.633  1.00 10.86 ? 99  ASP E C   1 
ATOM   617  O O   . ASP A 1 98  ? -9.772  7.672   -7.586  1.00 11.83 ? 99  ASP E O   1 
ATOM   618  C CB  . ASP A 1 98  ? -7.331  6.470   -8.461  1.00 9.34  ? 99  ASP E CB  1 
ATOM   619  C CG  . ASP A 1 98  ? -8.116  5.364   -9.155  1.00 12.53 ? 99  ASP E CG  1 
ATOM   620  O OD1 . ASP A 1 98  ? -8.933  5.670   -10.050 1.00 12.61 ? 99  ASP E OD1 1 
ATOM   621  O OD2 . ASP A 1 98  ? -7.910  4.181   -8.801  1.00 12.12 ? 99  ASP E OD2 1 
ATOM   622  N N   . PRO A 1 99  ? -9.980  8.680   -9.588  1.00 12.18 ? 100 PRO E N   1 
ATOM   623  C CA  . PRO A 1 99  ? -11.418 8.910   -9.415  1.00 11.91 ? 100 PRO E CA  1 
ATOM   624  C C   . PRO A 1 99  ? -12.230 7.621   -9.291  1.00 12.56 ? 100 PRO E C   1 
ATOM   625  O O   . PRO A 1 99  ? -13.348 7.631   -8.771  1.00 11.49 ? 100 PRO E O   1 
ATOM   626  C CB  . PRO A 1 99  ? -11.785 9.718   -10.660 1.00 13.79 ? 100 PRO E CB  1 
ATOM   627  C CG  . PRO A 1 99  ? -10.848 9.173   -11.694 1.00 16.34 ? 100 PRO E CG  1 
ATOM   628  C CD  . PRO A 1 99  ? -9.537  9.103   -10.929 1.00 13.60 ? 100 PRO E CD  1 
ATOM   629  N N   . GLY A 1 100 ? -11.654 6.515   -9.753  1.00 10.71 ? 101 GLY E N   1 
ATOM   630  C CA  . GLY A 1 100 ? -12.351 5.244   -9.698  1.00 11.55 ? 101 GLY E CA  1 
ATOM   631  C C   . GLY A 1 100 ? -11.935 4.313   -8.574  1.00 10.88 ? 101 GLY E C   1 
ATOM   632  O O   . GLY A 1 100 ? -12.217 3.116   -8.627  1.00 9.16  ? 101 GLY E O   1 
ATOM   633  N N   . TRP A 1 101 ? -11.264 4.859   -7.562  1.00 10.23 ? 102 TRP E N   1 
ATOM   634  C CA  . TRP A 1 101 ? -10.816 4.073   -6.412  1.00 10.05 ? 102 TRP E CA  1 
ATOM   635  C C   . TRP A 1 101 ? -12.012 3.367   -5.782  1.00 11.05 ? 102 TRP E C   1 
ATOM   636  O O   . TRP A 1 101 ? -13.050 3.987   -5.548  1.00 12.64 ? 102 TRP E O   1 
ATOM   637  C CB  . TRP A 1 101 ? -10.161 5.007   -5.384  1.00 10.59 ? 102 TRP E CB  1 
ATOM   638  C CG  . TRP A 1 101 ? -9.607  4.335   -4.146  1.00 9.21  ? 102 TRP E CG  1 
ATOM   639  C CD1 . TRP A 1 101 ? -10.244 4.147   -2.949  1.00 9.89  ? 102 TRP E CD1 1 
ATOM   640  C CD2 . TRP A 1 101 ? -8.291  3.796   -3.988  1.00 8.62  ? 102 TRP E CD2 1 
ATOM   641  N NE1 . TRP A 1 101 ? -9.399  3.526   -2.051  1.00 8.61  ? 102 TRP E NE1 1 
ATOM   642  C CE2 . TRP A 1 101 ? -8.196  3.301   -2.665  1.00 9.66  ? 102 TRP E CE2 1 
ATOM   643  C CE3 . TRP A 1 101 ? -7.181  3.683   -4.836  1.00 9.93  ? 102 TRP E CE3 1 
ATOM   644  C CZ2 . TRP A 1 101 ? -7.031  2.704   -2.173  1.00 9.93  ? 102 TRP E CZ2 1 
ATOM   645  C CZ3 . TRP A 1 101 ? -6.023  3.089   -4.346  1.00 10.45 ? 102 TRP E CZ3 1 
ATOM   646  C CH2 . TRP A 1 101 ? -5.958  2.606   -3.026  1.00 12.14 ? 102 TRP E CH2 1 
ATOM   647  N N   . VAL A 1 102 ? -11.876 2.072   -5.513  1.00 9.82  ? 103 VAL E N   1 
ATOM   648  C CA  . VAL A 1 102 ? -12.965 1.319   -4.891  1.00 10.30 ? 103 VAL E CA  1 
ATOM   649  C C   . VAL A 1 102 ? -12.634 1.149   -3.415  1.00 10.55 ? 103 VAL E C   1 
ATOM   650  O O   . VAL A 1 102 ? -11.606 0.582   -3.063  1.00 10.35 ? 103 VAL E O   1 
ATOM   651  C CB  . VAL A 1 102 ? -13.135 -0.073  -5.537  1.00 11.28 ? 103 VAL E CB  1 
ATOM   652  C CG1 . VAL A 1 102 ? -14.323 -0.800  -4.903  1.00 10.76 ? 103 VAL E CG1 1 
ATOM   653  C CG2 . VAL A 1 102 ? -13.346 0.078   -7.042  1.00 12.12 ? 103 VAL E CG2 1 
ATOM   654  N N   . ASP A 1 103 ? -13.508 1.650   -2.552  1.00 10.85 ? 104 ASP E N   1 
ATOM   655  C CA  . ASP A 1 103 ? -13.276 1.568   -1.120  1.00 11.66 ? 104 ASP E CA  1 
ATOM   656  C C   . ASP A 1 103 ? -13.079 0.140   -0.612  1.00 10.42 ? 104 ASP E C   1 
ATOM   657  O O   . ASP A 1 103 ? -13.752 -0.794  -1.049  1.00 7.75  ? 104 ASP E O   1 
ATOM   658  C CB  . ASP A 1 103 ? -14.432 2.235   -0.374  1.00 13.88 ? 104 ASP E CB  1 
ATOM   659  C CG  . ASP A 1 103 ? -14.558 3.718   -0.707  1.00 15.90 ? 104 ASP E CG  1 
ATOM   660  O OD1 . ASP A 1 103 ? -15.589 4.321   -0.354  1.00 18.55 ? 104 ASP E OD1 1 
ATOM   661  O OD2 . ASP A 1 103 ? -13.623 4.281   -1.320  1.00 15.93 ? 104 ASP E OD2 1 
ATOM   662  N N   . ASP A 1 104 ? -12.131 -0.005  0.309   1.00 7.93  ? 105 ASP E N   1 
ATOM   663  C CA  . ASP A 1 104 ? -11.814 -1.285  0.948   1.00 9.60  ? 105 ASP E CA  1 
ATOM   664  C C   . ASP A 1 104 ? -13.132 -1.878  1.461   1.00 8.44  ? 105 ASP E C   1 
ATOM   665  O O   . ASP A 1 104 ? -13.926 -1.172  2.084   1.00 7.67  ? 105 ASP E O   1 
ATOM   666  C CB  . ASP A 1 104 ? -10.843 -1.008  2.105   1.00 10.36 ? 105 ASP E CB  1 
ATOM   667  C CG  . ASP A 1 104 ? -10.375 -2.264  2.814   1.00 13.39 ? 105 ASP E CG  1 
ATOM   668  O OD1 . ASP A 1 104 ? -9.246  -2.235  3.347   1.00 14.42 ? 105 ASP E OD1 1 
ATOM   669  O OD2 . ASP A 1 104 ? -11.121 -3.263  2.859   1.00 12.83 ? 105 ASP E OD2 1 
ATOM   670  N N   . SER A 1 105 ? -13.363 -3.165  1.194   1.00 9.17  ? 106 SER E N   1 
ATOM   671  C CA  . SER A 1 105 ? -14.596 -3.848  1.603   1.00 11.67 ? 106 SER E CA  1 
ATOM   672  C C   . SER A 1 105 ? -14.862 -3.905  3.105   1.00 10.51 ? 106 SER E C   1 
ATOM   673  O O   . SER A 1 105 ? -16.013 -4.016  3.528   1.00 11.43 ? 106 SER E O   1 
ATOM   674  C CB  . SER A 1 105 ? -14.614 -5.287  1.066   1.00 13.48 ? 106 SER E CB  1 
ATOM   675  O OG  . SER A 1 105 ? -14.747 -5.309  -0.343  1.00 22.81 ? 106 SER E OG  1 
ATOM   676  N N   . ARG A 1 106 ? -13.809 -3.847  3.911   1.00 10.56 ? 107 ARG E N   1 
ATOM   677  C CA  . ARG A 1 106 ? -13.988 -3.923  5.357   1.00 9.59  ? 107 ARG E CA  1 
ATOM   678  C C   . ARG A 1 106 ? -14.536 -2.629  5.955   1.00 9.41  ? 107 ARG E C   1 
ATOM   679  O O   . ARG A 1 106 ? -15.051 -2.620  7.075   1.00 9.58  ? 107 ARG E O   1 
ATOM   680  C CB  . ARG A 1 106 ? -12.665 -4.291  6.042   1.00 10.54 ? 107 ARG E CB  1 
ATOM   681  C CG  . ARG A 1 106 ? -12.795 -4.534  7.551   1.00 10.11 ? 107 ARG E CG  1 
ATOM   682  C CD  . ARG A 1 106 ? -13.756 -5.682  7.847   1.00 12.22 ? 107 ARG E CD  1 
ATOM   683  N NE  . ARG A 1 106 ? -13.924 -5.945  9.280   1.00 10.44 ? 107 ARG E NE  1 
ATOM   684  C CZ  . ARG A 1 106 ? -14.582 -5.154  10.122  1.00 12.00 ? 107 ARG E CZ  1 
ATOM   685  N NH1 . ARG A 1 106 ? -15.144 -4.032  9.689   1.00 10.88 ? 107 ARG E NH1 1 
ATOM   686  N NH2 . ARG A 1 106 ? -14.690 -5.492  11.403  1.00 10.16 ? 107 ARG E NH2 1 
ATOM   687  N N   . ILE A 1 107 ? -14.444 -1.537  5.205   1.00 9.06  ? 108 ILE E N   1 
ATOM   688  C CA  . ILE A 1 107 ? -14.934 -0.254  5.699   1.00 7.30  ? 108 ILE E CA  1 
ATOM   689  C C   . ILE A 1 107 ? -16.457 -0.209  5.797   1.00 9.25  ? 108 ILE E C   1 
ATOM   690  O O   . ILE A 1 107 ? -17.166 -0.560  4.853   1.00 9.37  ? 108 ILE E O   1 
ATOM   691  C CB  . ILE A 1 107 ? -14.459 0.919   4.799   1.00 8.17  ? 108 ILE E CB  1 
ATOM   692  C CG1 . ILE A 1 107 ? -12.936 1.058   4.893   1.00 8.72  ? 108 ILE E CG1 1 
ATOM   693  C CG2 . ILE A 1 107 ? -15.141 2.222   5.230   1.00 9.21  ? 108 ILE E CG2 1 
ATOM   694  C CD1 . ILE A 1 107 ? -12.339 2.080   3.939   1.00 9.83  ? 108 ILE E CD1 1 
ATOM   695  N N   . GLN A 1 108 ? -16.943 0.215   6.958   1.00 9.02  ? 109 GLN E N   1 
ATOM   696  C CA  . GLN A 1 108 ? -18.370 0.365   7.204   1.00 11.96 ? 109 GLN E CA  1 
ATOM   697  C C   . GLN A 1 108 ? -18.587 1.836   7.533   1.00 12.32 ? 109 GLN E C   1 
ATOM   698  O O   . GLN A 1 108 ? -18.136 2.315   8.573   1.00 11.55 ? 109 GLN E O   1 
ATOM   699  C CB  . GLN A 1 108 ? -18.807 -0.511  8.383   1.00 12.92 ? 109 GLN E CB  1 
ATOM   700  C CG  . GLN A 1 108 ? -18.887 -1.992  8.040   1.00 18.98 ? 109 GLN E CG  1 
ATOM   701  C CD  . GLN A 1 108 ? -19.208 -2.852  9.245   1.00 22.86 ? 109 GLN E CD  1 
ATOM   702  O OE1 . GLN A 1 108 ? -20.122 -2.547  10.016  1.00 25.57 ? 109 GLN E OE1 1 
ATOM   703  N NE2 . GLN A 1 108 ? -18.471 -3.944  9.406   1.00 21.71 ? 109 GLN E NE2 1 
ATOM   704  N N   . TRP A 1 109 ? -19.256 2.556   6.642   1.00 13.41 ? 110 TRP E N   1 
ATOM   705  C CA  . TRP A 1 109 ? -19.503 3.977   6.866   1.00 16.34 ? 110 TRP E CA  1 
ATOM   706  C C   . TRP A 1 109 ? -20.641 4.175   7.854   1.00 18.68 ? 110 TRP E C   1 
ATOM   707  O O   . TRP A 1 109 ? -21.576 3.376   7.901   1.00 17.81 ? 110 TRP E O   1 
ATOM   708  C CB  . TRP A 1 109 ? -19.848 4.682   5.548   1.00 14.60 ? 110 TRP E CB  1 
ATOM   709  C CG  . TRP A 1 109 ? -18.769 4.602   4.514   1.00 14.29 ? 110 TRP E CG  1 
ATOM   710  C CD1 . TRP A 1 109 ? -18.731 3.775   3.427   1.00 16.57 ? 110 TRP E CD1 1 
ATOM   711  C CD2 . TRP A 1 109 ? -17.561 5.371   4.476   1.00 14.65 ? 110 TRP E CD2 1 
ATOM   712  N NE1 . TRP A 1 109 ? -17.575 3.982   2.714   1.00 14.68 ? 110 TRP E NE1 1 
ATOM   713  C CE2 . TRP A 1 109 ? -16.837 4.956   3.336   1.00 14.41 ? 110 TRP E CE2 1 
ATOM   714  C CE3 . TRP A 1 109 ? -17.020 6.369   5.294   1.00 13.88 ? 110 TRP E CE3 1 
ATOM   715  C CZ2 . TRP A 1 109 ? -15.598 5.503   2.995   1.00 12.55 ? 110 TRP E CZ2 1 
ATOM   716  C CZ3 . TRP A 1 109 ? -15.786 6.914   4.954   1.00 14.29 ? 110 TRP E CZ3 1 
ATOM   717  C CH2 . TRP A 1 109 ? -15.090 6.477   3.812   1.00 12.73 ? 110 TRP E CH2 1 
ATOM   718  N N   . GLY A 1 110 ? -20.558 5.245   8.640   1.00 20.82 ? 111 GLY E N   1 
ATOM   719  C CA  . GLY A 1 110 ? -21.591 5.519   9.621   1.00 25.28 ? 111 GLY E CA  1 
ATOM   720  C C   . GLY A 1 110 ? -21.127 5.250   11.039  1.00 27.54 ? 111 GLY E C   1 
ATOM   721  O O   . GLY A 1 110 ? -21.294 6.137   11.900  1.00 31.82 ? 111 GLY E O   1 
ATOM   722  N N   . LYS B 2 1   ? -1.028  12.113  -13.481 1.00 21.10 ? 3   LYS I N   1 
ATOM   723  C CA  . LYS B 2 1   ? -0.297  10.826  -13.670 1.00 19.11 ? 3   LYS I CA  1 
ATOM   724  C C   . LYS B 2 1   ? 0.028   10.567  -15.140 1.00 19.77 ? 3   LYS I C   1 
ATOM   725  O O   . LYS B 2 1   ? -0.725  10.955  -16.031 1.00 19.75 ? 3   LYS I O   1 
ATOM   726  C CB  . LYS B 2 1   ? -1.130  9.659   -13.132 1.00 18.86 ? 3   LYS I CB  1 
ATOM   727  C CG  . LYS B 2 1   ? -1.381  9.700   -11.633 1.00 18.71 ? 3   LYS I CG  1 
ATOM   728  C CD  . LYS B 2 1   ? -0.078  9.634   -10.853 1.00 17.46 ? 3   LYS I CD  1 
ATOM   729  C CE  . LYS B 2 1   ? -0.337  9.543   -9.357  1.00 14.55 ? 3   LYS I CE  1 
ATOM   730  N NZ  . LYS B 2 1   ? 0.942   9.609   -8.593  1.00 14.30 ? 3   LYS I NZ  1 
ATOM   731  N N   . LEU B 2 2   ? 1.153   9.904   -15.381 1.00 18.91 ? 4   LEU I N   1 
ATOM   732  C CA  . LEU B 2 2   ? 1.576   9.583   -16.737 1.00 19.03 ? 4   LEU I CA  1 
ATOM   733  C C   . LEU B 2 2   ? 0.917   8.297   -17.218 1.00 18.77 ? 4   LEU I C   1 
ATOM   734  O O   . LEU B 2 2   ? 0.874   8.028   -18.417 1.00 19.08 ? 4   LEU I O   1 
ATOM   735  C CB  . LEU B 2 2   ? 3.099   9.433   -16.794 1.00 19.62 ? 4   LEU I CB  1 
ATOM   736  C CG  . LEU B 2 2   ? 3.931   10.693  -17.055 1.00 22.27 ? 4   LEU I CG  1 
ATOM   737  C CD1 . LEU B 2 2   ? 3.429   11.852  -16.217 1.00 24.17 ? 4   LEU I CD1 1 
ATOM   738  C CD2 . LEU B 2 2   ? 5.389   10.393  -16.750 1.00 21.49 ? 4   LEU I CD2 1 
ATOM   739  N N   . PHE B 2 3   ? 0.413   7.501   -16.280 1.00 16.17 ? 5   PHE I N   1 
ATOM   740  C CA  . PHE B 2 3   ? -0.252  6.247   -16.612 1.00 14.80 ? 5   PHE I CA  1 
ATOM   741  C C   . PHE B 2 3   ? -1.766  6.387   -16.422 1.00 14.26 ? 5   PHE I C   1 
ATOM   742  O O   . PHE B 2 3   ? -2.250  7.424   -15.971 1.00 15.33 ? 5   PHE I O   1 
ATOM   743  C CB  . PHE B 2 3   ? 0.270   5.114   -15.722 1.00 12.89 ? 5   PHE I CB  1 
ATOM   744  C CG  . PHE B 2 3   ? 0.106   5.379   -14.252 1.00 11.54 ? 5   PHE I CG  1 
ATOM   745  C CD1 . PHE B 2 3   ? 1.056   6.117   -13.553 1.00 10.98 ? 5   PHE I CD1 1 
ATOM   746  C CD2 . PHE B 2 3   ? -1.026  4.931   -13.575 1.00 10.83 ? 5   PHE I CD2 1 
ATOM   747  C CE1 . PHE B 2 3   ? 0.881   6.410   -12.199 1.00 12.33 ? 5   PHE I CE1 1 
ATOM   748  C CE2 . PHE B 2 3   ? -1.212  5.218   -12.224 1.00 11.40 ? 5   PHE I CE2 1 
ATOM   749  C CZ  . PHE B 2 3   ? -0.257  5.960   -11.533 1.00 10.45 ? 5   PHE I CZ  1 
ATOM   750  N N   . GLU B 2 4   ? -2.503  5.337   -16.770 1.00 14.44 ? 6   GLU I N   1 
ATOM   751  C CA  . GLU B 2 4   ? -3.958  5.322   -16.638 1.00 13.95 ? 6   GLU I CA  1 
ATOM   752  C C   . GLU B 2 4   ? -4.362  4.472   -15.434 1.00 12.51 ? 6   GLU I C   1 
ATOM   753  O O   . GLU B 2 4   ? -3.858  3.364   -15.253 1.00 9.84  ? 6   GLU I O   1 
ATOM   754  C CB  . GLU B 2 4   ? -4.596  4.729   -17.901 1.00 16.36 ? 6   GLU I CB  1 
ATOM   755  C CG  . GLU B 2 4   ? -4.254  5.475   -19.178 1.00 24.21 ? 6   GLU I CG  1 
ATOM   756  C CD  . GLU B 2 4   ? -4.963  6.804   -19.278 1.00 28.65 ? 6   GLU I CD  1 
ATOM   757  O OE1 . GLU B 2 4   ? -4.382  7.748   -19.856 1.00 33.14 ? 6   GLU I OE1 1 
ATOM   758  O OE2 . GLU B 2 4   ? -6.112  6.905   -18.795 1.00 32.67 ? 6   GLU I OE2 1 
ATOM   759  N N   . HIS B 2 5   ? -5.275  4.989   -14.618 1.00 11.46 ? 7   HIS I N   1 
ATOM   760  C CA  . HIS B 2 5   ? -5.743  4.251   -13.451 1.00 11.62 ? 7   HIS I CA  1 
ATOM   761  C C   . HIS B 2 5   ? -6.704  3.144   -13.865 1.00 12.71 ? 7   HIS I C   1 
ATOM   762  O O   . HIS B 2 5   ? -6.995  2.239   -13.082 1.00 14.57 ? 7   HIS I O   1 
ATOM   763  C CB  . HIS B 2 5   ? -6.442  5.192   -12.469 1.00 11.10 ? 7   HIS I CB  1 
ATOM   764  C CG  . HIS B 2 5   ? -5.499  5.980   -11.613 1.00 9.67  ? 7   HIS I CG  1 
ATOM   765  N ND1 . HIS B 2 5   ? -4.571  5.384   -10.785 1.00 10.93 ? 7   HIS I ND1 1 
ATOM   766  C CD2 . HIS B 2 5   ? -5.358  7.315   -11.436 1.00 10.30 ? 7   HIS I CD2 1 
ATOM   767  C CE1 . HIS B 2 5   ? -3.900  6.319   -10.133 1.00 8.96  ? 7   HIS I CE1 1 
ATOM   768  N NE2 . HIS B 2 5   ? -4.358  7.499   -10.509 1.00 10.11 ? 7   HIS I NE2 1 
ATOM   769  N N   . THR B 2 6   ? -7.198  3.215   -15.097 1.00 13.98 ? 8   THR I N   1 
ATOM   770  C CA  . THR B 2 6   ? -8.130  2.209   -15.604 1.00 13.51 ? 8   THR I CA  1 
ATOM   771  C C   . THR B 2 6   ? -7.428  1.025   -16.262 1.00 13.70 ? 8   THR I C   1 
ATOM   772  O O   . THR B 2 6   ? -8.080  0.151   -16.831 1.00 14.08 ? 8   THR I O   1 
ATOM   773  C CB  . THR B 2 6   ? -9.091  2.822   -16.638 1.00 14.51 ? 8   THR I CB  1 
ATOM   774  O OG1 . THR B 2 6   ? -8.331  3.504   -17.638 1.00 11.82 ? 8   THR I OG1 1 
ATOM   775  C CG2 . THR B 2 6   ? -10.040 3.800   -15.978 1.00 15.57 ? 8   THR I CG2 1 
ATOM   776  N N   . VAL B 2 7   ? -6.103  0.993   -16.180 1.00 11.67 ? 9   VAL I N   1 
ATOM   777  C CA  . VAL B 2 7   ? -5.330  -0.086  -16.781 1.00 11.85 ? 9   VAL I CA  1 
ATOM   778  C C   . VAL B 2 7   ? -4.543  -0.891  -15.752 1.00 11.81 ? 9   VAL I C   1 
ATOM   779  O O   . VAL B 2 7   ? -3.956  -0.325  -14.833 1.00 11.37 ? 9   VAL I O   1 
ATOM   780  C CB  . VAL B 2 7   ? -4.324  0.470   -17.824 1.00 12.40 ? 9   VAL I CB  1 
ATOM   781  C CG1 . VAL B 2 7   ? -3.401  -0.640  -18.313 1.00 12.98 ? 9   VAL I CG1 1 
ATOM   782  C CG2 . VAL B 2 7   ? -5.077  1.093   -18.989 1.00 14.50 ? 9   VAL I CG2 1 
ATOM   783  N N   . LEU B 2 8   ? -4.548  -2.212  -15.903 1.00 11.10 ? 10  LEU I N   1 
ATOM   784  C CA  . LEU B 2 8   ? -3.784  -3.081  -15.018 1.00 11.66 ? 10  LEU I CA  1 
ATOM   785  C C   . LEU B 2 8   ? -2.510  -3.359  -15.813 1.00 11.86 ? 10  LEU I C   1 
ATOM   786  O O   . LEU B 2 8   ? -2.513  -4.171  -16.739 1.00 12.38 ? 10  LEU I O   1 
ATOM   787  C CB  . LEU B 2 8   ? -4.532  -4.394  -14.747 1.00 11.32 ? 10  LEU I CB  1 
ATOM   788  C CG  . LEU B 2 8   ? -3.796  -5.382  -13.829 1.00 11.36 ? 10  LEU I CG  1 
ATOM   789  C CD1 . LEU B 2 8   ? -3.662  -4.787  -12.434 1.00 11.70 ? 10  LEU I CD1 1 
ATOM   790  C CD2 . LEU B 2 8   ? -4.550  -6.700  -13.769 1.00 12.05 ? 10  LEU I CD2 1 
ATOM   791  N N   . TYR B 2 9   ? -1.430  -2.664  -15.471 1.00 11.52 ? 11  TYR I N   1 
ATOM   792  C CA  . TYR B 2 9   ? -0.174  -2.827  -16.191 1.00 11.89 ? 11  TYR I CA  1 
ATOM   793  C C   . TYR B 2 9   ? 0.429   -4.205  -15.988 1.00 13.60 ? 11  TYR I C   1 
ATOM   794  O O   . TYR B 2 9   ? 0.511   -4.706  -14.868 1.00 12.54 ? 11  TYR I O   1 
ATOM   795  C CB  . TYR B 2 9   ? 0.784   -1.706  -15.790 1.00 11.01 ? 11  TYR I CB  1 
ATOM   796  C CG  . TYR B 2 9   ? 0.329   -0.381  -16.354 1.00 10.61 ? 11  TYR I CG  1 
ATOM   797  C CD1 . TYR B 2 9   ? 0.711   0.024   -17.636 1.00 12.82 ? 11  TYR I CD1 1 
ATOM   798  C CD2 . TYR B 2 9   ? -0.554  0.432   -15.645 1.00 10.36 ? 11  TYR I CD2 1 
ATOM   799  C CE1 . TYR B 2 9   ? 0.215   1.205   -18.197 1.00 12.87 ? 11  TYR I CE1 1 
ATOM   800  C CE2 . TYR B 2 9   ? -1.053  1.605   -16.193 1.00 10.54 ? 11  TYR I CE2 1 
ATOM   801  C CZ  . TYR B 2 9   ? -0.666  1.986   -17.469 1.00 12.97 ? 11  TYR I CZ  1 
ATOM   802  O OH  . TYR B 2 9   ? -1.174  3.141   -18.013 1.00 15.09 ? 11  TYR I OH  1 
ATOM   803  N N   . ASP B 2 10  ? 0.841   -4.821  -17.092 1.00 13.98 ? 12  ASP I N   1 
ATOM   804  C CA  . ASP B 2 10  ? 1.382   -6.170  -17.053 1.00 15.78 ? 12  ASP I CA  1 
ATOM   805  C C   . ASP B 2 10  ? 2.880   -6.237  -17.317 1.00 16.84 ? 12  ASP I C   1 
ATOM   806  O O   . ASP B 2 10  ? 3.431   -7.314  -17.546 1.00 18.09 ? 12  ASP I O   1 
ATOM   807  C CB  . ASP B 2 10  ? 0.626   -7.035  -18.067 1.00 18.58 ? 12  ASP I CB  1 
ATOM   808  C CG  . ASP B 2 10  ? 0.844   -8.512  -17.851 1.00 21.58 ? 12  ASP I CG  1 
ATOM   809  O OD1 . ASP B 2 10  ? 0.643   -8.980  -16.710 1.00 22.09 ? 12  ASP I OD1 1 
ATOM   810  O OD2 . ASP B 2 10  ? 1.206   -9.211  -18.821 1.00 26.25 ? 12  ASP I OD2 1 
ATOM   811  N N   . SER B 2 11  ? 3.536   -5.084  -17.267 1.00 17.49 ? 13  SER I N   1 
ATOM   812  C CA  . SER B 2 11  ? 4.971   -5.001  -17.498 1.00 17.97 ? 13  SER I CA  1 
ATOM   813  C C   . SER B 2 11  ? 5.631   -4.125  -16.440 1.00 17.07 ? 13  SER I C   1 
ATOM   814  O O   . SER B 2 11  ? 5.211   -2.992  -16.211 1.00 16.80 ? 13  SER I O   1 
ATOM   815  C CB  . SER B 2 11  ? 5.240   -4.417  -18.887 1.00 19.97 ? 13  SER I CB  1 
ATOM   816  O OG  . SER B 2 11  ? 6.624   -4.194  -19.078 1.00 25.49 ? 13  SER I OG  1 
ATOM   817  N N   . GLY B 2 12  ? 6.669   -4.655  -15.803 1.00 16.83 ? 14  GLY I N   1 
ATOM   818  C CA  . GLY B 2 12  ? 7.366   -3.897  -14.781 1.00 17.67 ? 14  GLY I CA  1 
ATOM   819  C C   . GLY B 2 12  ? 8.006   -2.625  -15.304 1.00 18.76 ? 14  GLY I C   1 
ATOM   820  O O   . GLY B 2 12  ? 8.177   -1.662  -14.556 1.00 18.39 ? 14  GLY I O   1 
ATOM   821  N N   . ASP B 2 13  ? 8.363   -2.613  -16.587 1.00 19.07 ? 15  ASP I N   1 
ATOM   822  C CA  . ASP B 2 13  ? 8.987   -1.434  -17.189 1.00 20.71 ? 15  ASP I CA  1 
ATOM   823  C C   . ASP B 2 13  ? 8.081   -0.212  -17.143 1.00 18.47 ? 15  ASP I C   1 
ATOM   824  O O   . ASP B 2 13  ? 8.552   0.917   -17.006 1.00 18.47 ? 15  ASP I O   1 
ATOM   825  C CB  . ASP B 2 13  ? 9.378   -1.704  -18.645 1.00 25.34 ? 15  ASP I CB  1 
ATOM   826  C CG  . ASP B 2 13  ? 10.575  -2.622  -18.767 1.00 30.88 ? 15  ASP I CG  1 
ATOM   827  O OD1 . ASP B 2 13  ? 11.564  -2.410  -18.032 1.00 34.76 ? 15  ASP I OD1 1 
ATOM   828  O OD2 . ASP B 2 13  ? 10.536  -3.547  -19.608 1.00 34.53 ? 15  ASP I OD2 1 
ATOM   829  N N   . ALA B 2 14  ? 6.779   -0.442  -17.268 1.00 16.66 ? 16  ALA I N   1 
ATOM   830  C CA  . ALA B 2 14  ? 5.811   0.647   -17.244 1.00 14.36 ? 16  ALA I CA  1 
ATOM   831  C C   . ALA B 2 14  ? 5.890   1.415   -15.928 1.00 12.82 ? 16  ALA I C   1 
ATOM   832  O O   . ALA B 2 14  ? 5.713   2.631   -15.901 1.00 12.66 ? 16  ALA I O   1 
ATOM   833  C CB  . ALA B 2 14  ? 4.405   0.096   -17.443 1.00 14.43 ? 16  ALA I CB  1 
ATOM   834  N N   . PHE B 2 15  ? 6.155   0.697   -14.840 1.00 12.73 ? 17  PHE I N   1 
ATOM   835  C CA  . PHE B 2 15  ? 6.247   1.309   -13.513 1.00 12.00 ? 17  PHE I CA  1 
ATOM   836  C C   . PHE B 2 15  ? 7.318   2.401   -13.468 1.00 13.06 ? 17  PHE I C   1 
ATOM   837  O O   . PHE B 2 15  ? 7.098   3.484   -12.923 1.00 12.05 ? 17  PHE I O   1 
ATOM   838  C CB  . PHE B 2 15  ? 6.538   0.216   -12.468 1.00 11.83 ? 17  PHE I CB  1 
ATOM   839  C CG  . PHE B 2 15  ? 6.775   0.737   -11.069 1.00 12.32 ? 17  PHE I CG  1 
ATOM   840  C CD1 . PHE B 2 15  ? 8.009   1.268   -10.706 1.00 13.52 ? 17  PHE I CD1 1 
ATOM   841  C CD2 . PHE B 2 15  ? 5.769   0.674   -10.109 1.00 12.35 ? 17  PHE I CD2 1 
ATOM   842  C CE1 . PHE B 2 15  ? 8.242   1.726   -9.407  1.00 15.07 ? 17  PHE I CE1 1 
ATOM   843  C CE2 . PHE B 2 15  ? 5.990   1.129   -8.807  1.00 13.02 ? 17  PHE I CE2 1 
ATOM   844  C CZ  . PHE B 2 15  ? 7.227   1.655   -8.455  1.00 14.56 ? 17  PHE I CZ  1 
ATOM   845  N N   . PHE B 2 16  ? 8.480   2.121   -14.043 1.00 13.72 ? 18  PHE I N   1 
ATOM   846  C CA  . PHE B 2 16  ? 9.555   3.098   -14.026 1.00 15.52 ? 18  PHE I CA  1 
ATOM   847  C C   . PHE B 2 16  ? 9.422   4.172   -15.098 1.00 16.61 ? 18  PHE I C   1 
ATOM   848  O O   . PHE B 2 16  ? 9.690   5.339   -14.839 1.00 17.60 ? 18  PHE I O   1 
ATOM   849  C CB  . PHE B 2 16  ? 10.903  2.387   -14.145 1.00 14.71 ? 18  PHE I CB  1 
ATOM   850  C CG  . PHE B 2 16  ? 11.187  1.463   -13.000 1.00 14.72 ? 18  PHE I CG  1 
ATOM   851  C CD1 . PHE B 2 16  ? 10.847  0.118   -13.069 1.00 16.54 ? 18  PHE I CD1 1 
ATOM   852  C CD2 . PHE B 2 16  ? 11.731  1.956   -11.822 1.00 16.18 ? 18  PHE I CD2 1 
ATOM   853  C CE1 . PHE B 2 16  ? 11.042  -0.723  -11.974 1.00 16.66 ? 18  PHE I CE1 1 
ATOM   854  C CE2 . PHE B 2 16  ? 11.930  1.126   -10.726 1.00 16.26 ? 18  PHE I CE2 1 
ATOM   855  C CZ  . PHE B 2 16  ? 11.583  -0.217  -10.802 1.00 17.38 ? 18  PHE I CZ  1 
ATOM   856  N N   . GLU B 2 17  ? 8.994   3.776   -16.291 1.00 18.00 ? 19  GLU I N   1 
ATOM   857  C CA  . GLU B 2 17  ? 8.837   4.719   -17.396 1.00 19.90 ? 19  GLU I CA  1 
ATOM   858  C C   . GLU B 2 17  ? 7.730   5.732   -17.150 1.00 19.12 ? 19  GLU I C   1 
ATOM   859  O O   . GLU B 2 17  ? 7.867   6.908   -17.489 1.00 17.39 ? 19  GLU I O   1 
ATOM   860  C CB  . GLU B 2 17  ? 8.530   3.974   -18.697 1.00 22.94 ? 19  GLU I CB  1 
ATOM   861  C CG  . GLU B 2 17  ? 9.649   3.092   -19.201 1.00 29.87 ? 19  GLU I CG  1 
ATOM   862  C CD  . GLU B 2 17  ? 9.325   2.464   -20.543 1.00 34.19 ? 19  GLU I CD  1 
ATOM   863  O OE1 . GLU B 2 17  ? 10.196  1.756   -21.095 1.00 35.68 ? 19  GLU I OE1 1 
ATOM   864  O OE2 . GLU B 2 17  ? 8.199   2.678   -21.047 1.00 36.81 ? 19  GLU I OE2 1 
ATOM   865  N N   . LEU B 2 18  ? 6.629   5.270   -16.564 1.00 15.98 ? 20  LEU I N   1 
ATOM   866  C CA  . LEU B 2 18  ? 5.495   6.144   -16.309 1.00 14.33 ? 20  LEU I CA  1 
ATOM   867  C C   . LEU B 2 18  ? 5.389   6.643   -14.867 1.00 13.22 ? 20  LEU I C   1 
ATOM   868  O O   . LEU B 2 18  ? 4.352   7.170   -14.469 1.00 13.46 ? 20  LEU I O   1 
ATOM   869  C CB  . LEU B 2 18  ? 4.198   5.435   -16.722 1.00 14.11 ? 20  LEU I CB  1 
ATOM   870  C CG  . LEU B 2 18  ? 4.167   4.936   -18.174 1.00 14.92 ? 20  LEU I CG  1 
ATOM   871  C CD1 . LEU B 2 18  ? 2.868   4.190   -18.450 1.00 16.71 ? 20  LEU I CD1 1 
ATOM   872  C CD2 . LEU B 2 18  ? 4.313   6.114   -19.122 1.00 17.35 ? 20  LEU I CD2 1 
ATOM   873  N N   . LYS B 2 19  ? 6.461   6.474   -14.093 1.00 12.29 ? 21  LYS I N   1 
ATOM   874  C CA  . LYS B 2 19  ? 6.515   6.925   -12.699 1.00 13.20 ? 21  LYS I CA  1 
ATOM   875  C C   . LYS B 2 19  ? 5.313   6.454   -11.875 1.00 11.57 ? 21  LYS I C   1 
ATOM   876  O O   . LYS B 2 19  ? 4.578   7.270   -11.315 1.00 11.95 ? 21  LYS I O   1 
ATOM   877  C CB  . LYS B 2 19  ? 6.592   8.458   -12.657 1.00 15.63 ? 21  LYS I CB  1 
ATOM   878  C CG  . LYS B 2 19  ? 7.681   9.060   -13.542 1.00 20.94 ? 21  LYS I CG  1 
ATOM   879  C CD  . LYS B 2 19  ? 9.065   8.536   -13.182 1.00 26.04 ? 21  LYS I CD  1 
ATOM   880  C CE  . LYS B 2 19  ? 10.143  9.133   -14.086 1.00 30.24 ? 21  LYS I CE  1 
ATOM   881  N NZ  . LYS B 2 19  ? 10.896  8.082   -14.836 1.00 33.01 ? 21  LYS I NZ  1 
ATOM   882  N N   . GLY B 2 20  ? 5.135   5.138   -11.779 1.00 10.29 ? 22  GLY I N   1 
ATOM   883  C CA  . GLY B 2 20  ? 4.000   4.592   -11.051 1.00 10.01 ? 22  GLY I CA  1 
ATOM   884  C C   . GLY B 2 20  ? 4.167   4.302   -9.569  1.00 10.34 ? 22  GLY I C   1 
ATOM   885  O O   . GLY B 2 20  ? 3.300   3.667   -8.971  1.00 9.64  ? 22  GLY I O   1 
ATOM   886  N N   . ASN B 2 21  ? 5.254   4.776   -8.969  1.00 9.71  ? 23  ASN I N   1 
ATOM   887  C CA  . ASN B 2 21  ? 5.508   4.536   -7.551  1.00 9.22  ? 23  ASN I CA  1 
ATOM   888  C C   . ASN B 2 21  ? 4.302   4.821   -6.654  1.00 8.48  ? 23  ASN I C   1 
ATOM   889  O O   . ASN B 2 21  ? 3.674   5.877   -6.755  1.00 8.18  ? 23  ASN I O   1 
ATOM   890  C CB  . ASN B 2 21  ? 6.690   5.385   -7.069  1.00 10.54 ? 23  ASN I CB  1 
ATOM   891  C CG  . ASN B 2 21  ? 7.229   4.916   -5.730  1.00 9.84  ? 23  ASN I CG  1 
ATOM   892  O OD1 . ASN B 2 21  ? 7.756   5.702   -4.937  1.00 14.69 ? 23  ASN I OD1 1 
ATOM   893  N ND2 . ASN B 2 21  ? 7.115   3.622   -5.480  1.00 6.03  ? 23  ASN I ND2 1 
ATOM   894  N N   . ALA B 2 22  ? 3.994   3.860   -5.782  1.00 7.56  ? 24  ALA I N   1 
ATOM   895  C CA  . ALA B 2 22  ? 2.895   3.959   -4.822  1.00 7.23  ? 24  ALA I CA  1 
ATOM   896  C C   . ALA B 2 22  ? 1.498   4.189   -5.397  1.00 8.16  ? 24  ALA I C   1 
ATOM   897  O O   . ALA B 2 22  ? 0.555   4.410   -4.637  1.00 9.31  ? 24  ALA I O   1 
ATOM   898  C CB  . ALA B 2 22  ? 3.208   5.062   -3.797  1.00 6.87  ? 24  ALA I CB  1 
ATOM   899  N N   . SER B 2 23  ? 1.338   4.111   -6.714  1.00 8.42  ? 25  SER I N   1 
ATOM   900  C CA  . SER B 2 23  ? 0.028   4.390   -7.293  1.00 9.42  ? 25  SER I CA  1 
ATOM   901  C C   . SER B 2 23  ? -0.442  3.467   -8.421  1.00 9.90  ? 25  SER I C   1 
ATOM   902  O O   . SER B 2 23  ? -1.606  3.059   -8.451  1.00 11.21 ? 25  SER I O   1 
ATOM   903  C CB  . SER B 2 23  ? 0.008   5.852   -7.770  1.00 9.12  ? 25  SER I CB  1 
ATOM   904  O OG  . SER B 2 23  ? -1.272  6.250   -8.234  1.00 11.42 ? 25  SER I OG  1 
ATOM   905  N N   . MET B 2 24  ? 0.453   3.139   -9.346  1.00 9.57  ? 26  MET I N   1 
ATOM   906  C CA  . MET B 2 24  ? 0.108   2.286   -10.484 1.00 8.60  ? 26  MET I CA  1 
ATOM   907  C C   . MET B 2 24  ? -0.365  0.884   -10.089 1.00 9.31  ? 26  MET I C   1 
ATOM   908  O O   . MET B 2 24  ? 0.231   0.240   -9.220  1.00 7.52  ? 26  MET I O   1 
ATOM   909  C CB  . MET B 2 24  ? 1.316   2.173   -11.416 1.00 7.81  ? 26  MET I CB  1 
ATOM   910  C CG  . MET B 2 24  ? 1.111   1.249   -12.611 1.00 9.89  ? 26  MET I CG  1 
ATOM   911  S SD  . MET B 2 24  ? 2.630   1.059   -13.588 1.00 11.98 ? 26  MET I SD  1 
ATOM   912  C CE  . MET B 2 24  ? 2.508   2.489   -14.680 1.00 11.14 ? 26  MET I CE  1 
ATOM   913  N N   . LYS B 2 25  ? -1.436  0.414   -10.731 1.00 8.79  ? 27  LYS I N   1 
ATOM   914  C CA  . LYS B 2 25  ? -1.962  -0.927  -10.462 1.00 8.73  ? 27  LYS I CA  1 
ATOM   915  C C   . LYS B 2 25  ? -1.161  -1.919  -11.305 1.00 8.70  ? 27  LYS I C   1 
ATOM   916  O O   . LYS B 2 25  ? -1.058  -1.760  -12.521 1.00 7.75  ? 27  LYS I O   1 
ATOM   917  C CB  . LYS B 2 25  ? -3.451  -1.019  -10.826 1.00 9.29  ? 27  LYS I CB  1 
ATOM   918  C CG  . LYS B 2 25  ? -4.405  -0.341  -9.842  1.00 10.43 ? 27  LYS I CG  1 
ATOM   919  C CD  . LYS B 2 25  ? -4.300  1.185   -9.874  1.00 12.39 ? 27  LYS I CD  1 
ATOM   920  C CE  . LYS B 2 25  ? -5.412  1.821   -9.050  1.00 14.61 ? 27  LYS I CE  1 
ATOM   921  N NZ  . LYS B 2 25  ? -5.326  3.311   -8.988  1.00 14.60 ? 27  LYS I NZ  1 
ATOM   922  N N   . LEU B 2 26  ? -0.612  -2.945  -10.655 1.00 6.43  ? 28  LEU I N   1 
ATOM   923  C CA  . LEU B 2 26  ? 0.219   -3.942  -11.326 1.00 8.36  ? 28  LEU I CA  1 
ATOM   924  C C   . LEU B 2 26  ? -0.318  -5.365  -11.256 1.00 7.64  ? 28  LEU I C   1 
ATOM   925  O O   . LEU B 2 26  ? -0.829  -5.798  -10.224 1.00 8.33  ? 28  LEU I O   1 
ATOM   926  C CB  . LEU B 2 26  ? 1.620   -3.941  -10.710 1.00 8.19  ? 28  LEU I CB  1 
ATOM   927  C CG  . LEU B 2 26  ? 2.362   -2.608  -10.627 1.00 9.46  ? 28  LEU I CG  1 
ATOM   928  C CD1 . LEU B 2 26  ? 3.538   -2.733  -9.653  1.00 9.27  ? 28  LEU I CD1 1 
ATOM   929  C CD2 . LEU B 2 26  ? 2.838   -2.208  -12.019 1.00 8.87  ? 28  LEU I CD2 1 
ATOM   930  N N   . SER B 2 27  ? -0.179  -6.100  -12.355 1.00 8.76  ? 29  SER I N   1 
ATOM   931  C CA  . SER B 2 27  ? -0.614  -7.491  -12.381 1.00 9.30  ? 29  SER I CA  1 
ATOM   932  C C   . SER B 2 27  ? 0.413   -8.236  -11.524 1.00 9.60  ? 29  SER I C   1 
ATOM   933  O O   . SER B 2 27  ? 1.478   -7.696  -11.216 1.00 9.47  ? 29  SER I O   1 
ATOM   934  C CB  . SER B 2 27  ? -0.585  -8.036  -13.816 1.00 10.08 ? 29  SER I CB  1 
ATOM   935  O OG  . SER B 2 27  ? 0.746   -8.179  -14.281 1.00 8.45  ? 29  SER I OG  1 
ATOM   936  N N   . PRO B 2 28  ? 0.103   -9.469  -11.106 1.00 9.63  ? 30  PRO I N   1 
ATOM   937  C CA  . PRO B 2 28  ? 1.049   -10.234 -10.286 1.00 11.99 ? 30  PRO I CA  1 
ATOM   938  C C   . PRO B 2 28  ? 2.411   -10.380 -10.974 1.00 12.27 ? 30  PRO I C   1 
ATOM   939  O O   . PRO B 2 28  ? 3.464   -10.287 -10.338 1.00 12.32 ? 30  PRO I O   1 
ATOM   940  C CB  . PRO B 2 28  ? 0.338   -11.572 -10.108 1.00 10.89 ? 30  PRO I CB  1 
ATOM   941  C CG  . PRO B 2 28  ? -1.114  -11.166 -10.077 1.00 12.82 ? 30  PRO I CG  1 
ATOM   942  C CD  . PRO B 2 28  ? -1.189  -10.174 -11.217 1.00 11.01 ? 30  PRO I CD  1 
ATOM   943  N N   . LYS B 2 29  ? 2.380   -10.612 -12.279 1.00 11.65 ? 31  LYS I N   1 
ATOM   944  C CA  . LYS B 2 29  ? 3.606   -10.759 -13.056 1.00 12.11 ? 31  LYS I CA  1 
ATOM   945  C C   . LYS B 2 29  ? 4.416   -9.464  -13.034 1.00 11.03 ? 31  LYS I C   1 
ATOM   946  O O   . LYS B 2 29  ? 5.631   -9.479  -12.821 1.00 11.01 ? 31  LYS I O   1 
ATOM   947  C CB  . LYS B 2 29  ? 3.256   -11.134 -14.500 1.00 15.37 ? 31  LYS I CB  1 
ATOM   948  C CG  . LYS B 2 29  ? 4.411   -11.023 -15.489 1.00 18.29 ? 31  LYS I CG  1 
ATOM   949  C CD  . LYS B 2 29  ? 3.952   -11.405 -16.890 1.00 22.37 ? 31  LYS I CD  1 
ATOM   950  C CE  . LYS B 2 29  ? 4.977   -11.019 -17.943 1.00 24.63 ? 31  LYS I CE  1 
ATOM   951  N NZ  . LYS B 2 29  ? 5.191   -9.543  -18.002 1.00 26.84 ? 31  LYS I NZ  1 
ATOM   952  N N   . ALA B 2 30  ? 3.738   -8.343  -13.250 1.00 10.46 ? 32  ALA I N   1 
ATOM   953  C CA  . ALA B 2 30  ? 4.404   -7.045  -13.267 1.00 11.22 ? 32  ALA I CA  1 
ATOM   954  C C   . ALA B 2 30  ? 4.970   -6.681  -11.899 1.00 10.83 ? 32  ALA I C   1 
ATOM   955  O O   . ALA B 2 30  ? 6.049   -6.097  -11.805 1.00 10.99 ? 32  ALA I O   1 
ATOM   956  C CB  . ALA B 2 30  ? 3.436   -5.967  -13.738 1.00 11.50 ? 32  ALA I CB  1 
ATOM   957  N N   . ALA B 2 31  ? 4.243   -7.032  -10.843 1.00 9.72  ? 33  ALA I N   1 
ATOM   958  C CA  . ALA B 2 31  ? 4.677   -6.732  -9.480  1.00 10.80 ? 33  ALA I CA  1 
ATOM   959  C C   . ALA B 2 31  ? 6.010   -7.417  -9.186  1.00 11.59 ? 33  ALA I C   1 
ATOM   960  O O   . ALA B 2 31  ? 6.912   -6.819  -8.598  1.00 10.39 ? 33  ALA I O   1 
ATOM   961  C CB  . ALA B 2 31  ? 3.614   -7.187  -8.481  1.00 9.69  ? 33  ALA I CB  1 
ATOM   962  N N   . ILE B 2 32  ? 6.128   -8.674  -9.596  1.00 11.48 ? 34  ILE I N   1 
ATOM   963  C CA  . ILE B 2 32  ? 7.363   -9.421  -9.390  1.00 13.12 ? 34  ILE I CA  1 
ATOM   964  C C   . ILE B 2 32  ? 8.487   -8.759  -10.179 1.00 12.60 ? 34  ILE I C   1 
ATOM   965  O O   . ILE B 2 32  ? 9.604   -8.605  -9.674  1.00 13.67 ? 34  ILE I O   1 
ATOM   966  C CB  . ILE B 2 32  ? 7.219   -10.884 -9.858  1.00 15.28 ? 34  ILE I CB  1 
ATOM   967  C CG1 . ILE B 2 32  ? 6.177   -11.607 -9.000  1.00 17.72 ? 34  ILE I CG1 1 
ATOM   968  C CG2 . ILE B 2 32  ? 8.569   -11.596 -9.778  1.00 15.02 ? 34  ILE I CG2 1 
ATOM   969  C CD1 . ILE B 2 32  ? 6.556   -11.743 -7.547  1.00 20.52 ? 34  ILE I CD1 1 
ATOM   970  N N   . GLU B 2 33  ? 8.193   -8.368  -11.417 1.00 11.36 ? 35  GLU I N   1 
ATOM   971  C CA  . GLU B 2 33  ? 9.192   -7.715  -12.258 1.00 11.47 ? 35  GLU I CA  1 
ATOM   972  C C   . GLU B 2 33  ? 9.687   -6.420  -11.628 1.00 12.62 ? 35  GLU I C   1 
ATOM   973  O O   . GLU B 2 33  ? 10.878  -6.118  -11.677 1.00 11.69 ? 35  GLU I O   1 
ATOM   974  C CB  . GLU B 2 33  ? 8.627   -7.438  -13.658 1.00 12.37 ? 35  GLU I CB  1 
ATOM   975  C CG  . GLU B 2 33  ? 8.476   -8.692  -14.501 1.00 15.94 ? 35  GLU I CG  1 
ATOM   976  C CD  . GLU B 2 33  ? 7.876   -8.428  -15.870 1.00 19.07 ? 35  GLU I CD  1 
ATOM   977  O OE1 . GLU B 2 33  ? 7.698   -9.405  -16.629 1.00 22.60 ? 35  GLU I OE1 1 
ATOM   978  O OE2 . GLU B 2 33  ? 7.586   -7.255  -16.192 1.00 18.76 ? 35  GLU I OE2 1 
ATOM   979  N N   . VAL B 2 34  ? 8.778   -5.653  -11.036 1.00 10.55 ? 36  VAL I N   1 
ATOM   980  C CA  . VAL B 2 34  ? 9.170   -4.401  -10.395 1.00 10.98 ? 36  VAL I CA  1 
ATOM   981  C C   . VAL B 2 34  ? 10.114  -4.663  -9.221  1.00 11.38 ? 36  VAL I C   1 
ATOM   982  O O   . VAL B 2 34  ? 11.086  -3.936  -9.023  1.00 10.90 ? 36  VAL I O   1 
ATOM   983  C CB  . VAL B 2 34  ? 7.941   -3.619  -9.879  1.00 10.48 ? 36  VAL I CB  1 
ATOM   984  C CG1 . VAL B 2 34  ? 8.393   -2.457  -9.003  1.00 10.21 ? 36  VAL I CG1 1 
ATOM   985  C CG2 . VAL B 2 34  ? 7.134   -3.094  -11.053 1.00 11.53 ? 36  VAL I CG2 1 
ATOM   986  N N   . CYS B 2 35  ? 9.827   -5.703  -8.446  1.00 11.00 ? 37  CYS I N   1 
ATOM   987  C CA  . CYS B 2 35  ? 10.671  -6.048  -7.307  1.00 12.76 ? 37  CYS I CA  1 
ATOM   988  C C   . CYS B 2 35  ? 12.083  -6.412  -7.759  1.00 14.28 ? 37  CYS I C   1 
ATOM   989  O O   . CYS B 2 35  ? 13.065  -6.020  -7.133  1.00 13.82 ? 37  CYS I O   1 
ATOM   990  C CB  . CYS B 2 35  ? 10.059  -7.216  -6.526  1.00 14.49 ? 37  CYS I CB  1 
ATOM   991  S SG  . CYS B 2 35  ? 8.578   -6.766  -5.591  1.00 15.02 ? 37  CYS I SG  1 
ATOM   992  N N   . ASN B 2 36  ? 12.184  -7.169  -8.844  1.00 15.36 ? 38  ASN I N   1 
ATOM   993  C CA  . ASN B 2 36  ? 13.486  -7.564  -9.358  1.00 16.71 ? 38  ASN I CA  1 
ATOM   994  C C   . ASN B 2 36  ? 14.270  -6.354  -9.863  1.00 17.00 ? 38  ASN I C   1 
ATOM   995  O O   . ASN B 2 36  ? 15.481  -6.257  -9.645  1.00 17.22 ? 38  ASN I O   1 
ATOM   996  C CB  . ASN B 2 36  ? 13.313  -8.600  -10.468 1.00 18.64 ? 38  ASN I CB  1 
ATOM   997  C CG  . ASN B 2 36  ? 12.990  -9.978  -9.923  1.00 21.37 ? 38  ASN I CG  1 
ATOM   998  O OD1 . ASN B 2 36  ? 12.410  -10.812 -10.613 1.00 25.64 ? 38  ASN I OD1 1 
ATOM   999  N ND2 . ASN B 2 36  ? 13.378  -10.224 -8.679  1.00 24.02 ? 38  ASN I ND2 1 
ATOM   1000 N N   . GLU B 2 37  ? 13.580  -5.435  -10.534 1.00 15.64 ? 39  GLU I N   1 
ATOM   1001 C CA  . GLU B 2 37  ? 14.216  -4.223  -11.041 1.00 17.52 ? 39  GLU I CA  1 
ATOM   1002 C C   . GLU B 2 37  ? 14.671  -3.342  -9.885  1.00 15.75 ? 39  GLU I C   1 
ATOM   1003 O O   . GLU B 2 37  ? 15.723  -2.703  -9.951  1.00 14.40 ? 39  GLU I O   1 
ATOM   1004 C CB  . GLU B 2 37  ? 13.245  -3.430  -11.919 1.00 21.03 ? 39  GLU I CB  1 
ATOM   1005 C CG  . GLU B 2 37  ? 13.350  -3.731  -13.396 1.00 28.18 ? 39  GLU I CG  1 
ATOM   1006 C CD  . GLU B 2 37  ? 14.721  -3.392  -13.949 1.00 30.38 ? 39  GLU I CD  1 
ATOM   1007 O OE1 . GLU B 2 37  ? 15.155  -2.231  -13.797 1.00 34.01 ? 39  GLU I OE1 1 
ATOM   1008 O OE2 . GLU B 2 37  ? 15.361  -4.288  -14.534 1.00 32.50 ? 39  GLU I OE2 1 
ATOM   1009 N N   . ALA B 2 38  ? 13.872  -3.306  -8.827  1.00 14.26 ? 40  ALA I N   1 
ATOM   1010 C CA  . ALA B 2 38  ? 14.205  -2.494  -7.665  1.00 15.91 ? 40  ALA I CA  1 
ATOM   1011 C C   . ALA B 2 38  ? 15.532  -2.958  -7.074  1.00 16.02 ? 40  ALA I C   1 
ATOM   1012 O O   . ALA B 2 38  ? 16.385  -2.138  -6.727  1.00 17.66 ? 40  ALA I O   1 
ATOM   1013 C CB  . ALA B 2 38  ? 13.093  -2.589  -6.619  1.00 15.38 ? 40  ALA I CB  1 
ATOM   1014 N N   . ALA B 2 39  ? 15.708  -4.272  -6.970  1.00 16.40 ? 41  ALA I N   1 
ATOM   1015 C CA  . ALA B 2 39  ? 16.937  -4.834  -6.416  1.00 18.57 ? 41  ALA I CA  1 
ATOM   1016 C C   . ALA B 2 39  ? 18.122  -4.480  -7.309  1.00 18.68 ? 41  ALA I C   1 
ATOM   1017 O O   . ALA B 2 39  ? 19.193  -4.119  -6.824  1.00 18.28 ? 41  ALA I O   1 
ATOM   1018 C CB  . ALA B 2 39  ? 16.813  -6.346  -6.288  1.00 18.96 ? 41  ALA I CB  1 
ATOM   1019 N N   . LYS B 2 40  ? 17.915  -4.585  -8.617  1.00 17.58 ? 42  LYS I N   1 
ATOM   1020 C CA  . LYS B 2 40  ? 18.950  -4.275  -9.593  1.00 18.17 ? 42  LYS I CA  1 
ATOM   1021 C C   . LYS B 2 40  ? 19.372  -2.808  -9.493  1.00 16.54 ? 42  LYS I C   1 
ATOM   1022 O O   . LYS B 2 40  ? 20.538  -2.468  -9.717  1.00 15.12 ? 42  LYS I O   1 
ATOM   1023 C CB  . LYS B 2 40  ? 18.429  -4.567  -11.001 1.00 20.34 ? 42  LYS I CB  1 
ATOM   1024 C CG  . LYS B 2 40  ? 19.387  -4.212  -12.124 1.00 26.85 ? 42  LYS I CG  1 
ATOM   1025 C CD  . LYS B 2 40  ? 18.697  -4.332  -13.478 1.00 29.85 ? 42  LYS I CD  1 
ATOM   1026 C CE  . LYS B 2 40  ? 19.618  -3.935  -14.624 1.00 32.38 ? 42  LYS I CE  1 
ATOM   1027 N NZ  . LYS B 2 40  ? 20.178  -5.117  -15.340 1.00 34.54 ? 42  LYS I NZ  1 
ATOM   1028 N N   . LYS B 2 41  ? 18.418  -1.945  -9.161  1.00 13.50 ? 43  LYS I N   1 
ATOM   1029 C CA  . LYS B 2 41  ? 18.680  -0.514  -9.043  1.00 13.49 ? 43  LYS I CA  1 
ATOM   1030 C C   . LYS B 2 41  ? 19.131  -0.109  -7.644  1.00 11.86 ? 43  LYS I C   1 
ATOM   1031 O O   . LYS B 2 41  ? 19.516  1.037   -7.421  1.00 13.63 ? 43  LYS I O   1 
ATOM   1032 C CB  . LYS B 2 41  ? 17.433  0.285   -9.435  1.00 15.27 ? 43  LYS I CB  1 
ATOM   1033 C CG  . LYS B 2 41  ? 17.059  0.165   -10.907 1.00 17.98 ? 43  LYS I CG  1 
ATOM   1034 C CD  . LYS B 2 41  ? 15.769  0.905   -11.209 1.00 21.82 ? 43  LYS I CD  1 
ATOM   1035 C CE  . LYS B 2 41  ? 15.403  0.814   -12.685 1.00 24.05 ? 43  LYS I CE  1 
ATOM   1036 N NZ  . LYS B 2 41  ? 16.405  1.492   -13.547 1.00 26.72 ? 43  LYS I NZ  1 
ATOM   1037 N N   . GLY B 2 42  ? 19.091  -1.053  -6.710  1.00 10.85 ? 44  GLY I N   1 
ATOM   1038 C CA  . GLY B 2 42  ? 19.501  -0.763  -5.345  1.00 10.68 ? 44  GLY I CA  1 
ATOM   1039 C C   . GLY B 2 42  ? 18.459  0.022   -4.565  1.00 11.58 ? 44  GLY I C   1 
ATOM   1040 O O   . GLY B 2 42  ? 18.800  0.807   -3.679  1.00 10.48 ? 44  GLY I O   1 
ATOM   1041 N N   . LEU B 2 43  ? 17.187  -0.193  -4.888  1.00 10.92 ? 45  LEU I N   1 
ATOM   1042 C CA  . LEU B 2 43  ? 16.094  0.506   -4.217  1.00 12.04 ? 45  LEU I CA  1 
ATOM   1043 C C   . LEU B 2 43  ? 15.388  -0.381  -3.201  1.00 11.42 ? 45  LEU I C   1 
ATOM   1044 O O   . LEU B 2 43  ? 15.136  -1.556  -3.461  1.00 13.69 ? 45  LEU I O   1 
ATOM   1045 C CB  . LEU B 2 43  ? 15.072  0.994   -5.249  1.00 13.93 ? 45  LEU I CB  1 
ATOM   1046 C CG  . LEU B 2 43  ? 15.615  1.901   -6.359  1.00 14.33 ? 45  LEU I CG  1 
ATOM   1047 C CD1 . LEU B 2 43  ? 14.537  2.136   -7.402  1.00 16.55 ? 45  LEU I CD1 1 
ATOM   1048 C CD2 . LEU B 2 43  ? 16.089  3.218   -5.761  1.00 15.12 ? 45  LEU I CD2 1 
ATOM   1049 N N   . TRP B 2 44  ? 15.057  0.196   -2.051  1.00 9.98  ? 46  TRP I N   1 
ATOM   1050 C CA  . TRP B 2 44  ? 14.372  -0.529  -0.984  1.00 10.84 ? 46  TRP I CA  1 
ATOM   1051 C C   . TRP B 2 44  ? 12.862  -0.533  -1.219  1.00 10.81 ? 46  TRP I C   1 
ATOM   1052 O O   . TRP B 2 44  ? 12.285  0.480   -1.611  1.00 9.74  ? 46  TRP I O   1 
ATOM   1053 C CB  . TRP B 2 44  ? 14.691  0.125   0.366   1.00 8.89  ? 46  TRP I CB  1 
ATOM   1054 C CG  . TRP B 2 44  ? 14.133  -0.598  1.559   1.00 10.64 ? 46  TRP I CG  1 
ATOM   1055 C CD1 . TRP B 2 44  ? 12.888  -0.454  2.106   1.00 10.61 ? 46  TRP I CD1 1 
ATOM   1056 C CD2 . TRP B 2 44  ? 14.809  -1.578  2.352   1.00 9.93  ? 46  TRP I CD2 1 
ATOM   1057 N NE1 . TRP B 2 44  ? 12.749  -1.286  3.195   1.00 10.84 ? 46  TRP I NE1 1 
ATOM   1058 C CE2 . TRP B 2 44  ? 13.914  -1.987  3.367   1.00 10.91 ? 46  TRP I CE2 1 
ATOM   1059 C CE3 . TRP B 2 44  ? 16.087  -2.153  2.303   1.00 10.82 ? 46  TRP I CE3 1 
ATOM   1060 C CZ2 . TRP B 2 44  ? 14.256  -2.942  4.329   1.00 11.71 ? 46  TRP I CZ2 1 
ATOM   1061 C CZ3 . TRP B 2 44  ? 16.429  -3.105  3.260   1.00 11.29 ? 46  TRP I CZ3 1 
ATOM   1062 C CH2 . TRP B 2 44  ? 15.515  -3.489  4.259   1.00 12.74 ? 46  TRP I CH2 1 
ATOM   1063 N N   . ILE B 2 45  ? 12.230  -1.680  -0.990  1.00 10.05 ? 47  ILE I N   1 
ATOM   1064 C CA  . ILE B 2 45  ? 10.786  -1.800  -1.157  1.00 10.28 ? 47  ILE I CA  1 
ATOM   1065 C C   . ILE B 2 45  ? 10.144  -1.550  0.206   1.00 9.16  ? 47  ILE I C   1 
ATOM   1066 O O   . ILE B 2 45  ? 10.274  -2.361  1.120   1.00 9.27  ? 47  ILE I O   1 
ATOM   1067 C CB  . ILE B 2 45  ? 10.394  -3.208  -1.653  1.00 10.10 ? 47  ILE I CB  1 
ATOM   1068 C CG1 . ILE B 2 45  ? 11.114  -3.507  -2.970  1.00 10.54 ? 47  ILE I CG1 1 
ATOM   1069 C CG2 . ILE B 2 45  ? 8.871   -3.290  -1.842  1.00 11.02 ? 47  ILE I CG2 1 
ATOM   1070 C CD1 . ILE B 2 45  ? 11.011  -4.960  -3.415  1.00 13.64 ? 47  ILE I CD1 1 
ATOM   1071 N N   . LEU B 2 46  ? 9.463   -0.416  0.332   1.00 9.48  ? 48  LEU I N   1 
ATOM   1072 C CA  . LEU B 2 46  ? 8.820   -0.029  1.582   1.00 9.55  ? 48  LEU I CA  1 
ATOM   1073 C C   . LEU B 2 46  ? 7.502   -0.740  1.834   1.00 9.74  ? 48  LEU I C   1 
ATOM   1074 O O   . LEU B 2 46  ? 7.148   -1.028  2.977   1.00 11.05 ? 48  LEU I O   1 
ATOM   1075 C CB  . LEU B 2 46  ? 8.582   1.482   1.591   1.00 8.94  ? 48  LEU I CB  1 
ATOM   1076 C CG  . LEU B 2 46  ? 9.843   2.342   1.690   1.00 10.21 ? 48  LEU I CG  1 
ATOM   1077 C CD1 . LEU B 2 46  ? 9.482   3.792   1.436   1.00 12.91 ? 48  LEU I CD1 1 
ATOM   1078 C CD2 . LEU B 2 46  ? 10.471  2.175   3.074   1.00 10.35 ? 48  LEU I CD2 1 
ATOM   1079 N N   . GLY B 2 47  ? 6.760   -1.009  0.772   1.00 9.19  ? 49  GLY I N   1 
ATOM   1080 C CA  . GLY B 2 47  ? 5.496   -1.681  0.974   1.00 9.45  ? 49  GLY I CA  1 
ATOM   1081 C C   . GLY B 2 47  ? 4.851   -2.181  -0.290  1.00 8.11  ? 49  GLY I C   1 
ATOM   1082 O O   . GLY B 2 47  ? 5.173   -1.741  -1.393  1.00 8.12  ? 49  GLY I O   1 
ATOM   1083 N N   . ILE B 2 48  ? 3.935   -3.124  -0.104  1.00 7.73  ? 50  ILE I N   1 
ATOM   1084 C CA  . ILE B 2 48  ? 3.185   -3.721  -1.193  1.00 6.85  ? 50  ILE I CA  1 
ATOM   1085 C C   . ILE B 2 48  ? 1.757   -3.834  -0.692  1.00 8.12  ? 50  ILE I C   1 
ATOM   1086 O O   . ILE B 2 48  ? 1.516   -4.365  0.395   1.00 8.69  ? 50  ILE I O   1 
ATOM   1087 C CB  . ILE B 2 48  ? 3.696   -5.134  -1.535  1.00 6.99  ? 50  ILE I CB  1 
ATOM   1088 C CG1 . ILE B 2 48  ? 5.166   -5.072  -1.954  1.00 9.02  ? 50  ILE I CG1 1 
ATOM   1089 C CG2 . ILE B 2 48  ? 2.857   -5.728  -2.672  1.00 7.41  ? 50  ILE I CG2 1 
ATOM   1090 C CD1 . ILE B 2 48  ? 5.818   -6.445  -2.122  1.00 10.83 ? 50  ILE I CD1 1 
ATOM   1091 N N   . ASP B 2 49  ? 0.821   -3.309  -1.474  1.00 8.67  ? 51  ASP I N   1 
ATOM   1092 C CA  . ASP B 2 49  ? -0.592  -3.360  -1.130  1.00 9.20  ? 51  ASP I CA  1 
ATOM   1093 C C   . ASP B 2 49  ? -1.262  -4.303  -2.122  1.00 9.34  ? 51  ASP I C   1 
ATOM   1094 O O   . ASP B 2 49  ? -1.091  -4.163  -3.331  1.00 8.93  ? 51  ASP I O   1 
ATOM   1095 C CB  . ASP B 2 49  ? -1.208  -1.961  -1.221  1.00 8.91  ? 51  ASP I CB  1 
ATOM   1096 C CG  . ASP B 2 49  ? -0.667  -1.013  -0.156  1.00 11.69 ? 51  ASP I CG  1 
ATOM   1097 O OD1 . ASP B 2 49  ? -0.394  0.163   -0.481  1.00 12.69 ? 51  ASP I OD1 1 
ATOM   1098 O OD2 . ASP B 2 49  ? -0.523  -1.443  1.009   1.00 10.71 ? 51  ASP I OD2 1 
ATOM   1099 N N   . GLY B 2 50  ? -2.002  -5.277  -1.605  1.00 8.58  ? 52  GLY I N   1 
ATOM   1100 C CA  . GLY B 2 50  ? -2.679  -6.222  -2.474  1.00 8.45  ? 52  GLY I CA  1 
ATOM   1101 C C   . GLY B 2 50  ? -4.168  -5.951  -2.516  1.00 8.37  ? 52  GLY I C   1 
ATOM   1102 O O   . GLY B 2 50  ? -4.736  -5.380  -1.586  1.00 8.41  ? 52  GLY I O   1 
ATOM   1103 N N   . GLY B 2 51  ? -4.805  -6.361  -3.603  1.00 8.97  ? 53  GLY I N   1 
ATOM   1104 C CA  . GLY B 2 51  ? -6.231  -6.150  -3.737  1.00 8.16  ? 53  GLY I CA  1 
ATOM   1105 C C   . GLY B 2 51  ? -6.752  -6.924  -4.926  1.00 9.05  ? 53  GLY I C   1 
ATOM   1106 O O   . GLY B 2 51  ? -6.104  -7.860  -5.396  1.00 6.95  ? 53  GLY I O   1 
ATOM   1107 N N   . HIS B 2 52  ? -7.918  -6.523  -5.420  1.00 8.83  ? 54  HIS I N   1 
ATOM   1108 C CA  . HIS B 2 52  ? -8.533  -7.188  -6.558  1.00 8.75  ? 54  HIS I CA  1 
ATOM   1109 C C   . HIS B 2 52  ? -8.820  -6.201  -7.676  1.00 9.39  ? 54  HIS I C   1 
ATOM   1110 O O   . HIS B 2 52  ? -9.292  -5.093  -7.428  1.00 9.03  ? 54  HIS I O   1 
ATOM   1111 C CB  . HIS B 2 52  ? -9.852  -7.839  -6.131  1.00 10.05 ? 54  HIS I CB  1 
ATOM   1112 C CG  . HIS B 2 52  ? -9.700  -8.849  -5.040  1.00 9.24  ? 54  HIS I CG  1 
ATOM   1113 N ND1 . HIS B 2 52  ? -9.185  -10.109 -5.258  1.00 13.08 ? 54  HIS I ND1 1 
ATOM   1114 C CD2 . HIS B 2 52  ? -9.975  -8.777  -3.718  1.00 9.36  ? 54  HIS I CD2 1 
ATOM   1115 C CE1 . HIS B 2 52  ? -9.150  -10.771 -4.115  1.00 7.72  ? 54  HIS I CE1 1 
ATOM   1116 N NE2 . HIS B 2 52  ? -9.624  -9.985  -3.165  1.00 13.19 ? 54  HIS I NE2 1 
ATOM   1117 N N   . TRP B 2 53  ? -8.532  -6.610  -8.906  1.00 9.40  ? 55  TRP I N   1 
ATOM   1118 C CA  . TRP B 2 53  ? -8.799  -5.776  -10.069 1.00 11.03 ? 55  TRP I CA  1 
ATOM   1119 C C   . TRP B 2 53  ? -10.225 -6.135  -10.481 1.00 11.86 ? 55  TRP I C   1 
ATOM   1120 O O   . TRP B 2 53  ? -10.523 -7.299  -10.733 1.00 10.91 ? 55  TRP I O   1 
ATOM   1121 C CB  . TRP B 2 53  ? -7.820  -6.110  -11.200 1.00 11.88 ? 55  TRP I CB  1 
ATOM   1122 C CG  . TRP B 2 53  ? -8.027  -5.284  -12.438 1.00 11.24 ? 55  TRP I CG  1 
ATOM   1123 C CD1 . TRP B 2 53  ? -8.429  -5.729  -13.665 1.00 14.77 ? 55  TRP I CD1 1 
ATOM   1124 C CD2 . TRP B 2 53  ? -7.837  -3.871  -12.567 1.00 11.54 ? 55  TRP I CD2 1 
ATOM   1125 N NE1 . TRP B 2 53  ? -8.501  -4.679  -14.552 1.00 13.16 ? 55  TRP I NE1 1 
ATOM   1126 C CE2 . TRP B 2 53  ? -8.142  -3.528  -13.903 1.00 13.80 ? 55  TRP I CE2 1 
ATOM   1127 C CE3 . TRP B 2 53  ? -7.437  -2.859  -11.681 1.00 12.86 ? 55  TRP I CE3 1 
ATOM   1128 C CZ2 . TRP B 2 53  ? -8.059  -2.214  -14.376 1.00 13.02 ? 55  TRP I CZ2 1 
ATOM   1129 C CZ3 . TRP B 2 53  ? -7.356  -1.551  -12.151 1.00 14.06 ? 55  TRP I CZ3 1 
ATOM   1130 C CH2 . TRP B 2 53  ? -7.666  -1.243  -13.489 1.00 14.83 ? 55  TRP I CH2 1 
ATOM   1131 N N   . LEU B 2 54  ? -11.103 -5.140  -10.539 1.00 13.03 ? 56  LEU I N   1 
ATOM   1132 C CA  . LEU B 2 54  ? -12.502 -5.379  -10.887 1.00 14.53 ? 56  LEU I CA  1 
ATOM   1133 C C   . LEU B 2 54  ? -12.840 -5.208  -12.363 1.00 16.44 ? 56  LEU I C   1 
ATOM   1134 O O   . LEU B 2 54  ? -14.000 -5.340  -12.760 1.00 15.42 ? 56  LEU I O   1 
ATOM   1135 C CB  . LEU B 2 54  ? -13.402 -4.491  -10.022 1.00 14.90 ? 56  LEU I CB  1 
ATOM   1136 C CG  . LEU B 2 54  ? -13.755 -5.027  -8.625  1.00 20.21 ? 56  LEU I CG  1 
ATOM   1137 C CD1 . LEU B 2 54  ? -12.753 -6.078  -8.170  1.00 18.37 ? 56  LEU I CD1 1 
ATOM   1138 C CD2 . LEU B 2 54  ? -13.818 -3.874  -7.638  1.00 19.24 ? 56  LEU I CD2 1 
ATOM   1139 N N   . ASN B 2 55  ? -11.826 -4.907  -13.167 1.00 17.20 ? 57  ASN I N   1 
ATOM   1140 C CA  . ASN B 2 55  ? -11.988 -4.759  -14.610 1.00 19.44 ? 57  ASN I CA  1 
ATOM   1141 C C   . ASN B 2 55  ? -13.124 -3.822  -15.024 1.00 19.35 ? 57  ASN I C   1 
ATOM   1142 O O   . ASN B 2 55  ? -14.139 -4.268  -15.557 1.00 20.93 ? 57  ASN I O   1 
ATOM   1143 C CB  . ASN B 2 55  ? -12.217 -6.142  -15.227 1.00 21.84 ? 57  ASN I CB  1 
ATOM   1144 C CG  . ASN B 2 55  ? -11.999 -6.159  -16.728 1.00 26.69 ? 57  ASN I CG  1 
ATOM   1145 O OD1 . ASN B 2 55  ? -12.326 -7.139  -17.400 1.00 28.02 ? 57  ASN I OD1 1 
ATOM   1146 N ND2 . ASN B 2 55  ? -11.434 -5.078  -17.261 1.00 27.01 ? 57  ASN I ND2 1 
ATOM   1147 N N   . PRO B 2 56  ? -12.966 -2.509  -14.793 1.00 18.52 ? 58  PRO I N   1 
ATOM   1148 C CA  . PRO B 2 56  ? -11.796 -1.880  -14.173 1.00 16.52 ? 58  PRO I CA  1 
ATOM   1149 C C   . PRO B 2 56  ? -12.055 -1.563  -12.701 1.00 15.23 ? 58  PRO I C   1 
ATOM   1150 O O   . PRO B 2 56  ? -13.138 -1.831  -12.177 1.00 11.44 ? 58  PRO I O   1 
ATOM   1151 C CB  . PRO B 2 56  ? -11.625 -0.620  -15.003 1.00 18.30 ? 58  PRO I CB  1 
ATOM   1152 C CG  . PRO B 2 56  ? -13.052 -0.192  -15.196 1.00 19.00 ? 58  PRO I CG  1 
ATOM   1153 C CD  . PRO B 2 56  ? -13.811 -1.494  -15.452 1.00 18.49 ? 58  PRO I CD  1 
ATOM   1154 N N   . GLY B 2 57  ? -11.056 -0.991  -12.038 1.00 13.64 ? 59  GLY I N   1 
ATOM   1155 C CA  . GLY B 2 57  ? -11.217 -0.635  -10.643 1.00 14.15 ? 59  GLY I CA  1 
ATOM   1156 C C   . GLY B 2 57  ? -10.370 -1.478  -9.714  1.00 13.26 ? 59  GLY I C   1 
ATOM   1157 O O   . GLY B 2 57  ? -10.305 -2.697  -9.849  1.00 13.59 ? 59  GLY I O   1 
ATOM   1158 N N   . PHE B 2 58  ? -9.710  -0.822  -8.770  1.00 12.82 ? 60  PHE I N   1 
ATOM   1159 C CA  . PHE B 2 58  ? -8.875  -1.529  -7.815  1.00 11.88 ? 60  PHE I CA  1 
ATOM   1160 C C   . PHE B 2 58  ? -9.462  -1.382  -6.417  1.00 10.92 ? 60  PHE I C   1 
ATOM   1161 O O   . PHE B 2 58  ? -9.765  -0.274  -5.976  1.00 11.22 ? 60  PHE I O   1 
ATOM   1162 C CB  . PHE B 2 58  ? -7.445  -0.974  -7.855  1.00 12.78 ? 60  PHE I CB  1 
ATOM   1163 C CG  . PHE B 2 58  ? -6.554  -1.519  -6.774  1.00 11.07 ? 60  PHE I CG  1 
ATOM   1164 C CD1 . PHE B 2 58  ? -6.363  -0.813  -5.591  1.00 13.03 ? 60  PHE I CD1 1 
ATOM   1165 C CD2 . PHE B 2 58  ? -5.915  -2.746  -6.934  1.00 13.46 ? 60  PHE I CD2 1 
ATOM   1166 C CE1 . PHE B 2 58  ? -5.549  -1.321  -4.581  1.00 12.64 ? 60  PHE I CE1 1 
ATOM   1167 C CE2 . PHE B 2 58  ? -5.099  -3.267  -5.931  1.00 12.24 ? 60  PHE I CE2 1 
ATOM   1168 C CZ  . PHE B 2 58  ? -4.915  -2.552  -4.752  1.00 12.26 ? 60  PHE I CZ  1 
ATOM   1169 N N   . ARG B 2 59  ? -9.638  -2.508  -5.734  1.00 10.13 ? 61  ARG I N   1 
ATOM   1170 C CA  . ARG B 2 59  ? -10.166 -2.499  -4.378  1.00 9.35  ? 61  ARG I CA  1 
ATOM   1171 C C   . ARG B 2 59  ? -9.098  -3.092  -3.471  1.00 9.42  ? 61  ARG I C   1 
ATOM   1172 O O   . ARG B 2 59  ? -8.820  -4.289  -3.518  1.00 7.38  ? 61  ARG I O   1 
ATOM   1173 C CB  . ARG B 2 59  ? -11.443 -3.337  -4.279  1.00 9.08  ? 61  ARG I CB  1 
ATOM   1174 C CG  . ARG B 2 59  ? -12.159 -3.200  -2.933  1.00 9.26  ? 61  ARG I CG  1 
ATOM   1175 C CD  . ARG B 2 59  ? -13.367 -4.116  -2.882  1.00 13.16 ? 61  ARG I CD  1 
ATOM   1176 N NE  . ARG B 2 59  ? -12.954 -5.515  -2.948  1.00 15.35 ? 61  ARG I NE  1 
ATOM   1177 C CZ  . ARG B 2 59  ? -13.757 -6.518  -3.284  1.00 17.57 ? 61  ARG I CZ  1 
ATOM   1178 N NH1 . ARG B 2 59  ? -15.024 -6.284  -3.592  1.00 17.12 ? 61  ARG I NH1 1 
ATOM   1179 N NH2 . ARG B 2 59  ? -13.288 -7.758  -3.312  1.00 17.25 ? 61  ARG I NH2 1 
ATOM   1180 N N   . ILE B 2 60  ? -8.504  -2.242  -2.647  1.00 10.09 ? 62  ILE I N   1 
ATOM   1181 C CA  . ILE B 2 60  ? -7.454  -2.661  -1.732  1.00 11.27 ? 62  ILE I CA  1 
ATOM   1182 C C   . ILE B 2 60  ? -8.053  -3.500  -0.603  1.00 11.58 ? 62  ILE I C   1 
ATOM   1183 O O   . ILE B 2 60  ? -9.209  -3.302  -0.214  1.00 10.49 ? 62  ILE I O   1 
ATOM   1184 C CB  . ILE B 2 60  ? -6.748  -1.404  -1.138  1.00 11.68 ? 62  ILE I CB  1 
ATOM   1185 C CG1 . ILE B 2 60  ? -5.439  -1.766  -0.426  1.00 14.66 ? 62  ILE I CG1 1 
ATOM   1186 C CG2 . ILE B 2 60  ? -7.664  -0.734  -0.141  1.00 18.21 ? 62  ILE I CG2 1 
ATOM   1187 C CD1 . ILE B 2 60  ? -4.663  -0.506  0.111   1.00 5.66  ? 62  ILE I CD1 1 
ATOM   1188 N N   . ASP B 2 61  ? -7.278  -4.461  -0.110  1.00 9.05  ? 63  ASP I N   1 
ATOM   1189 C CA  . ASP B 2 61  ? -7.690  -5.293  1.014   1.00 10.30 ? 63  ASP I CA  1 
ATOM   1190 C C   . ASP B 2 61  ? -6.583  -5.022  2.027   1.00 10.22 ? 63  ASP I C   1 
ATOM   1191 O O   . ASP B 2 61  ? -5.451  -5.468  1.848   1.00 8.65  ? 63  ASP I O   1 
ATOM   1192 C CB  . ASP B 2 61  ? -7.717  -6.777  0.634   1.00 10.37 ? 63  ASP I CB  1 
ATOM   1193 C CG  . ASP B 2 61  ? -8.170  -7.669  1.784   1.00 13.35 ? 63  ASP I CG  1 
ATOM   1194 O OD1 . ASP B 2 61  ? -8.643  -8.795  1.516   1.00 11.86 ? 63  ASP I OD1 1 
ATOM   1195 O OD2 . ASP B 2 61  ? -8.043  -7.250  2.955   1.00 12.56 ? 63  ASP I OD2 1 
ATOM   1196 N N   . SER B 2 62  ? -6.914  -4.268  3.072   1.00 10.83 ? 64  SER I N   1 
ATOM   1197 C CA  . SER B 2 62  ? -5.948  -3.892  4.098   1.00 12.07 ? 64  SER I CA  1 
ATOM   1198 C C   . SER B 2 62  ? -5.220  -5.057  4.753   1.00 12.43 ? 64  SER I C   1 
ATOM   1199 O O   . SER B 2 62  ? -4.109  -4.888  5.257   1.00 11.99 ? 64  SER I O   1 
ATOM   1200 C CB  . SER B 2 62  ? -6.634  -3.048  5.178   1.00 13.33 ? 64  SER I CB  1 
ATOM   1201 O OG  . SER B 2 62  ? -7.717  -3.757  5.751   1.00 17.89 ? 64  SER I OG  1 
ATOM   1202 N N   . SER B 2 63  ? -5.836  -6.236  4.759   1.00 10.41 ? 65  SER I N   1 
ATOM   1203 C CA  . SER B 2 63  ? -5.202  -7.395  5.377   1.00 11.11 ? 65  SER I CA  1 
ATOM   1204 C C   . SER B 2 63  ? -4.037  -7.925  4.537   1.00 10.76 ? 65  SER I C   1 
ATOM   1205 O O   . SER B 2 63  ? -3.249  -8.743  5.005   1.00 12.01 ? 65  SER I O   1 
ATOM   1206 C CB  . SER B 2 63  ? -6.230  -8.511  5.611   1.00 12.97 ? 65  SER I CB  1 
ATOM   1207 O OG  . SER B 2 63  ? -6.641  -9.097  4.389   1.00 16.48 ? 65  SER I OG  1 
ATOM   1208 N N   . ALA B 2 64  ? -3.919  -7.453  3.298   1.00 9.44  ? 66  ALA I N   1 
ATOM   1209 C CA  . ALA B 2 64  ? -2.831  -7.898  2.427   1.00 8.81  ? 66  ALA I CA  1 
ATOM   1210 C C   . ALA B 2 64  ? -1.676  -6.897  2.393   1.00 9.55  ? 66  ALA I C   1 
ATOM   1211 O O   . ALA B 2 64  ? -0.692  -7.100  1.677   1.00 10.77 ? 66  ALA I O   1 
ATOM   1212 C CB  . ALA B 2 64  ? -3.355  -8.131  1.007   1.00 8.17  ? 66  ALA I CB  1 
ATOM   1213 N N   . SER B 2 65  ? -1.786  -5.820  3.165   1.00 8.47  ? 67  SER I N   1 
ATOM   1214 C CA  . SER B 2 65  ? -0.737  -4.804  3.174   1.00 9.03  ? 67  SER I CA  1 
ATOM   1215 C C   . SER B 2 65  ? 0.552   -5.269  3.837   1.00 9.54  ? 67  SER I C   1 
ATOM   1216 O O   . SER B 2 65  ? 0.567   -5.624  5.017   1.00 9.25  ? 67  SER I O   1 
ATOM   1217 C CB  . SER B 2 65  ? -1.231  -3.532  3.859   1.00 11.21 ? 67  SER I CB  1 
ATOM   1218 O OG  . SER B 2 65  ? -2.263  -2.931  3.099   1.00 15.72 ? 67  SER I OG  1 
ATOM   1219 N N   . TRP B 2 66  ? 1.630   -5.255  3.061   1.00 8.46  ? 68  TRP I N   1 
ATOM   1220 C CA  . TRP B 2 66  ? 2.955   -5.665  3.526   1.00 8.70  ? 68  TRP I CA  1 
ATOM   1221 C C   . TRP B 2 66  ? 3.773   -4.390  3.719   1.00 8.42  ? 68  TRP I C   1 
ATOM   1222 O O   . TRP B 2 66  ? 3.727   -3.493  2.879   1.00 7.55  ? 68  TRP I O   1 
ATOM   1223 C CB  . TRP B 2 66  ? 3.610   -6.548  2.463   1.00 9.09  ? 68  TRP I CB  1 
ATOM   1224 C CG  . TRP B 2 66  ? 4.974   -7.081  2.807   1.00 9.48  ? 68  TRP I CG  1 
ATOM   1225 C CD1 . TRP B 2 66  ? 5.260   -8.230  3.490   1.00 8.28  ? 68  TRP I CD1 1 
ATOM   1226 C CD2 . TRP B 2 66  ? 6.235   -6.531  2.404   1.00 9.65  ? 68  TRP I CD2 1 
ATOM   1227 N NE1 . TRP B 2 66  ? 6.621   -8.433  3.528   1.00 10.19 ? 68  TRP I NE1 1 
ATOM   1228 C CE2 . TRP B 2 66  ? 7.242   -7.405  2.869   1.00 10.58 ? 68  TRP I CE2 1 
ATOM   1229 C CE3 . TRP B 2 66  ? 6.610   -5.382  1.689   1.00 10.23 ? 68  TRP I CE3 1 
ATOM   1230 C CZ2 . TRP B 2 66  ? 8.608   -7.170  2.641   1.00 10.28 ? 68  TRP I CZ2 1 
ATOM   1231 C CZ3 . TRP B 2 66  ? 7.966   -5.147  1.463   1.00 12.52 ? 68  TRP I CZ3 1 
ATOM   1232 C CH2 . TRP B 2 66  ? 8.949   -6.042  1.939   1.00 9.77  ? 68  TRP I CH2 1 
ATOM   1233 N N   . THR B 2 67  ? 4.518   -4.307  4.815   1.00 9.65  ? 69  THR I N   1 
ATOM   1234 C CA  . THR B 2 67  ? 5.314   -3.113  5.089   1.00 10.94 ? 69  THR I CA  1 
ATOM   1235 C C   . THR B 2 67  ? 6.667   -3.468  5.685   1.00 12.42 ? 69  THR I C   1 
ATOM   1236 O O   . THR B 2 67  ? 6.762   -4.341  6.546   1.00 11.47 ? 69  THR I O   1 
ATOM   1237 C CB  . THR B 2 67  ? 4.600   -2.185  6.092   1.00 14.05 ? 69  THR I CB  1 
ATOM   1238 O OG1 . THR B 2 67  ? 4.609   -2.795  7.387   1.00 24.79 ? 69  THR I OG1 1 
ATOM   1239 C CG2 . THR B 2 67  ? 3.167   -1.954  5.681   1.00 10.70 ? 69  THR I CG2 1 
ATOM   1240 N N   . TYR B 2 68  ? 7.712   -2.788  5.226   1.00 11.76 ? 70  TYR I N   1 
ATOM   1241 C CA  . TYR B 2 68  ? 9.055   -3.033  5.736   1.00 12.80 ? 70  TYR I CA  1 
ATOM   1242 C C   . TYR B 2 68  ? 9.807   -1.703  5.818   1.00 13.13 ? 70  TYR I C   1 
ATOM   1243 O O   . TYR B 2 68  ? 10.361  -1.237  4.823   1.00 12.80 ? 70  TYR I O   1 
ATOM   1244 C CB  . TYR B 2 68  ? 9.803   -4.008  4.814   1.00 14.16 ? 70  TYR I CB  1 
ATOM   1245 C CG  . TYR B 2 68  ? 11.034  -4.652  5.430   1.00 15.93 ? 70  TYR I CG  1 
ATOM   1246 C CD1 . TYR B 2 68  ? 11.602  -4.152  6.604   1.00 16.05 ? 70  TYR I CD1 1 
ATOM   1247 C CD2 . TYR B 2 68  ? 11.640  -5.754  4.825   1.00 17.33 ? 70  TYR I CD2 1 
ATOM   1248 C CE1 . TYR B 2 68  ? 12.740  -4.733  7.157   1.00 16.46 ? 70  TYR I CE1 1 
ATOM   1249 C CE2 . TYR B 2 68  ? 12.778  -6.341  5.370   1.00 16.66 ? 70  TYR I CE2 1 
ATOM   1250 C CZ  . TYR B 2 68  ? 13.322  -5.825  6.534   1.00 17.32 ? 70  TYR I CZ  1 
ATOM   1251 O OH  . TYR B 2 68  ? 14.452  -6.399  7.068   1.00 19.59 ? 70  TYR I OH  1 
ATOM   1252 N N   . ASP B 2 69  ? 9.803   -1.084  6.997   1.00 13.72 ? 71  ASP I N   1 
ATOM   1253 C CA  . ASP B 2 69  ? 10.502  0.184   7.194   1.00 15.79 ? 71  ASP I CA  1 
ATOM   1254 C C   . ASP B 2 69  ? 11.984  -0.023  6.897   1.00 13.90 ? 71  ASP I C   1 
ATOM   1255 O O   . ASP B 2 69  ? 12.555  -1.057  7.240   1.00 12.97 ? 71  ASP I O   1 
ATOM   1256 C CB  . ASP B 2 69  ? 10.333  0.677   8.638   1.00 19.86 ? 71  ASP I CB  1 
ATOM   1257 C CG  . ASP B 2 69  ? 9.241   1.732   8.781   1.00 24.52 ? 71  ASP I CG  1 
ATOM   1258 O OD1 . ASP B 2 69  ? 8.996   2.174   9.923   1.00 28.22 ? 71  ASP I OD1 1 
ATOM   1259 O OD2 . ASP B 2 69  ? 8.633   2.129   7.762   1.00 24.93 ? 71  ASP I OD2 1 
ATOM   1260 N N   . MET B 2 70  ? 12.602  0.967   6.266   1.00 13.71 ? 72  MET I N   1 
ATOM   1261 C CA  . MET B 2 70  ? 14.012  0.885   5.907   1.00 15.73 ? 72  MET I CA  1 
ATOM   1262 C C   . MET B 2 70  ? 14.935  1.222   7.080   1.00 15.75 ? 72  MET I C   1 
ATOM   1263 O O   . MET B 2 70  ? 14.781  2.266   7.718   1.00 14.64 ? 72  MET I O   1 
ATOM   1264 C CB  . MET B 2 70  ? 14.287  1.844   4.743   1.00 18.69 ? 72  MET I CB  1 
ATOM   1265 C CG  . MET B 2 70  ? 15.663  1.720   4.127   1.00 23.43 ? 72  MET I CG  1 
ATOM   1266 S SD  . MET B 2 70  ? 15.893  2.912   2.785   1.00 27.49 ? 72  MET I SD  1 
ATOM   1267 C CE  . MET B 2 70  ? 16.577  4.292   3.693   1.00 27.37 ? 72  MET I CE  1 
ATOM   1268 N N   . PRO B 2 71  ? 15.898  0.334   7.386   1.00 15.28 ? 73  PRO I N   1 
ATOM   1269 C CA  . PRO B 2 71  ? 16.837  0.579   8.486   1.00 15.83 ? 73  PRO I CA  1 
ATOM   1270 C C   . PRO B 2 71  ? 17.902  1.578   8.028   1.00 16.32 ? 73  PRO I C   1 
ATOM   1271 O O   . PRO B 2 71  ? 18.014  1.856   6.835   1.00 14.36 ? 73  PRO I O   1 
ATOM   1272 C CB  . PRO B 2 71  ? 17.415  -0.805  8.756   1.00 16.77 ? 73  PRO I CB  1 
ATOM   1273 C CG  . PRO B 2 71  ? 17.443  -1.419  7.393   1.00 16.41 ? 73  PRO I CG  1 
ATOM   1274 C CD  . PRO B 2 71  ? 16.102  -1.007  6.808   1.00 16.03 ? 73  PRO I CD  1 
ATOM   1275 N N   . GLU B 2 72  ? 18.673  2.120   8.966   1.00 16.91 ? 74  GLU I N   1 
ATOM   1276 C CA  . GLU B 2 72  ? 19.721  3.080   8.613   1.00 18.11 ? 74  GLU I CA  1 
ATOM   1277 C C   . GLU B 2 72  ? 20.743  2.458   7.663   1.00 16.46 ? 74  GLU I C   1 
ATOM   1278 O O   . GLU B 2 72  ? 21.006  3.005   6.592   1.00 17.37 ? 74  GLU I O   1 
ATOM   1279 C CB  . GLU B 2 72  ? 20.416  3.601   9.874   1.00 20.67 ? 74  GLU I CB  1 
ATOM   1280 C CG  . GLU B 2 72  ? 19.488  4.358   10.812  1.00 25.83 ? 74  GLU I CG  1 
ATOM   1281 C CD  . GLU B 2 72  ? 18.562  3.440   11.589  1.00 29.13 ? 74  GLU I CD  1 
ATOM   1282 O OE1 . GLU B 2 72  ? 17.597  3.949   12.193  1.00 31.85 ? 74  GLU I OE1 1 
ATOM   1283 O OE2 . GLU B 2 72  ? 18.807  2.212   11.606  1.00 30.28 ? 74  GLU I OE2 1 
ATOM   1284 N N   . GLU B 2 73  ? 21.336  1.333   8.058   1.00 16.77 ? 75  GLU I N   1 
ATOM   1285 C CA  . GLU B 2 73  ? 22.289  0.638   7.191   1.00 18.01 ? 75  GLU I CA  1 
ATOM   1286 C C   . GLU B 2 73  ? 21.443  -0.419  6.491   1.00 17.39 ? 75  GLU I C   1 
ATOM   1287 O O   . GLU B 2 73  ? 21.235  -1.512  7.014   1.00 19.49 ? 75  GLU I O   1 
ATOM   1288 C CB  . GLU B 2 73  ? 23.403  -0.029  8.003   1.00 20.79 ? 75  GLU I CB  1 
ATOM   1289 C CG  . GLU B 2 73  ? 24.280  0.944   8.769   1.00 24.61 ? 75  GLU I CG  1 
ATOM   1290 C CD  . GLU B 2 73  ? 25.502  0.275   9.371   1.00 26.03 ? 75  GLU I CD  1 
ATOM   1291 O OE1 . GLU B 2 73  ? 26.579  0.291   8.728   1.00 25.48 ? 75  GLU I OE1 1 
ATOM   1292 O OE2 . GLU B 2 73  ? 25.378  -0.277  10.485  1.00 26.06 ? 75  GLU I OE2 1 
ATOM   1293 N N   . TYR B 2 74  ? 20.961  -0.078  5.303   1.00 15.61 ? 76  TYR I N   1 
ATOM   1294 C CA  . TYR B 2 74  ? 20.075  -0.947  4.542   1.00 13.98 ? 76  TYR I CA  1 
ATOM   1295 C C   . TYR B 2 74  ? 20.672  -1.671  3.342   1.00 15.28 ? 76  TYR I C   1 
ATOM   1296 O O   . TYR B 2 74  ? 20.135  -2.688  2.908   1.00 14.84 ? 76  TYR I O   1 
ATOM   1297 C CB  . TYR B 2 74  ? 18.885  -0.117  4.054   1.00 13.22 ? 76  TYR I CB  1 
ATOM   1298 C CG  . TYR B 2 74  ? 19.276  0.911   3.008   1.00 12.29 ? 76  TYR I CG  1 
ATOM   1299 C CD1 . TYR B 2 74  ? 19.255  0.593   1.649   1.00 10.89 ? 76  TYR I CD1 1 
ATOM   1300 C CD2 . TYR B 2 74  ? 19.723  2.180   3.381   1.00 11.92 ? 76  TYR I CD2 1 
ATOM   1301 C CE1 . TYR B 2 74  ? 19.672  1.510   0.686   1.00 12.77 ? 76  TYR I CE1 1 
ATOM   1302 C CE2 . TYR B 2 74  ? 20.145  3.107   2.425   1.00 13.64 ? 76  TYR I CE2 1 
ATOM   1303 C CZ  . TYR B 2 74  ? 20.117  2.761   1.079   1.00 12.58 ? 76  TYR I CZ  1 
ATOM   1304 O OH  . TYR B 2 74  ? 20.544  3.653   0.123   1.00 13.14 ? 76  TYR I OH  1 
ATOM   1305 N N   . LYS B 2 75  ? 21.772  -1.155  2.801   1.00 14.99 ? 77  LYS I N   1 
ATOM   1306 C CA  . LYS B 2 75  ? 22.365  -1.750  1.605   1.00 15.03 ? 77  LYS I CA  1 
ATOM   1307 C C   . LYS B 2 75  ? 22.676  -3.243  1.666   1.00 15.18 ? 77  LYS I C   1 
ATOM   1308 O O   . LYS B 2 75  ? 22.480  -3.955  0.683   1.00 15.96 ? 77  LYS I O   1 
ATOM   1309 C CB  . LYS B 2 75  ? 23.602  -0.945  1.189   1.00 14.50 ? 77  LYS I CB  1 
ATOM   1310 C CG  . LYS B 2 75  ? 23.237  0.469   0.714   1.00 13.99 ? 77  LYS I CG  1 
ATOM   1311 C CD  . LYS B 2 75  ? 24.453  1.318   0.389   1.00 11.46 ? 77  LYS I CD  1 
ATOM   1312 C CE  . LYS B 2 75  ? 24.051  2.761   0.058   1.00 9.18  ? 77  LYS I CE  1 
ATOM   1313 N NZ  . LYS B 2 75  ? 23.296  2.890   -1.227  1.00 9.20  ? 77  LYS I NZ  1 
ATOM   1314 N N   . SER B 2 76  ? 23.133  -3.719  2.817   1.00 16.88 ? 78  SER I N   1 
ATOM   1315 C CA  . SER B 2 76  ? 23.452  -5.133  2.983   1.00 19.27 ? 78  SER I CA  1 
ATOM   1316 C C   . SER B 2 76  ? 22.179  -5.962  3.147   1.00 19.64 ? 78  SER I C   1 
ATOM   1317 O O   . SER B 2 76  ? 22.201  -7.185  3.005   1.00 19.02 ? 78  SER I O   1 
ATOM   1318 C CB  . SER B 2 76  ? 24.324  -5.328  4.220   1.00 22.10 ? 78  SER I CB  1 
ATOM   1319 O OG  . SER B 2 76  ? 23.606  -4.978  5.395   1.00 25.70 ? 78  SER I OG  1 
ATOM   1320 N N   . LYS B 2 77  ? 21.072  -5.288  3.444   1.00 18.34 ? 79  LYS I N   1 
ATOM   1321 C CA  . LYS B 2 77  ? 19.797  -5.962  3.660   1.00 18.87 ? 79  LYS I CA  1 
ATOM   1322 C C   . LYS B 2 77  ? 18.858  -5.966  2.456   1.00 17.90 ? 79  LYS I C   1 
ATOM   1323 O O   . LYS B 2 77  ? 17.769  -6.535  2.519   1.00 16.78 ? 79  LYS I O   1 
ATOM   1324 C CB  . LYS B 2 77  ? 19.103  -5.340  4.871   1.00 19.68 ? 79  LYS I CB  1 
ATOM   1325 C CG  . LYS B 2 77  ? 19.886  -5.542  6.167   1.00 26.14 ? 79  LYS I CG  1 
ATOM   1326 C CD  . LYS B 2 77  ? 19.683  -4.396  7.153   1.00 29.56 ? 79  LYS I CD  1 
ATOM   1327 C CE  . LYS B 2 77  ? 20.652  -4.510  8.330   1.00 32.16 ? 79  LYS I CE  1 
ATOM   1328 N NZ  . LYS B 2 77  ? 20.703  -3.269  9.162   1.00 33.70 ? 79  LYS I NZ  1 
ATOM   1329 N N   . ILE B 2 78  ? 19.277  -5.346  1.357   1.00 16.94 ? 80  ILE I N   1 
ATOM   1330 C CA  . ILE B 2 78  ? 18.450  -5.307  0.158   1.00 16.24 ? 80  ILE I CA  1 
ATOM   1331 C C   . ILE B 2 78  ? 18.076  -6.707  -0.335  1.00 16.44 ? 80  ILE I C   1 
ATOM   1332 O O   . ILE B 2 78  ? 16.938  -6.939  -0.741  1.00 16.01 ? 80  ILE I O   1 
ATOM   1333 C CB  . ILE B 2 78  ? 19.142  -4.495  -0.969  1.00 16.64 ? 80  ILE I CB  1 
ATOM   1334 C CG1 . ILE B 2 78  ? 19.028  -2.999  -0.649  1.00 18.18 ? 80  ILE I CG1 1 
ATOM   1335 C CG2 . ILE B 2 78  ? 18.507  -4.803  -2.323  1.00 17.16 ? 80  ILE I CG2 1 
ATOM   1336 C CD1 . ILE B 2 78  ? 19.703  -2.083  -1.654  1.00 18.56 ? 80  ILE I CD1 1 
ATOM   1337 N N   . PRO B 2 79  ? 19.020  -7.662  -0.304  1.00 17.58 ? 81  PRO I N   1 
ATOM   1338 C CA  . PRO B 2 79  ? 18.665  -9.007  -0.771  1.00 17.86 ? 81  PRO I CA  1 
ATOM   1339 C C   . PRO B 2 79  ? 17.498  -9.601  0.022   1.00 17.03 ? 81  PRO I C   1 
ATOM   1340 O O   . PRO B 2 79  ? 16.606  -10.237 -0.544  1.00 16.51 ? 81  PRO I O   1 
ATOM   1341 C CB  . PRO B 2 79  ? 19.960  -9.787  -0.567  1.00 19.11 ? 81  PRO I CB  1 
ATOM   1342 C CG  . PRO B 2 79  ? 21.010  -8.745  -0.828  1.00 18.78 ? 81  PRO I CG  1 
ATOM   1343 C CD  . PRO B 2 79  ? 20.470  -7.564  -0.048  1.00 18.02 ? 81  PRO I CD  1 
ATOM   1344 N N   . GLU B 2 80  ? 17.520  -9.394  1.336   1.00 15.16 ? 82  GLU I N   1 
ATOM   1345 C CA  . GLU B 2 80  ? 16.472  -9.905  2.208   1.00 16.08 ? 82  GLU I CA  1 
ATOM   1346 C C   . GLU B 2 80  ? 15.158  -9.169  1.959   1.00 14.15 ? 82  GLU I C   1 
ATOM   1347 O O   . GLU B 2 80  ? 14.090  -9.780  1.943   1.00 12.36 ? 82  GLU I O   1 
ATOM   1348 C CB  . GLU B 2 80  ? 16.876  -9.748  3.678   1.00 20.18 ? 82  GLU I CB  1 
ATOM   1349 C CG  . GLU B 2 80  ? 15.760  -10.079 4.655   1.00 25.67 ? 82  GLU I CG  1 
ATOM   1350 C CD  . GLU B 2 80  ? 16.059  -9.622  6.072   1.00 30.16 ? 82  GLU I CD  1 
ATOM   1351 O OE1 . GLU B 2 80  ? 15.128  -9.116  6.733   1.00 32.32 ? 82  GLU I OE1 1 
ATOM   1352 O OE2 . GLU B 2 80  ? 17.214  -9.772  6.527   1.00 33.13 ? 82  GLU I OE2 1 
ATOM   1353 N N   . ASN B 2 81  ? 15.242  -7.856  1.778   1.00 13.25 ? 83  ASN I N   1 
ATOM   1354 C CA  . ASN B 2 81  ? 14.057  -7.040  1.515   1.00 12.26 ? 83  ASN I CA  1 
ATOM   1355 C C   . ASN B 2 81  ? 13.383  -7.549  0.246   1.00 12.12 ? 83  ASN I C   1 
ATOM   1356 O O   . ASN B 2 81  ? 12.168  -7.747  0.197   1.00 10.60 ? 83  ASN I O   1 
ATOM   1357 C CB  . ASN B 2 81  ? 14.466  -5.576  1.325   1.00 12.21 ? 83  ASN I CB  1 
ATOM   1358 C CG  . ASN B 2 81  ? 13.303  -4.686  0.905   1.00 10.83 ? 83  ASN I CG  1 
ATOM   1359 O OD1 . ASN B 2 81  ? 12.389  -4.411  1.690   1.00 13.76 ? 83  ASN I OD1 1 
ATOM   1360 N ND2 . ASN B 2 81  ? 13.338  -4.227  -0.337  1.00 7.11  ? 83  ASN I ND2 1 
ATOM   1361 N N   . ASN B 2 82  ? 14.196  -7.773  -0.777  1.00 11.34 ? 84  ASN I N   1 
ATOM   1362 C CA  . ASN B 2 82  ? 13.716  -8.244  -2.062  1.00 12.38 ? 84  ASN I CA  1 
ATOM   1363 C C   . ASN B 2 82  ? 13.132  -9.656  -1.954  1.00 13.43 ? 84  ASN I C   1 
ATOM   1364 O O   . ASN B 2 82  ? 12.063  -9.942  -2.498  1.00 12.63 ? 84  ASN I O   1 
ATOM   1365 C CB  . ASN B 2 82  ? 14.872  -8.207  -3.065  1.00 14.74 ? 84  ASN I CB  1 
ATOM   1366 C CG  . ASN B 2 82  ? 14.405  -8.301  -4.491  1.00 17.16 ? 84  ASN I CG  1 
ATOM   1367 O OD1 . ASN B 2 82  ? 14.336  -9.382  -5.065  1.00 21.00 ? 84  ASN I OD1 1 
ATOM   1368 N ND2 . ASN B 2 82  ? 14.064  -7.158  -5.072  1.00 24.34 ? 84  ASN I ND2 1 
ATOM   1369 N N   . ARG B 2 83  ? 13.834  -10.534 -1.244  1.00 12.93 ? 85  ARG I N   1 
ATOM   1370 C CA  . ARG B 2 83  ? 13.374  -11.907 -1.066  1.00 14.87 ? 85  ARG I CA  1 
ATOM   1371 C C   . ARG B 2 83  ? 12.001  -11.945 -0.395  1.00 14.18 ? 85  ARG I C   1 
ATOM   1372 O O   . ARG B 2 83  ? 11.076  -12.613 -0.874  1.00 12.52 ? 85  ARG I O   1 
ATOM   1373 C CB  . ARG B 2 83  ? 14.383  -12.694 -0.224  1.00 17.69 ? 85  ARG I CB  1 
ATOM   1374 C CG  . ARG B 2 83  ? 14.058  -14.179 -0.082  1.00 24.16 ? 85  ARG I CG  1 
ATOM   1375 C CD  . ARG B 2 83  ? 15.153  -14.916 0.686   1.00 28.42 ? 85  ARG I CD  1 
ATOM   1376 N NE  . ARG B 2 83  ? 15.164  -14.587 2.111   1.00 32.51 ? 85  ARG I NE  1 
ATOM   1377 C CZ  . ARG B 2 83  ? 14.296  -15.065 2.999   1.00 34.28 ? 85  ARG I CZ  1 
ATOM   1378 N NH1 . ARG B 2 83  ? 13.339  -15.902 2.615   1.00 35.53 ? 85  ARG I NH1 1 
ATOM   1379 N NH2 . ARG B 2 83  ? 14.386  -14.708 4.274   1.00 35.63 ? 85  ARG I NH2 1 
ATOM   1380 N N   . LEU B 2 84  ? 11.868  -11.219 0.711   1.00 11.95 ? 86  LEU I N   1 
ATOM   1381 C CA  . LEU B 2 84  ? 10.611  -11.184 1.446   1.00 12.52 ? 86  LEU I CA  1 
ATOM   1382 C C   . LEU B 2 84  ? 9.474   -10.554 0.648   1.00 11.62 ? 86  LEU I C   1 
ATOM   1383 O O   . LEU B 2 84  ? 8.325   -10.970 0.773   1.00 12.20 ? 86  LEU I O   1 
ATOM   1384 C CB  . LEU B 2 84  ? 10.791  -10.432 2.771   1.00 13.07 ? 86  LEU I CB  1 
ATOM   1385 C CG  . LEU B 2 84  ? 11.697  -11.125 3.795   1.00 14.36 ? 86  LEU I CG  1 
ATOM   1386 C CD1 . LEU B 2 84  ? 11.812  -10.259 5.039   1.00 16.82 ? 86  LEU I CD1 1 
ATOM   1387 C CD2 . LEU B 2 84  ? 11.128  -12.498 4.146   1.00 17.46 ? 86  LEU I CD2 1 
ATOM   1388 N N   . ALA B 2 85  ? 9.789   -9.555  -0.168  1.00 11.78 ? 87  ALA I N   1 
ATOM   1389 C CA  . ALA B 2 85  ? 8.762   -8.898  -0.971  1.00 11.32 ? 87  ALA I CA  1 
ATOM   1390 C C   . ALA B 2 85  ? 8.180   -9.864  -1.995  1.00 10.97 ? 87  ALA I C   1 
ATOM   1391 O O   . ALA B 2 85  ? 6.960   -9.936  -2.175  1.00 10.24 ? 87  ALA I O   1 
ATOM   1392 C CB  . ALA B 2 85  ? 9.346   -7.676  -1.679  1.00 12.11 ? 87  ALA I CB  1 
ATOM   1393 N N   . ILE B 2 86  ? 9.052   -10.610 -2.668  1.00 10.09 ? 88  ILE I N   1 
ATOM   1394 C CA  . ILE B 2 86  ? 8.607   -11.562 -3.686  1.00 10.73 ? 88  ILE I CA  1 
ATOM   1395 C C   . ILE B 2 86  ? 7.816   -12.703 -3.056  1.00 11.57 ? 88  ILE I C   1 
ATOM   1396 O O   . ILE B 2 86  ? 6.798   -13.138 -3.593  1.00 11.03 ? 88  ILE I O   1 
ATOM   1397 C CB  . ILE B 2 86  ? 9.811   -12.125 -4.479  1.00 12.27 ? 88  ILE I CB  1 
ATOM   1398 C CG1 . ILE B 2 86  ? 10.446  -10.994 -5.300  1.00 14.60 ? 88  ILE I CG1 1 
ATOM   1399 C CG2 . ILE B 2 86  ? 9.357   -13.265 -5.384  1.00 14.23 ? 88  ILE I CG2 1 
ATOM   1400 C CD1 . ILE B 2 86  ? 11.687  -11.399 -6.077  1.00 17.22 ? 88  ILE I CD1 1 
ATOM   1401 N N   . GLU B 2 87  ? 8.289   -13.181 -1.912  1.00 11.36 ? 89  GLU I N   1 
ATOM   1402 C CA  . GLU B 2 87  ? 7.619   -14.252 -1.189  1.00 13.01 ? 89  GLU I CA  1 
ATOM   1403 C C   . GLU B 2 87  ? 6.220   -13.786 -0.784  1.00 12.56 ? 89  GLU I C   1 
ATOM   1404 O O   . GLU B 2 87  ? 5.263   -14.563 -0.788  1.00 10.33 ? 89  GLU I O   1 
ATOM   1405 C CB  . GLU B 2 87  ? 8.442   -14.603 0.049   1.00 17.28 ? 89  GLU I CB  1 
ATOM   1406 C CG  . GLU B 2 87  ? 7.815   -15.599 0.996   1.00 24.32 ? 89  GLU I CG  1 
ATOM   1407 C CD  . GLU B 2 87  ? 8.702   -15.850 2.203   1.00 29.66 ? 89  GLU I CD  1 
ATOM   1408 O OE1 . GLU B 2 87  ? 9.825   -16.370 2.016   1.00 31.98 ? 89  GLU I OE1 1 
ATOM   1409 O OE2 . GLU B 2 87  ? 8.284   -15.517 3.334   1.00 32.35 ? 89  GLU I OE2 1 
ATOM   1410 N N   . ASN B 2 88  ? 6.115   -12.509 -0.431  1.00 10.66 ? 90  ASN I N   1 
ATOM   1411 C CA  . ASN B 2 88  ? 4.841   -11.928 -0.030  1.00 9.92  ? 90  ASN I CA  1 
ATOM   1412 C C   . ASN B 2 88  ? 3.857   -11.937 -1.191  1.00 9.53  ? 90  ASN I C   1 
ATOM   1413 O O   . ASN B 2 88  ? 2.695   -12.304 -1.026  1.00 8.14  ? 90  ASN I O   1 
ATOM   1414 C CB  . ASN B 2 88  ? 5.042   -10.491 0.453   1.00 9.45  ? 90  ASN I CB  1 
ATOM   1415 C CG  . ASN B 2 88  ? 3.729   -9.764  0.678   1.00 9.39  ? 90  ASN I CG  1 
ATOM   1416 O OD1 . ASN B 2 88  ? 2.998   -10.048 1.630   1.00 8.18  ? 90  ASN I OD1 1 
ATOM   1417 N ND2 . ASN B 2 88  ? 3.415   -8.827  -0.211  1.00 8.58  ? 90  ASN I ND2 1 
ATOM   1418 N N   . ILE B 2 89  ? 4.321   -11.520 -2.364  1.00 8.08  ? 91  ILE I N   1 
ATOM   1419 C CA  . ILE B 2 89  ? 3.462   -11.488 -3.546  1.00 10.14 ? 91  ILE I CA  1 
ATOM   1420 C C   . ILE B 2 89  ? 2.995   -12.895 -3.911  1.00 10.48 ? 91  ILE I C   1 
ATOM   1421 O O   . ILE B 2 89  ? 1.827   -13.106 -4.256  1.00 10.18 ? 91  ILE I O   1 
ATOM   1422 C CB  . ILE B 2 89  ? 4.197   -10.864 -4.749  1.00 9.23  ? 91  ILE I CB  1 
ATOM   1423 C CG1 . ILE B 2 89  ? 4.429   -9.372  -4.488  1.00 11.15 ? 91  ILE I CG1 1 
ATOM   1424 C CG2 . ILE B 2 89  ? 3.382   -11.069 -6.028  1.00 10.69 ? 91  ILE I CG2 1 
ATOM   1425 C CD1 . ILE B 2 89  ? 5.275   -8.680  -5.540  1.00 11.79 ? 91  ILE I CD1 1 
ATOM   1426 N N   . LYS B 2 90  ? 3.912   -13.854 -3.837  1.00 10.98 ? 92  LYS I N   1 
ATOM   1427 C CA  . LYS B 2 90  ? 3.579   -15.242 -4.145  1.00 11.96 ? 92  LYS I CA  1 
ATOM   1428 C C   . LYS B 2 90  ? 2.494   -15.762 -3.203  1.00 10.87 ? 92  LYS I C   1 
ATOM   1429 O O   . LYS B 2 90  ? 1.579   -16.464 -3.631  1.00 10.28 ? 92  LYS I O   1 
ATOM   1430 C CB  . LYS B 2 90  ? 4.826   -16.122 -4.041  1.00 13.93 ? 92  LYS I CB  1 
ATOM   1431 C CG  . LYS B 2 90  ? 5.676   -16.149 -5.307  1.00 20.00 ? 92  LYS I CG  1 
ATOM   1432 C CD  . LYS B 2 90  ? 6.938   -16.979 -5.102  1.00 24.27 ? 92  LYS I CD  1 
ATOM   1433 C CE  . LYS B 2 90  ? 7.543   -17.421 -6.431  1.00 28.69 ? 92  LYS I CE  1 
ATOM   1434 N NZ  . LYS B 2 90  ? 7.801   -16.287 -7.361  1.00 30.74 ? 92  LYS I NZ  1 
ATOM   1435 N N   . ASP B 2 91  ? 2.596   -15.414 -1.924  1.00 12.79 ? 93  ASP I N   1 
ATOM   1436 C CA  . ASP B 2 91  ? 1.603   -15.838 -0.940  1.00 11.37 ? 93  ASP I CA  1 
ATOM   1437 C C   . ASP B 2 91  ? 0.241   -15.212 -1.229  1.00 11.34 ? 93  ASP I C   1 
ATOM   1438 O O   . ASP B 2 91  ? -0.794  -15.863 -1.072  1.00 9.84  ? 93  ASP I O   1 
ATOM   1439 C CB  . ASP B 2 91  ? 2.045   -15.451 0.473   1.00 15.11 ? 93  ASP I CB  1 
ATOM   1440 C CG  . ASP B 2 91  ? 3.143   -16.350 1.013   1.00 21.38 ? 93  ASP I CG  1 
ATOM   1441 O OD1 . ASP B 2 91  ? 3.614   -16.093 2.141   1.00 25.36 ? 93  ASP I OD1 1 
ATOM   1442 O OD2 . ASP B 2 91  ? 3.531   -17.315 0.319   1.00 21.90 ? 93  ASP I OD2 1 
ATOM   1443 N N   . ASP B 2 92  ? 0.237   -13.949 -1.641  1.00 8.77  ? 94  ASP I N   1 
ATOM   1444 C CA  . ASP B 2 92  ? -1.018  -13.270 -1.949  1.00 8.84  ? 94  ASP I CA  1 
ATOM   1445 C C   . ASP B 2 92  ? -1.673  -13.898 -3.177  1.00 9.04  ? 94  ASP I C   1 
ATOM   1446 O O   . ASP B 2 92  ? -2.898  -13.943 -3.282  1.00 8.30  ? 94  ASP I O   1 
ATOM   1447 C CB  . ASP B 2 92  ? -0.787  -11.772 -2.185  1.00 9.12  ? 94  ASP I CB  1 
ATOM   1448 C CG  . ASP B 2 92  ? -0.662  -10.982 -0.886  1.00 10.64 ? 94  ASP I CG  1 
ATOM   1449 O OD1 . ASP B 2 92  ? -0.936  -11.541 0.197   1.00 8.50  ? 94  ASP I OD1 1 
ATOM   1450 O OD2 . ASP B 2 92  ? -0.298  -9.791  -0.953  1.00 13.33 ? 94  ASP I OD2 1 
ATOM   1451 N N   . ILE B 2 93  ? -0.857  -14.376 -4.113  1.00 9.61  ? 95  ILE I N   1 
ATOM   1452 C CA  . ILE B 2 93  ? -1.392  -15.022 -5.309  1.00 7.98  ? 95  ILE I CA  1 
ATOM   1453 C C   . ILE B 2 93  ? -2.123  -16.296 -4.867  1.00 9.03  ? 95  ILE I C   1 
ATOM   1454 O O   . ILE B 2 93  ? -3.208  -16.613 -5.367  1.00 9.06  ? 95  ILE I O   1 
ATOM   1455 C CB  . ILE B 2 93  ? -0.259  -15.376 -6.312  1.00 10.03 ? 95  ILE I CB  1 
ATOM   1456 C CG1 . ILE B 2 93  ? 0.306   -14.089 -6.926  1.00 8.58  ? 95  ILE I CG1 1 
ATOM   1457 C CG2 . ILE B 2 93  ? -0.789  -16.289 -7.414  1.00 9.36  ? 95  ILE I CG2 1 
ATOM   1458 C CD1 . ILE B 2 93  ? 1.529   -14.304 -7.818  1.00 9.30  ? 95  ILE I CD1 1 
ATOM   1459 N N   . GLU B 2 94  ? -1.530  -17.021 -3.922  1.00 7.28  ? 96  GLU I N   1 
ATOM   1460 C CA  . GLU B 2 94  ? -2.150  -18.240 -3.409  1.00 8.74  ? 96  GLU I CA  1 
ATOM   1461 C C   . GLU B 2 94  ? -3.469  -17.911 -2.718  1.00 10.07 ? 96  GLU I C   1 
ATOM   1462 O O   . GLU B 2 94  ? -4.358  -18.759 -2.624  1.00 10.49 ? 96  GLU I O   1 
ATOM   1463 C CB  . GLU B 2 94  ? -1.234  -18.940 -2.404  1.00 11.00 ? 96  GLU I CB  1 
ATOM   1464 C CG  . GLU B 2 94  ? -0.011  -19.598 -3.013  1.00 13.04 ? 96  GLU I CG  1 
ATOM   1465 C CD  . GLU B 2 94  ? -0.378  -20.634 -4.059  1.00 14.86 ? 96  GLU I CD  1 
ATOM   1466 O OE1 . GLU B 2 94  ? -1.253  -21.482 -3.775  1.00 14.18 ? 96  GLU I OE1 1 
ATOM   1467 O OE2 . GLU B 2 94  ? 0.212   -20.604 -5.158  1.00 15.34 ? 96  GLU I OE2 1 
ATOM   1468 N N   . ASN B 2 95  ? -3.591  -16.682 -2.225  1.00 8.58  ? 97  ASN I N   1 
ATOM   1469 C CA  . ASN B 2 95  ? -4.809  -16.273 -1.538  1.00 9.38  ? 97  ASN I CA  1 
ATOM   1470 C C   . ASN B 2 95  ? -5.837  -15.582 -2.431  1.00 9.91  ? 97  ASN I C   1 
ATOM   1471 O O   . ASN B 2 95  ? -6.825  -15.037 -1.941  1.00 10.06 ? 97  ASN I O   1 
ATOM   1472 C CB  . ASN B 2 95  ? -4.470  -15.389 -0.336  1.00 11.32 ? 97  ASN I CB  1 
ATOM   1473 C CG  . ASN B 2 95  ? -3.806  -16.171 0.779   1.00 14.95 ? 97  ASN I CG  1 
ATOM   1474 O OD1 . ASN B 2 95  ? -4.046  -17.369 0.930   1.00 15.13 ? 97  ASN I OD1 1 
ATOM   1475 N ND2 . ASN B 2 95  ? -2.982  -15.497 1.572   1.00 17.94 ? 97  ASN I ND2 1 
ATOM   1476 N N   . GLY B 2 96  ? -5.591  -15.592 -3.737  1.00 7.82  ? 98  GLY I N   1 
ATOM   1477 C CA  . GLY B 2 96  ? -6.541  -15.015 -4.669  1.00 8.48  ? 98  GLY I CA  1 
ATOM   1478 C C   . GLY B 2 96  ? -6.480  -13.533 -4.988  1.00 9.25  ? 98  GLY I C   1 
ATOM   1479 O O   . GLY B 2 96  ? -7.429  -12.999 -5.556  1.00 8.85  ? 98  GLY I O   1 
ATOM   1480 N N   . TYR B 2 97  ? -5.398  -12.852 -4.624  1.00 7.42  ? 99  TYR I N   1 
ATOM   1481 C CA  . TYR B 2 97  ? -5.297  -11.433 -4.950  1.00 7.17  ? 99  TYR I CA  1 
ATOM   1482 C C   . TYR B 2 97  ? -4.856  -11.300 -6.398  1.00 7.82  ? 99  TYR I C   1 
ATOM   1483 O O   . TYR B 2 97  ? -4.025  -12.067 -6.870  1.00 9.53  ? 99  TYR I O   1 
ATOM   1484 C CB  . TYR B 2 97  ? -4.339  -10.742 -3.983  1.00 6.86  ? 99  TYR I CB  1 
ATOM   1485 C CG  . TYR B 2 97  ? -4.932  -10.690 -2.596  1.00 8.32  ? 99  TYR I CG  1 
ATOM   1486 C CD1 . TYR B 2 97  ? -6.019  -9.859  -2.319  1.00 9.92  ? 99  TYR I CD1 1 
ATOM   1487 C CD2 . TYR B 2 97  ? -4.463  -11.523 -1.581  1.00 9.56  ? 99  TYR I CD2 1 
ATOM   1488 C CE1 . TYR B 2 97  ? -6.631  -9.862  -1.067  1.00 12.70 ? 99  TYR I CE1 1 
ATOM   1489 C CE2 . TYR B 2 97  ? -5.067  -11.533 -0.321  1.00 11.71 ? 99  TYR I CE2 1 
ATOM   1490 C CZ  . TYR B 2 97  ? -6.151  -10.702 -0.075  1.00 12.90 ? 99  TYR I CZ  1 
ATOM   1491 O OH  . TYR B 2 97  ? -6.766  -10.721 1.157   1.00 14.60 ? 99  TYR I OH  1 
ATOM   1492 N N   . THR B 2 98  ? -5.414  -10.320 -7.100  1.00 8.40  ? 100 THR I N   1 
ATOM   1493 C CA  . THR B 2 98  ? -5.134  -10.156 -8.518  1.00 8.48  ? 100 THR I CA  1 
ATOM   1494 C C   . THR B 2 98  ? -4.476  -8.855  -8.968  1.00 8.92  ? 100 THR I C   1 
ATOM   1495 O O   . THR B 2 98  ? -4.232  -8.670  -10.162 1.00 10.04 ? 100 THR I O   1 
ATOM   1496 C CB  . THR B 2 98  ? -6.440  -10.337 -9.308  1.00 8.41  ? 100 THR I CB  1 
ATOM   1497 O OG1 . THR B 2 98  ? -7.420  -9.411  -8.819  1.00 7.55  ? 100 THR I OG1 1 
ATOM   1498 C CG2 . THR B 2 98  ? -6.977  -11.760 -9.120  1.00 11.30 ? 100 THR I CG2 1 
ATOM   1499 N N   . ALA B 2 99  ? -4.185  -7.960  -8.030  1.00 9.14  ? 101 ALA I N   1 
ATOM   1500 C CA  . ALA B 2 99  ? -3.561  -6.684  -8.372  1.00 8.11  ? 101 ALA I CA  1 
ATOM   1501 C C   . ALA B 2 99  ? -2.755  -6.155  -7.195  1.00 8.21  ? 101 ALA I C   1 
ATOM   1502 O O   . ALA B 2 99  ? -3.119  -6.372  -6.039  1.00 7.47  ? 101 ALA I O   1 
ATOM   1503 C CB  . ALA B 2 99  ? -4.632  -5.664  -8.770  1.00 8.92  ? 101 ALA I CB  1 
ATOM   1504 N N   . PHE B 2 100 ? -1.664  -5.460  -7.498  1.00 7.07  ? 102 PHE I N   1 
ATOM   1505 C CA  . PHE B 2 100 ? -0.800  -4.907  -6.464  1.00 6.46  ? 102 PHE I CA  1 
ATOM   1506 C C   . PHE B 2 100 ? -0.340  -3.492  -6.771  1.00 7.89  ? 102 PHE I C   1 
ATOM   1507 O O   . PHE B 2 100 ? -0.318  -3.065  -7.925  1.00 7.87  ? 102 PHE I O   1 
ATOM   1508 C CB  . PHE B 2 100 ? 0.452   -5.777  -6.289  1.00 8.29  ? 102 PHE I CB  1 
ATOM   1509 C CG  . PHE B 2 100 ? 0.157   -7.212  -5.977  1.00 8.82  ? 102 PHE I CG  1 
ATOM   1510 C CD1 . PHE B 2 100 ? -0.099  -8.122  -6.999  1.00 11.35 ? 102 PHE I CD1 1 
ATOM   1511 C CD2 . PHE B 2 100 ? 0.115   -7.652  -4.659  1.00 10.60 ? 102 PHE I CD2 1 
ATOM   1512 C CE1 . PHE B 2 100 ? -0.393  -9.452  -6.710  1.00 12.67 ? 102 PHE I CE1 1 
ATOM   1513 C CE2 . PHE B 2 100 ? -0.177  -8.975  -4.355  1.00 11.30 ? 102 PHE I CE2 1 
ATOM   1514 C CZ  . PHE B 2 100 ? -0.432  -9.880  -5.381  1.00 14.19 ? 102 PHE I CZ  1 
ATOM   1515 N N   . ILE B 2 101 ? 0.026   -2.773  -5.717  1.00 8.11  ? 103 ILE I N   1 
ATOM   1516 C CA  . ILE B 2 101 ? 0.558   -1.426  -5.841  1.00 7.11  ? 103 ILE I CA  1 
ATOM   1517 C C   . ILE B 2 101 ? 1.823   -1.475  -4.998  1.00 8.27  ? 103 ILE I C   1 
ATOM   1518 O O   . ILE B 2 101 ? 1.787   -1.890  -3.840  1.00 9.34  ? 103 ILE I O   1 
ATOM   1519 C CB  . ILE B 2 101 ? -0.404  -0.356  -5.290  1.00 8.39  ? 103 ILE I CB  1 
ATOM   1520 C CG1 . ILE B 2 101 ? -1.716  -0.374  -6.086  1.00 8.08  ? 103 ILE I CG1 1 
ATOM   1521 C CG2 . ILE B 2 101 ? 0.243   1.027   -5.404  1.00 8.08  ? 103 ILE I CG2 1 
ATOM   1522 C CD1 . ILE B 2 101 ? -2.753  0.627   -5.588  1.00 11.26 ? 103 ILE I CD1 1 
ATOM   1523 N N   . ILE B 2 102 ? 2.942   -1.070  -5.587  1.00 8.57  ? 104 ILE I N   1 
ATOM   1524 C CA  . ILE B 2 102 ? 4.222   -1.102  -4.896  1.00 9.06  ? 104 ILE I CA  1 
ATOM   1525 C C   . ILE B 2 102 ? 4.755   0.282   -4.554  1.00 8.35  ? 104 ILE I C   1 
ATOM   1526 O O   . ILE B 2 102 ? 4.664   1.215   -5.350  1.00 9.86  ? 104 ILE I O   1 
ATOM   1527 C CB  . ILE B 2 102 ? 5.269   -1.850  -5.745  1.00 10.98 ? 104 ILE I CB  1 
ATOM   1528 C CG1 . ILE B 2 102 ? 4.841   -3.312  -5.907  1.00 12.49 ? 104 ILE I CG1 1 
ATOM   1529 C CG2 . ILE B 2 102 ? 6.646   -1.750  -5.094  1.00 10.22 ? 104 ILE I CG2 1 
ATOM   1530 C CD1 . ILE B 2 102 ? 5.756   -4.130  -6.791  1.00 14.98 ? 104 ILE I CD1 1 
ATOM   1531 N N   . THR B 2 103 ? 5.310   0.400   -3.352  1.00 7.17  ? 105 THR I N   1 
ATOM   1532 C CA  . THR B 2 103 ? 5.873   1.655   -2.875  1.00 7.72  ? 105 THR I CA  1 
ATOM   1533 C C   . THR B 2 103 ? 7.366   1.451   -2.637  1.00 9.32  ? 105 THR I C   1 
ATOM   1534 O O   . THR B 2 103 ? 7.764   0.643   -1.798  1.00 8.51  ? 105 THR I O   1 
ATOM   1535 C CB  . THR B 2 103 ? 5.211   2.098   -1.552  1.00 9.30  ? 105 THR I CB  1 
ATOM   1536 O OG1 . THR B 2 103 ? 3.806   2.295   -1.761  1.00 10.04 ? 105 THR I OG1 1 
ATOM   1537 C CG2 . THR B 2 103 ? 5.832   3.397   -1.047  1.00 7.64  ? 105 THR I CG2 1 
ATOM   1538 N N   . LEU B 2 104 ? 8.177   2.183   -3.393  1.00 10.63 ? 106 LEU I N   1 
ATOM   1539 C CA  . LEU B 2 104 ? 9.632   2.116   -3.293  1.00 11.52 ? 106 LEU I CA  1 
ATOM   1540 C C   . LEU B 2 104 ? 10.182  3.377   -2.638  1.00 13.38 ? 106 LEU I C   1 
ATOM   1541 O O   . LEU B 2 104 ? 9.554   4.435   -2.678  1.00 11.67 ? 106 LEU I O   1 
ATOM   1542 C CB  . LEU B 2 104 ? 10.250  2.007   -4.690  1.00 12.41 ? 106 LEU I CB  1 
ATOM   1543 C CG  . LEU B 2 104 ? 10.623  0.658   -5.299  1.00 16.57 ? 106 LEU I CG  1 
ATOM   1544 C CD1 . LEU B 2 104 ? 9.594   -0.390  -4.979  1.00 14.96 ? 106 LEU I CD1 1 
ATOM   1545 C CD2 . LEU B 2 104 ? 10.798  0.837   -6.798  1.00 13.26 ? 106 LEU I CD2 1 
ATOM   1546 N N   . LYS B 2 105 ? 11.357  3.253   -2.033  1.00 14.44 ? 107 LYS I N   1 
ATOM   1547 C CA  . LYS B 2 105 ? 12.018  4.398   -1.424  1.00 18.55 ? 107 LYS I CA  1 
ATOM   1548 C C   . LYS B 2 105 ? 12.845  4.984   -2.562  1.00 21.58 ? 107 LYS I C   1 
ATOM   1549 O O   . LYS B 2 105 ? 13.901  4.455   -2.903  1.00 21.38 ? 107 LYS I O   1 
ATOM   1550 C CB  . LYS B 2 105 ? 12.948  3.950   -0.299  1.00 19.85 ? 107 LYS I CB  1 
ATOM   1551 C CG  . LYS B 2 105 ? 13.769  5.080   0.308   1.00 24.57 ? 107 LYS I CG  1 
ATOM   1552 C CD  . LYS B 2 105 ? 12.906  6.004   1.149   1.00 28.00 ? 107 LYS I CD  1 
ATOM   1553 C CE  . LYS B 2 105 ? 13.722  7.141   1.762   1.00 30.90 ? 107 LYS I CE  1 
ATOM   1554 N NZ  . LYS B 2 105 ? 13.617  8.406   0.980   1.00 33.47 ? 107 LYS I NZ  1 
ATOM   1555 N N   . MET B 2 106 ? 12.356  6.057   -3.169  1.00 25.38 ? 108 MET I N   1 
ATOM   1556 C CA  . MET B 2 106 ? 13.074  6.675   -4.273  1.00 29.47 ? 108 MET I CA  1 
ATOM   1557 C C   . MET B 2 106 ? 12.756  8.159   -4.377  1.00 31.93 ? 108 MET I C   1 
ATOM   1558 O O   . MET B 2 106 ? 11.907  8.639   -3.595  1.00 34.63 ? 108 MET I O   1 
ATOM   1559 C CB  . MET B 2 106 ? 12.714  5.969   -5.583  1.00 30.55 ? 108 MET I CB  1 
ATOM   1560 C CG  . MET B 2 106 ? 11.265  6.144   -6.013  1.00 31.11 ? 108 MET I CG  1 
ATOM   1561 S SD  . MET B 2 106 ? 10.778  4.977   -7.295  1.00 34.93 ? 108 MET I SD  1 
ATOM   1562 C CE  . MET B 2 106 ? 12.027  5.303   -8.550  1.00 33.74 ? 108 MET I CE  1 
ATOM   1563 O OXT . MET B 2 106 ? 13.368  8.823   -5.241  1.00 36.02 ? 108 MET I OXT 1 
HETATM 1564 O O   . HOH C 3 .   ? -9.918  4.965   -12.508 1.00 15.33 ? 117 HOH E O   1 
HETATM 1565 O O   . HOH C 3 .   ? -9.815  -5.098  4.253   1.00 24.25 ? 118 HOH E O   1 
HETATM 1566 O O   . HOH C 3 .   ? -13.215 12.845  8.810   1.00 13.75 ? 119 HOH E O   1 
HETATM 1567 O O   . HOH C 3 .   ? -6.694  -1.475  8.382   1.00 21.05 ? 120 HOH E O   1 
HETATM 1568 O O   . HOH C 3 .   ? -9.420  -1.114  6.233   1.00 17.30 ? 121 HOH E O   1 
HETATM 1569 O O   . HOH C 3 .   ? -16.315 2.457   -3.664  1.00 20.69 ? 122 HOH E O   1 
HETATM 1570 O O   . HOH C 3 .   ? -16.783 -0.647  2.151   1.00 17.52 ? 123 HOH E O   1 
HETATM 1571 O O   . HOH C 3 .   ? 7.407   8.848   -2.605  1.00 22.01 ? 124 HOH E O   1 
HETATM 1572 O O   . HOH C 3 .   ? -4.644  -3.348  7.706   1.00 26.63 ? 125 HOH E O   1 
HETATM 1573 O O   . HOH C 3 .   ? -9.346  2.011   -9.360  1.00 17.03 ? 126 HOH E O   1 
HETATM 1574 O O   . HOH C 3 .   ? -13.167 1.282   15.654  1.00 17.77 ? 127 HOH E O   1 
HETATM 1575 O O   . HOH C 3 .   ? -9.241  0.397   -2.227  1.00 23.35 ? 128 HOH E O   1 
HETATM 1576 O O   . HOH C 3 .   ? -18.356 -3.470  13.132  1.00 39.15 ? 129 HOH E O   1 
HETATM 1577 O O   . HOH C 3 .   ? -16.312 -1.668  -1.695  1.00 28.02 ? 130 HOH E O   1 
HETATM 1578 O O   . HOH C 3 .   ? 7.946   8.576   -5.419  1.00 26.37 ? 131 HOH E O   1 
HETATM 1579 O O   . HOH C 3 .   ? -20.786 1.045   4.608   1.00 28.76 ? 132 HOH E O   1 
HETATM 1580 O O   . HOH C 3 .   ? 9.015   -2.413  9.289   1.00 29.93 ? 133 HOH E O   1 
HETATM 1581 O O   . HOH C 3 .   ? -15.710 -4.214  13.667  1.00 32.87 ? 134 HOH E O   1 
HETATM 1582 O O   . HOH C 3 .   ? 7.507   -10.956 5.120   1.00 19.46 ? 135 HOH E O   1 
HETATM 1583 O O   . HOH C 3 .   ? -2.142  3.014   1.898   1.00 10.42 ? 136 HOH E O   1 
HETATM 1584 O O   . HOH C 3 .   ? -15.371 11.876  -1.110  1.00 18.39 ? 137 HOH E O   1 
HETATM 1585 O O   . HOH C 3 .   ? -12.451 -8.433  9.356   1.00 14.40 ? 138 HOH E O   1 
HETATM 1586 O O   . HOH C 3 .   ? -6.821  -4.500  20.082  1.00 14.68 ? 139 HOH E O   1 
HETATM 1587 O O   . HOH C 3 .   ? -3.688  3.835   -6.954  1.00 13.37 ? 140 HOH E O   1 
HETATM 1588 O O   . HOH C 3 .   ? -10.337 8.956   -5.196  1.00 17.54 ? 141 HOH E O   1 
HETATM 1589 O O   . HOH C 3 .   ? 1.780   4.112   9.558   1.00 19.66 ? 142 HOH E O   1 
HETATM 1590 O O   . HOH C 3 .   ? -3.441  -6.779  17.979  1.00 20.26 ? 143 HOH E O   1 
HETATM 1591 O O   . HOH C 3 .   ? 5.274   8.793   13.060  1.00 38.42 ? 144 HOH E O   1 
HETATM 1592 O O   . HOH C 3 .   ? -16.657 -2.297  11.410  1.00 22.53 ? 145 HOH E O   1 
HETATM 1593 O O   . HOH C 3 .   ? -8.405  5.423   15.551  1.00 25.21 ? 146 HOH E O   1 
HETATM 1594 O O   . HOH C 3 .   ? -18.638 -3.197  4.829   1.00 32.03 ? 147 HOH E O   1 
HETATM 1595 O O   . HOH C 3 .   ? -11.445 0.588   19.628  1.00 27.70 ? 148 HOH E O   1 
HETATM 1596 O O   . HOH C 3 .   ? 0.241   -0.470  5.465   1.00 36.17 ? 149 HOH E O   1 
HETATM 1597 O O   . HOH C 3 .   ? -17.377 -4.582  6.666   1.00 32.73 ? 150 HOH E O   1 
HETATM 1598 O O   . HOH C 3 .   ? -14.080 11.111  16.223  1.00 33.56 ? 151 HOH E O   1 
HETATM 1599 O O   . HOH C 3 .   ? 2.750   15.201  0.523   1.00 33.22 ? 152 HOH E O   1 
HETATM 1600 O O   . HOH C 3 .   ? -18.504 0.761   0.693   1.00 43.23 ? 153 HOH E O   1 
HETATM 1601 O O   . HOH C 3 .   ? -9.347  7.340   -14.166 1.00 39.37 ? 154 HOH E O   1 
HETATM 1602 O O   . HOH C 3 .   ? -11.966 15.518  -6.498  1.00 53.45 ? 155 HOH E O   1 
HETATM 1603 O O   . HOH C 3 .   ? 5.400   12.928  2.419   1.00 38.75 ? 156 HOH E O   1 
HETATM 1604 O O   . HOH C 3 .   ? -3.823  -1.276  4.581   1.00 41.97 ? 157 HOH E O   1 
HETATM 1605 O O   . HOH C 3 .   ? 3.660   16.402  3.495   1.00 47.38 ? 158 HOH E O   1 
HETATM 1606 O O   . HOH C 3 .   ? 9.316   7.366   2.885   1.00 25.09 ? 159 HOH E O   1 
HETATM 1607 O O   . HOH C 3 .   ? -16.321 4.290   -10.751 1.00 31.91 ? 160 HOH E O   1 
HETATM 1608 O O   . HOH C 3 .   ? -13.695 2.193   -10.617 1.00 35.63 ? 161 HOH E O   1 
HETATM 1609 O O   . HOH C 3 .   ? 8.273   8.842   8.167   1.00 51.73 ? 162 HOH E O   1 
HETATM 1610 O O   . HOH C 3 .   ? -8.500  16.129  -3.375  1.00 55.41 ? 163 HOH E O   1 
HETATM 1611 O O   . HOH C 3 .   ? -1.923  -11.221 13.356  1.00 23.46 ? 164 HOH E O   1 
HETATM 1612 O O   . HOH C 3 .   ? -9.144  17.748  -1.569  1.00 53.09 ? 165 HOH E O   1 
HETATM 1613 O O   . HOH C 3 .   ? -14.290 4.370   16.153  1.00 35.74 ? 166 HOH E O   1 
HETATM 1614 O O   . HOH C 3 .   ? -14.017 -2.185  14.155  1.00 29.68 ? 167 HOH E O   1 
HETATM 1615 O O   . HOH C 3 .   ? -18.216 -2.713  1.004   1.00 39.86 ? 168 HOH E O   1 
HETATM 1616 O O   . HOH C 3 .   ? -17.429 2.868   -0.060  1.00 34.69 ? 169 HOH E O   1 
HETATM 1617 O O   . HOH C 3 .   ? -1.781  -12.946 5.050   1.00 25.51 ? 170 HOH E O   1 
HETATM 1618 O O   . HOH D 3 .   ? -2.793  -10.698 6.747   1.00 12.72 ? 109 HOH I O   1 
HETATM 1619 O O   . HOH D 3 .   ? 23.560  0.873   12.076  1.00 15.12 ? 110 HOH I O   1 
HETATM 1620 O O   . HOH D 3 .   ? 14.719  -4.323  -2.983  1.00 17.59 ? 111 HOH I O   1 
HETATM 1621 O O   . HOH D 3 .   ? -10.207 -6.231  -2.319  1.00 17.06 ? 112 HOH I O   1 
HETATM 1622 O O   . HOH D 3 .   ? 2.909   9.375   -13.274 1.00 15.81 ? 113 HOH I O   1 
HETATM 1623 O O   . HOH D 3 .   ? -1.219  0.634   2.920   1.00 17.78 ? 114 HOH I O   1 
HETATM 1624 O O   . HOH D 3 .   ? 15.960  2.886   -1.677  1.00 18.60 ? 115 HOH I O   1 
HETATM 1625 O O   . HOH D 3 .   ? 20.083  5.361   5.601   1.00 16.88 ? 116 HOH I O   1 
HETATM 1626 O O   . HOH D 3 .   ? 7.430   -12.606 2.933   1.00 17.35 ? 117 HOH I O   1 
HETATM 1627 O O   . HOH D 3 .   ? 24.331  -1.778  5.112   1.00 34.96 ? 118 HOH I O   1 
HETATM 1628 O O   . HOH D 3 .   ? -4.658  -10.294 -12.369 1.00 18.81 ? 119 HOH I O   1 
HETATM 1629 O O   . HOH D 3 .   ? 18.847  3.557   -2.445  1.00 30.98 ? 120 HOH I O   1 
HETATM 1630 O O   . HOH D 3 .   ? 20.890  0.209   10.609  1.00 22.94 ? 121 HOH I O   1 
HETATM 1631 O O   . HOH D 3 .   ? 24.070  1.102   4.485   1.00 22.07 ? 122 HOH I O   1 
HETATM 1632 O O   . HOH D 3 .   ? -7.417  -5.674  7.857   1.00 22.55 ? 123 HOH I O   1 
HETATM 1633 O O   . HOH D 3 .   ? 24.218  -10.865 -0.246  1.00 60.40 ? 124 HOH I O   1 
HETATM 1634 O O   . HOH D 3 .   ? -6.149  -3.468  -17.892 1.00 20.61 ? 125 HOH I O   1 
HETATM 1635 O O   . HOH D 3 .   ? 2.669   0.585   -8.035  1.00 8.90  ? 126 HOH I O   1 
HETATM 1636 O O   . HOH D 3 .   ? -2.803  1.650   -13.113 1.00 10.75 ? 127 HOH I O   1 
HETATM 1637 O O   . HOH D 3 .   ? 0.907   -7.598  -0.458  1.00 12.17 ? 128 HOH I O   1 
HETATM 1638 O O   . HOH D 3 .   ? -11.326 -5.169  0.257   1.00 12.80 ? 129 HOH I O   1 
HETATM 1639 O O   . HOH D 3 .   ? -3.188  -4.198  0.767   1.00 13.89 ? 130 HOH I O   1 
HETATM 1640 O O   . HOH D 3 .   ? 1.994   -4.379  6.902   1.00 9.77  ? 131 HOH I O   1 
HETATM 1641 O O   . HOH D 3 .   ? 2.121   0.133   -1.785  1.00 12.57 ? 132 HOH I O   1 
HETATM 1642 O O   . HOH D 3 .   ? 1.868   -18.476 -5.673  1.00 14.19 ? 133 HOH I O   1 
HETATM 1643 O O   . HOH D 3 .   ? 2.801   7.297   -9.079  1.00 13.09 ? 134 HOH I O   1 
HETATM 1644 O O   . HOH D 3 .   ? 21.518  1.191   -2.655  1.00 14.52 ? 135 HOH I O   1 
HETATM 1645 O O   . HOH D 3 .   ? -10.701 2.368   -12.489 1.00 32.71 ? 136 HOH I O   1 
HETATM 1646 O O   . HOH D 3 .   ? 7.958   5.772   -10.023 1.00 26.88 ? 137 HOH I O   1 
HETATM 1647 O O   . HOH D 3 .   ? 16.029  11.143  -15.356 1.00 57.28 ? 138 HOH I O   1 
HETATM 1648 O O   . HOH D 3 .   ? -0.480  3.743   -20.527 1.00 30.45 ? 139 HOH I O   1 
HETATM 1649 O O   . HOH D 3 .   ? -8.872  -1.703  -18.438 1.00 35.57 ? 140 HOH I O   1 
HETATM 1650 O O   . HOH D 3 .   ? 9.434   6.793   -1.315  1.00 34.79 ? 141 HOH I O   1 
HETATM 1651 O O   . HOH D 3 .   ? -16.624 -3.749  -3.729  1.00 30.18 ? 142 HOH I O   1 
HETATM 1652 O O   . HOH D 3 .   ? 15.921  4.684   8.148   1.00 29.10 ? 143 HOH I O   1 
HETATM 1653 O O   . HOH D 3 .   ? -3.583  -10.337 -14.821 1.00 30.55 ? 144 HOH I O   1 
HETATM 1654 O O   . HOH D 3 .   ? -0.350  -17.781 1.066   1.00 35.10 ? 145 HOH I O   1 
HETATM 1655 O O   . HOH D 3 .   ? -1.487  -16.320 4.143   1.00 49.71 ? 146 HOH I O   1 
HETATM 1656 O O   . HOH D 3 .   ? 22.384  -3.960  -11.172 1.00 32.81 ? 147 HOH I O   1 
HETATM 1657 O O   . HOH D 3 .   ? 23.181  -3.564  -2.004  1.00 36.78 ? 148 HOH I O   1 
HETATM 1658 O O   . HOH D 3 .   ? -9.725  16.361  -17.356 1.00 54.25 ? 149 HOH I O   1 
HETATM 1659 O O   . HOH D 3 .   ? -1.797  14.481  -12.495 1.00 52.28 ? 150 HOH I O   1 
HETATM 1660 O O   . HOH D 3 .   ? 1.244   -3.560  -19.670 1.00 33.28 ? 151 HOH I O   1 
HETATM 1661 O O   . HOH D 3 .   ? 23.786  -3.983  12.992  1.00 48.73 ? 152 HOH I O   1 
HETATM 1662 O O   . HOH D 3 .   ? 15.757  5.949   12.254  1.00 51.68 ? 153 HOH I O   1 
HETATM 1663 O O   . HOH D 3 .   ? 17.753  -13.369 1.247   1.00 41.41 ? 154 HOH I O   1 
HETATM 1664 O O   . HOH D 3 .   ? 21.064  -5.919  -5.023  1.00 41.38 ? 155 HOH I O   1 
HETATM 1665 O O   . HOH D 3 .   ? -2.473  -12.650 2.099   1.00 39.62 ? 156 HOH I O   1 
# 
